data_6MDS
#
_entry.id   6MDS
#
_cell.length_a   89.378
_cell.length_b   105.514
_cell.length_c   259.768
_cell.angle_alpha   90.000
_cell.angle_beta   90.000
_cell.angle_gamma   90.000
#
_symmetry.space_group_name_H-M   'P 21 21 21'
#
loop_
_entity.id
_entity.type
_entity.pdbx_description
1 polymer Endo-beta-N-acetylglucosaminidase
2 branched beta-D-galactopyranose-(1-4)-2-acetamido-2-deoxy-beta-D-glucopyranose-(1-2)-alpha-D-mannopyranose-(1-3)-[beta-D-galactopyranose-(1-4)-2-acetamido-2-deoxy-beta-D-glucopyranose-(1-2)-alpha-D-mannopyranose-(1-6)]beta-D-mannopyranose-(1-4)-2-acetamido-2-deoxy-beta-D-glucopyranose
3 non-polymer 'CALCIUM ION'
4 water water
#
_entity_poly.entity_id   1
_entity_poly.type   'polypeptide(L)'
_entity_poly.pdbx_seq_one_letter_code
;MGKTDQQVGAKLVQEIREGKRGPLYAGYFRTWHDRASTGIDGKQQHPENTMAEVPKEVDILFVFHDHTASDSPFWSELKD
SYVHKLHQQGTALVQTIGVNELNGRTGLSKDYPDTPEGNKALAAAIVKAFVTDRGVDGLDIDIEHEFTNKRTPEEDARAL
NVFKEIAQLIGKNGSDKSKLLIMDTTLSVENNPIFKGIAEDLDYLLRQYYGSQGGEAEVDTINSDWNQYQNYIDASQFMI
GFSFFEESASKGNLWFDVNEYDPNNPEKGKDIEGTRAKKYAEWQPSTGGLKAGIFSYAIDRDGVAHVPSTYKNRTSTNLQ
RHEVDNISHTDYTVSRKLKTLMTEDKRYDVIDQKDIPDPALREQIIQQVGQYKGDLERYNKTLVLTGDKIQNLKGLEKLS
KLQKLELRQLSNVKEITPELLPESMKKDAELVMVGMTGLEKLNLSGLNRQTLDGIDVNSITHLTSFDISHNSLDLSEKSE
DRKLLMTLMEQVSNHQKITVKNTAFENQKPKGYYPQTYDTKEGHYDVDNAEHDILTDFVFGTVTKRNTFIGDEEAFAIYK
EGAVDGRQYVSKDYTYEAFRKDYKGYKVHLTASNLGETVTSKVTATTDETYLVDVSDGEKVVHHMKLNIGSGAIMMENLA
KGAKVIGTSGDFEQAKKIFDGEKSDRFFTWGQTNWIAFDLGEINLAKEWRLFNAETNTEIKTDSSLNVAKGRLQILKDTT
IDLEKMDIKNRKEYLSNDENWTDVAQMDDAKAIFNSKLSNVLSRYWRFCVDGGASSYYPQYTELQILGQRLSNDVANTLK
DL
;
_entity_poly.pdbx_strand_id   A,B
#
# COMPACT_ATOMS: atom_id res chain seq x y z
N THR A 4 46.74 17.64 38.59
CA THR A 4 47.22 18.23 37.35
C THR A 4 46.24 18.00 36.20
N ASP A 5 46.11 18.97 35.31
CA ASP A 5 45.14 18.81 34.23
C ASP A 5 45.62 17.84 33.14
N GLN A 6 46.91 17.54 33.07
CA GLN A 6 47.33 16.53 32.11
C GLN A 6 47.16 15.12 32.65
N GLN A 7 47.12 14.95 33.98
CA GLN A 7 46.89 13.63 34.54
C GLN A 7 45.42 13.27 34.58
N VAL A 8 44.54 14.27 34.73
CA VAL A 8 43.11 14.03 34.58
C VAL A 8 42.81 13.53 33.18
N GLY A 9 43.36 14.23 32.17
CA GLY A 9 43.15 13.83 30.79
C GLY A 9 43.74 12.47 30.47
N ALA A 10 44.94 12.20 30.99
CA ALA A 10 45.56 10.88 30.75
C ALA A 10 44.69 9.76 31.29
N LYS A 11 44.03 9.98 32.42
CA LYS A 11 43.25 8.95 33.08
C LYS A 11 41.88 8.78 32.45
N LEU A 12 41.29 9.86 31.93
CA LEU A 12 40.07 9.74 31.15
C LEU A 12 40.28 8.89 29.91
N VAL A 13 41.39 9.13 29.20
CA VAL A 13 41.70 8.42 27.98
C VAL A 13 41.90 6.95 28.29
N GLN A 14 42.55 6.66 29.42
CA GLN A 14 42.72 5.27 29.79
C GLN A 14 41.40 4.63 30.19
N GLU A 15 40.46 5.37 30.77
CA GLU A 15 39.22 4.67 31.11
C GLU A 15 38.33 4.50 29.88
N ILE A 16 38.42 5.42 28.91
CA ILE A 16 37.78 5.20 27.61
C ILE A 16 38.42 4.03 26.88
N ARG A 17 39.75 4.02 26.77
CA ARG A 17 40.40 3.01 25.95
C ARG A 17 40.20 1.61 26.52
N GLU A 18 39.97 1.48 27.83
CA GLU A 18 39.72 0.18 28.44
C GLU A 18 38.24 -0.13 28.57
N GLY A 19 37.37 0.60 27.88
CA GLY A 19 35.97 0.23 27.88
C GLY A 19 35.26 0.31 29.22
N LYS A 20 35.56 1.31 30.03
CA LYS A 20 34.92 1.47 31.33
C LYS A 20 33.64 2.32 31.27
N ARG A 21 33.20 2.78 30.08
CA ARG A 21 32.11 3.75 29.95
C ARG A 21 30.81 3.20 29.40
N GLY A 22 30.73 1.90 29.11
CA GLY A 22 29.58 1.40 28.41
C GLY A 22 29.51 2.01 27.03
N PRO A 23 28.30 2.09 26.47
CA PRO A 23 28.15 2.72 25.16
C PRO A 23 28.50 4.21 25.22
N LEU A 24 29.29 4.66 24.25
CA LEU A 24 29.79 6.03 24.17
C LEU A 24 28.88 6.89 23.31
N TYR A 25 28.92 8.18 23.59
CA TYR A 25 28.27 9.18 22.75
C TYR A 25 29.26 10.30 22.51
N ALA A 26 29.46 10.64 21.26
CA ALA A 26 30.42 11.66 20.85
C ALA A 26 29.67 12.70 20.03
N GLY A 27 30.25 13.90 19.96
CA GLY A 27 29.66 14.93 19.14
C GLY A 27 30.72 15.82 18.53
N TYR A 28 30.50 16.22 17.28
CA TYR A 28 31.36 17.16 16.59
C TYR A 28 30.83 18.57 16.82
N PHE A 29 31.62 19.41 17.49
CA PHE A 29 31.23 20.79 17.77
C PHE A 29 31.94 21.72 16.77
N ARG A 30 31.16 22.49 16.02
CA ARG A 30 31.69 23.37 14.98
C ARG A 30 32.28 24.64 15.63
N THR A 31 33.60 24.84 15.50
CA THR A 31 34.30 25.88 16.26
C THR A 31 33.69 27.25 16.05
N TRP A 32 33.22 27.55 14.85
CA TRP A 32 32.70 28.86 14.59
C TRP A 32 31.37 29.09 15.27
N HIS A 33 30.81 28.09 15.94
CA HIS A 33 29.62 28.28 16.75
C HIS A 33 29.91 28.30 18.26
N ASP A 34 31.17 28.40 18.65
CA ASP A 34 31.52 28.78 20.01
C ASP A 34 31.52 30.30 20.11
N ARG A 35 31.05 30.84 21.23
CA ARG A 35 30.94 32.29 21.33
C ARG A 35 32.31 32.98 21.36
N ALA A 36 33.37 32.29 21.77
CA ALA A 36 34.71 32.85 21.75
C ALA A 36 35.33 32.92 20.35
N SER A 37 34.62 32.46 19.32
CA SER A 37 35.20 32.34 17.99
C SER A 37 35.10 33.64 17.20
N THR A 38 36.19 33.98 16.51
CA THR A 38 36.24 35.18 15.69
C THR A 38 36.80 34.85 14.32
N GLY A 39 36.26 35.50 13.30
CA GLY A 39 36.72 35.33 11.95
C GLY A 39 37.98 36.10 11.62
N ILE A 40 38.30 36.12 10.32
CA ILE A 40 39.45 36.84 9.78
C ILE A 40 39.39 38.32 10.03
N ASP A 41 38.20 38.89 10.07
CA ASP A 41 38.05 40.30 10.38
C ASP A 41 38.01 40.58 11.88
N GLY A 42 38.19 39.58 12.73
CA GLY A 42 38.28 39.80 14.16
C GLY A 42 36.96 39.98 14.87
N LYS A 43 35.83 39.83 14.16
CA LYS A 43 34.49 39.96 14.72
C LYS A 43 33.95 38.61 15.18
N GLN A 44 33.08 38.66 16.20
CA GLN A 44 32.49 37.45 16.73
C GLN A 44 31.55 36.85 15.71
N GLN A 45 31.54 35.53 15.62
CA GLN A 45 30.71 34.85 14.63
C GLN A 45 29.34 34.49 15.20
N HIS A 46 29.31 33.82 16.33
CA HIS A 46 28.02 33.45 16.91
C HIS A 46 28.10 33.43 18.43
N PRO A 47 27.32 34.26 19.12
CA PRO A 47 27.37 34.28 20.59
C PRO A 47 26.48 33.24 21.29
N GLU A 48 25.67 32.46 20.56
CA GLU A 48 24.61 31.71 21.22
C GLU A 48 25.09 30.47 21.97
N ASN A 49 26.21 29.86 21.59
CA ASN A 49 26.55 28.59 22.20
C ASN A 49 28.00 28.56 22.67
N THR A 50 28.33 27.54 23.45
CA THR A 50 29.71 27.37 23.87
C THR A 50 29.94 25.91 24.23
N MET A 51 31.15 25.42 23.89
CA MET A 51 31.56 24.08 24.25
C MET A 51 31.47 23.84 25.75
N ALA A 52 31.68 24.89 26.55
CA ALA A 52 31.70 24.77 28.00
C ALA A 52 30.45 24.11 28.55
N GLU A 53 29.33 24.15 27.79
CA GLU A 53 28.04 23.69 28.28
C GLU A 53 27.67 22.31 27.76
N VAL A 54 28.57 21.66 27.03
CA VAL A 54 28.40 20.29 26.56
C VAL A 54 28.25 19.39 27.79
N PRO A 55 27.15 18.65 27.91
CA PRO A 55 26.90 17.89 29.14
C PRO A 55 27.77 16.64 29.29
N LYS A 56 27.77 16.14 30.53
CA LYS A 56 28.52 14.95 30.86
C LYS A 56 28.14 13.72 30.02
N GLU A 57 26.93 13.68 29.44
CA GLU A 57 26.52 12.57 28.58
C GLU A 57 27.35 12.47 27.30
N VAL A 58 28.06 13.54 26.92
CA VAL A 58 28.98 13.49 25.80
C VAL A 58 30.31 12.97 26.31
N ASP A 59 30.65 11.73 25.92
CA ASP A 59 31.90 11.12 26.37
C ASP A 59 33.12 11.74 25.69
N ILE A 60 33.07 11.95 24.37
CA ILE A 60 34.15 12.59 23.61
C ILE A 60 33.57 13.75 22.80
N LEU A 61 34.24 14.90 22.84
CA LEU A 61 33.85 16.08 22.08
C LEU A 61 34.93 16.40 21.05
N PHE A 62 34.54 16.39 19.77
CA PHE A 62 35.49 16.61 18.69
C PHE A 62 35.47 18.08 18.32
N VAL A 63 36.63 18.72 18.44
CA VAL A 63 36.80 20.09 17.94
C VAL A 63 36.80 20.03 16.42
N PHE A 64 35.73 20.44 15.78
CA PHE A 64 35.67 20.46 14.32
C PHE A 64 35.86 21.89 13.82
N HIS A 65 37.04 22.18 13.26
CA HIS A 65 37.50 23.55 13.02
C HIS A 65 37.22 24.01 11.59
N ASP A 66 36.59 25.18 11.46
CA ASP A 66 36.62 25.94 10.22
C ASP A 66 36.17 27.36 10.52
N HIS A 67 36.52 28.28 9.63
CA HIS A 67 36.10 29.69 9.67
C HIS A 67 36.65 30.45 10.87
N THR A 68 37.05 29.75 11.92
CA THR A 68 37.64 30.39 13.09
C THR A 68 39.07 30.79 12.74
N ALA A 69 39.36 32.08 12.80
CA ALA A 69 40.69 32.55 12.43
C ALA A 69 41.76 32.05 13.40
N SER A 70 43.00 32.07 12.93
CA SER A 70 44.10 31.51 13.73
C SER A 70 44.45 32.38 14.93
N ASP A 71 44.20 33.70 14.88
CA ASP A 71 44.46 34.55 16.03
C ASP A 71 43.22 34.71 16.93
N SER A 72 42.22 33.84 16.80
CA SER A 72 40.97 34.02 17.51
C SER A 72 41.16 33.79 19.00
N PRO A 73 40.38 34.48 19.85
CA PRO A 73 40.40 34.16 21.28
C PRO A 73 39.96 32.74 21.58
N PHE A 74 39.26 32.09 20.65
CA PHE A 74 38.76 30.74 20.85
C PHE A 74 39.87 29.77 21.29
N TRP A 75 41.06 29.89 20.69
CA TRP A 75 42.10 28.87 20.86
C TRP A 75 42.70 28.88 22.27
N SER A 76 42.93 30.07 22.83
CA SER A 76 43.41 30.10 24.20
C SER A 76 42.27 29.83 25.18
N GLU A 77 41.04 30.19 24.81
CA GLU A 77 39.88 29.84 25.61
C GLU A 77 39.70 28.34 25.71
N LEU A 78 39.83 27.64 24.57
CA LEU A 78 39.77 26.18 24.59
C LEU A 78 40.87 25.61 25.48
N LYS A 79 42.09 26.11 25.31
CA LYS A 79 43.22 25.47 25.95
C LYS A 79 43.17 25.64 27.47
N ASP A 80 42.84 26.85 27.96
CA ASP A 80 42.98 27.15 29.38
C ASP A 80 41.65 27.18 30.12
N SER A 81 40.55 26.86 29.47
CA SER A 81 39.26 26.94 30.13
C SER A 81 38.35 25.80 29.73
N TYR A 82 38.11 25.60 28.43
CA TYR A 82 37.20 24.54 28.03
C TYR A 82 37.74 23.15 28.41
N VAL A 83 39.02 22.88 28.14
CA VAL A 83 39.58 21.55 28.46
C VAL A 83 39.39 21.24 29.95
N HIS A 84 39.53 22.25 30.81
CA HIS A 84 39.50 21.97 32.25
C HIS A 84 38.05 21.76 32.72
N LYS A 85 37.12 22.55 32.21
CA LYS A 85 35.72 22.37 32.59
C LYS A 85 35.18 21.04 32.07
N LEU A 86 35.57 20.63 30.87
CA LEU A 86 35.05 19.39 30.33
C LEU A 86 35.69 18.16 30.96
N HIS A 87 36.98 18.24 31.33
CA HIS A 87 37.61 17.10 32.02
C HIS A 87 36.97 16.81 33.37
N GLN A 88 36.50 17.85 34.07
CA GLN A 88 35.93 17.67 35.40
C GLN A 88 34.69 16.80 35.36
N GLN A 89 33.89 16.87 34.31
CA GLN A 89 32.73 16.00 34.19
C GLN A 89 33.05 14.72 33.44
N GLY A 90 34.30 14.50 33.06
CA GLY A 90 34.65 13.27 32.38
C GLY A 90 34.51 13.30 30.89
N THR A 91 34.55 14.46 30.26
CA THR A 91 34.53 14.59 28.80
C THR A 91 35.94 14.86 28.27
N ALA A 92 36.38 14.05 27.29
CA ALA A 92 37.64 14.23 26.60
C ALA A 92 37.47 15.13 25.37
N LEU A 93 38.51 15.90 25.03
CA LEU A 93 38.56 16.73 23.82
C LEU A 93 39.46 16.08 22.77
N VAL A 94 38.98 15.98 21.54
CA VAL A 94 39.78 15.44 20.44
C VAL A 94 39.80 16.45 19.31
N GLN A 95 40.99 16.71 18.74
CA GLN A 95 41.11 17.57 17.55
C GLN A 95 40.91 16.79 16.25
N THR A 96 40.12 17.35 15.36
CA THR A 96 39.87 16.77 14.04
C THR A 96 40.61 17.59 12.99
N ILE A 97 41.36 16.88 12.13
CA ILE A 97 42.03 17.45 10.97
C ILE A 97 41.72 16.58 9.77
N GLY A 98 41.69 17.20 8.59
CA GLY A 98 41.48 16.45 7.37
C GLY A 98 42.73 15.76 6.85
N VAL A 99 42.50 14.76 6.00
CA VAL A 99 43.62 13.98 5.47
C VAL A 99 44.56 14.84 4.63
N ASN A 100 44.08 15.94 4.06
CA ASN A 100 44.96 16.77 3.25
C ASN A 100 46.12 17.36 4.05
N GLU A 101 46.01 17.38 5.37
CA GLU A 101 47.13 17.87 6.16
C GLU A 101 48.23 16.82 6.31
N LEU A 102 48.05 15.62 5.77
CA LEU A 102 49.06 14.58 5.80
C LEU A 102 49.66 14.24 4.43
N ASN A 103 49.01 14.62 3.32
CA ASN A 103 49.37 14.07 2.02
C ASN A 103 50.00 15.07 1.06
N GLY A 104 50.38 16.26 1.52
CA GLY A 104 51.01 17.26 0.68
C GLY A 104 50.12 18.41 0.27
N ARG A 105 48.81 18.25 0.33
CA ARG A 105 47.92 19.26 -0.24
C ARG A 105 47.76 20.52 0.62
N THR A 106 47.88 20.45 1.94
CA THR A 106 47.57 21.61 2.79
C THR A 106 48.53 21.67 3.97
N GLY A 107 48.54 22.86 4.61
CA GLY A 107 49.13 23.05 5.93
C GLY A 107 50.59 22.67 6.01
N LEU A 108 50.98 22.12 7.17
CA LEU A 108 52.36 21.70 7.41
C LEU A 108 52.82 20.61 6.45
N SER A 109 51.89 19.92 5.81
CA SER A 109 52.23 18.95 4.79
C SER A 109 53.02 19.58 3.65
N LYS A 110 52.66 20.80 3.24
CA LYS A 110 53.35 21.45 2.12
C LYS A 110 54.80 21.83 2.44
N ASP A 111 55.21 21.85 3.72
CA ASP A 111 56.55 22.26 4.13
C ASP A 111 57.50 21.09 4.41
N TYR A 112 57.09 19.86 4.12
CA TYR A 112 58.00 18.74 4.43
C TYR A 112 58.09 17.80 3.25
N PRO A 113 59.29 17.33 2.95
CA PRO A 113 59.46 16.37 1.85
C PRO A 113 58.78 15.02 2.13
N ASP A 114 58.42 14.35 1.03
CA ASP A 114 57.87 12.99 1.07
C ASP A 114 59.02 11.98 1.09
N THR A 115 59.71 11.95 2.22
CA THR A 115 60.77 11.01 2.52
C THR A 115 60.55 10.42 3.89
N PRO A 116 61.20 9.26 4.21
CA PRO A 116 61.11 8.71 5.59
C PRO A 116 61.39 9.73 6.69
N GLU A 117 62.56 10.37 6.69
CA GLU A 117 62.82 11.38 7.72
C GLU A 117 61.91 12.59 7.55
N GLY A 118 61.45 12.85 6.33
CA GLY A 118 60.56 13.99 6.11
C GLY A 118 59.18 13.76 6.70
N ASN A 119 58.60 12.58 6.47
CA ASN A 119 57.27 12.32 6.98
C ASN A 119 57.29 12.11 8.49
N LYS A 120 58.38 11.59 9.03
CA LYS A 120 58.54 11.48 10.48
C LYS A 120 58.65 12.85 11.14
N ALA A 121 59.26 13.83 10.49
CA ALA A 121 59.29 15.17 11.05
C ALA A 121 57.93 15.83 10.94
N LEU A 122 57.23 15.57 9.83
CA LEU A 122 55.87 16.06 9.66
C LEU A 122 54.96 15.53 10.76
N ALA A 123 55.05 14.23 11.06
CA ALA A 123 54.18 13.66 12.07
C ALA A 123 54.32 14.38 13.42
N ALA A 124 55.57 14.62 13.84
CA ALA A 124 55.80 15.30 15.11
C ALA A 124 55.29 16.73 15.06
N ALA A 125 55.34 17.37 13.88
CA ALA A 125 54.85 18.74 13.71
C ALA A 125 53.33 18.81 13.78
N ILE A 126 52.66 17.78 13.30
CA ILE A 126 51.20 17.69 13.43
C ILE A 126 50.81 17.43 14.87
N VAL A 127 51.52 16.56 15.57
CA VAL A 127 51.16 16.29 16.95
C VAL A 127 51.46 17.52 17.82
N LYS A 128 52.49 18.30 17.49
CA LYS A 128 52.75 19.47 18.29
C LYS A 128 51.84 20.64 17.96
N ALA A 129 51.40 20.76 16.71
CA ALA A 129 50.57 21.88 16.30
C ALA A 129 49.10 21.66 16.64
N PHE A 130 48.62 20.42 16.48
CA PHE A 130 47.20 20.12 16.62
C PHE A 130 46.83 19.42 17.94
N VAL A 131 47.77 18.83 18.68
CA VAL A 131 47.44 18.19 19.96
C VAL A 131 48.07 18.93 21.14
N THR A 132 49.40 18.94 21.21
CA THR A 132 50.10 19.56 22.33
C THR A 132 49.74 21.05 22.46
N ASP A 133 49.82 21.81 21.37
CA ASP A 133 49.63 23.27 21.46
C ASP A 133 48.17 23.68 21.64
N ARG A 134 47.22 22.82 21.31
CA ARG A 134 45.84 23.20 21.54
C ARG A 134 45.27 22.63 22.82
N GLY A 135 46.05 21.84 23.57
CA GLY A 135 45.64 21.35 24.87
C GLY A 135 44.75 20.11 24.88
N VAL A 136 44.48 19.47 23.75
CA VAL A 136 43.43 18.46 23.72
C VAL A 136 43.92 17.04 24.03
N ASP A 137 43.03 16.04 23.90
CA ASP A 137 43.33 14.69 24.38
C ASP A 137 43.50 13.66 23.27
N GLY A 138 43.68 14.08 22.02
CA GLY A 138 43.96 13.16 20.94
C GLY A 138 43.62 13.75 19.60
N LEU A 139 43.82 12.94 18.56
CA LEU A 139 43.74 13.40 17.18
C LEU A 139 42.80 12.52 16.36
N ASP A 140 41.99 13.16 15.53
CA ASP A 140 41.00 12.49 14.69
C ASP A 140 41.24 12.90 13.22
N ILE A 141 41.60 11.92 12.39
CA ILE A 141 41.91 12.14 10.98
C ILE A 141 40.67 11.90 10.13
N ASP A 142 40.25 12.93 9.41
CA ASP A 142 39.03 12.92 8.62
C ASP A 142 39.36 12.52 7.18
N ILE A 143 38.83 11.37 6.72
CA ILE A 143 39.19 10.78 5.42
C ILE A 143 37.94 10.56 4.61
N GLU A 144 37.69 11.43 3.64
CA GLU A 144 36.43 11.41 2.94
C GLU A 144 36.63 11.15 1.45
N HIS A 145 35.50 10.97 0.79
CA HIS A 145 35.54 10.78 -0.65
C HIS A 145 35.76 12.15 -1.27
N GLU A 146 36.78 12.27 -2.11
CA GLU A 146 37.08 13.56 -2.74
C GLU A 146 36.51 13.57 -4.15
N PHE A 147 35.24 13.97 -4.27
CA PHE A 147 34.60 14.10 -5.56
C PHE A 147 34.85 15.54 -6.03
N THR A 148 36.00 15.72 -6.67
CA THR A 148 36.37 16.88 -7.49
C THR A 148 37.76 16.68 -8.06
N ASN A 149 38.73 16.30 -7.23
CA ASN A 149 40.08 15.97 -7.70
C ASN A 149 40.62 14.82 -6.84
N LYS A 150 40.42 13.58 -7.31
CA LYS A 150 40.74 12.38 -6.53
C LYS A 150 42.17 12.42 -6.02
N ARG A 151 42.41 11.73 -4.92
CA ARG A 151 43.76 11.65 -4.38
C ARG A 151 44.54 10.61 -5.16
N THR A 152 45.77 10.94 -5.53
CA THR A 152 46.59 9.99 -6.27
C THR A 152 47.04 8.85 -5.37
N PRO A 153 47.49 7.75 -5.97
CA PRO A 153 48.06 6.66 -5.17
C PRO A 153 49.25 7.12 -4.36
N GLU A 154 49.99 8.12 -4.83
CA GLU A 154 51.15 8.57 -4.09
C GLU A 154 50.74 9.41 -2.88
N GLU A 155 49.61 10.12 -2.97
CA GLU A 155 49.13 10.93 -1.85
C GLU A 155 48.54 10.08 -0.74
N ASP A 156 47.77 9.06 -1.09
CA ASP A 156 47.27 8.14 -0.09
C ASP A 156 48.40 7.33 0.52
N ALA A 157 49.42 6.99 -0.26
CA ALA A 157 50.58 6.35 0.32
C ALA A 157 51.28 7.25 1.34
N ARG A 158 51.40 8.56 1.06
CA ARG A 158 52.05 9.44 2.02
C ARG A 158 51.21 9.62 3.28
N ALA A 159 49.91 9.89 3.12
CA ALA A 159 49.03 10.03 4.27
C ALA A 159 49.11 8.79 5.16
N LEU A 160 49.26 7.61 4.58
CA LEU A 160 49.29 6.45 5.44
C LEU A 160 50.63 6.30 6.14
N ASN A 161 51.73 6.71 5.50
CA ASN A 161 53.03 6.69 6.18
C ASN A 161 53.10 7.75 7.26
N VAL A 162 52.53 8.93 7.03
CA VAL A 162 52.49 9.95 8.09
C VAL A 162 51.62 9.48 9.24
N PHE A 163 50.47 8.87 8.93
CA PHE A 163 49.57 8.38 9.98
C PHE A 163 50.26 7.37 10.89
N LYS A 164 51.12 6.51 10.33
CA LYS A 164 51.81 5.50 11.13
C LYS A 164 52.88 6.12 11.97
N GLU A 165 53.54 7.17 11.45
CA GLU A 165 54.47 7.90 12.28
C GLU A 165 53.74 8.62 13.42
N ILE A 166 52.55 9.16 13.17
CA ILE A 166 51.76 9.75 14.24
C ILE A 166 51.39 8.70 15.27
N ALA A 167 50.95 7.53 14.80
CA ALA A 167 50.59 6.45 15.71
C ALA A 167 51.77 5.92 16.51
N GLN A 168 53.01 6.23 16.12
CA GLN A 168 54.16 5.87 16.94
C GLN A 168 54.41 6.89 18.02
N LEU A 169 53.82 8.09 17.91
CA LEU A 169 53.94 9.14 18.92
C LEU A 169 52.80 9.13 19.93
N ILE A 170 51.55 9.03 19.46
CA ILE A 170 50.40 9.04 20.34
C ILE A 170 49.56 7.80 20.10
N GLY A 171 48.72 7.48 21.07
CA GLY A 171 47.76 6.41 20.92
C GLY A 171 48.23 5.12 21.53
N LYS A 172 47.44 4.07 21.32
CA LYS A 172 47.66 2.80 21.98
C LYS A 172 49.04 2.21 21.70
N ASN A 173 49.63 2.49 20.54
CA ASN A 173 50.95 1.96 20.24
C ASN A 173 52.02 3.02 20.28
N GLY A 174 51.68 4.24 20.73
CA GLY A 174 52.59 5.35 20.73
C GLY A 174 53.35 5.52 22.01
N SER A 175 54.32 6.43 21.96
CA SER A 175 55.11 6.78 23.12
C SER A 175 54.22 7.37 24.21
N ASP A 176 53.25 8.17 23.81
CA ASP A 176 52.35 8.93 24.67
C ASP A 176 50.96 8.30 24.59
N LYS A 177 50.68 7.37 25.49
CA LYS A 177 49.41 6.65 25.48
C LYS A 177 48.29 7.42 26.17
N SER A 178 48.58 8.63 26.67
CA SER A 178 47.54 9.47 27.27
C SER A 178 46.70 10.19 26.22
N LYS A 179 46.96 9.97 24.93
CA LYS A 179 46.19 10.59 23.87
C LYS A 179 45.47 9.51 23.08
N LEU A 180 44.27 9.86 22.59
CA LEU A 180 43.54 9.03 21.64
C LEU A 180 43.95 9.31 20.19
N LEU A 181 43.87 8.26 19.36
CA LEU A 181 44.10 8.34 17.92
C LEU A 181 42.90 7.72 17.21
N ILE A 182 42.18 8.54 16.43
CA ILE A 182 40.87 8.17 15.86
C ILE A 182 40.84 8.49 14.37
N MET A 183 39.99 7.76 13.64
CA MET A 183 39.74 8.06 12.24
C MET A 183 38.25 8.18 12.02
N ASP A 184 37.83 9.16 11.25
CA ASP A 184 36.45 9.22 10.80
C ASP A 184 36.44 9.20 9.27
N THR A 185 35.44 8.52 8.69
CA THR A 185 35.50 8.23 7.28
C THR A 185 34.11 8.06 6.70
N THR A 186 34.05 8.12 5.36
CA THR A 186 32.84 7.86 4.58
C THR A 186 33.07 6.76 3.56
N LEU A 187 34.24 6.12 3.61
CA LEU A 187 34.68 5.17 2.59
C LEU A 187 34.60 3.76 3.13
N SER A 188 34.14 2.83 2.29
CA SER A 188 34.12 1.41 2.62
C SER A 188 35.55 0.85 2.57
N VAL A 189 35.73 -0.37 3.09
CA VAL A 189 37.06 -0.98 3.12
C VAL A 189 37.64 -1.07 1.72
N GLU A 190 36.83 -1.48 0.75
CA GLU A 190 37.32 -1.62 -0.61
C GLU A 190 37.85 -0.28 -1.16
N ASN A 191 37.35 0.85 -0.64
CA ASN A 191 37.76 2.17 -1.11
C ASN A 191 38.68 2.88 -0.13
N ASN A 192 39.15 2.20 0.92
CA ASN A 192 39.84 2.88 2.02
C ASN A 192 41.18 2.17 2.29
N PRO A 193 42.18 2.38 1.44
CA PRO A 193 43.51 1.80 1.75
C PRO A 193 44.19 2.40 2.98
N ILE A 194 44.00 3.68 3.31
CA ILE A 194 44.57 4.20 4.54
C ILE A 194 44.01 3.48 5.76
N PHE A 195 42.71 3.16 5.73
CA PHE A 195 42.13 2.43 6.86
C PHE A 195 42.75 1.03 6.99
N LYS A 196 42.88 0.31 5.87
CA LYS A 196 43.47 -1.03 5.92
C LYS A 196 44.87 -0.98 6.52
N GLY A 197 45.63 0.09 6.27
CA GLY A 197 46.97 0.14 6.79
C GLY A 197 47.06 0.57 8.24
N ILE A 198 46.17 1.46 8.71
CA ILE A 198 46.33 2.08 10.03
C ILE A 198 45.40 1.47 11.06
N ALA A 199 44.56 0.51 10.68
CA ALA A 199 43.45 0.08 11.53
C ALA A 199 43.92 -0.43 12.89
N GLU A 200 45.01 -1.18 12.93
CA GLU A 200 45.54 -1.75 14.18
C GLU A 200 46.05 -0.70 15.17
N ASP A 201 46.22 0.55 14.75
CA ASP A 201 46.73 1.59 15.63
C ASP A 201 45.62 2.56 16.05
N LEU A 202 44.36 2.26 15.71
CA LEU A 202 43.25 3.15 16.01
C LEU A 202 42.62 2.78 17.33
N ASP A 203 42.22 3.81 18.09
CA ASP A 203 41.29 3.56 19.19
C ASP A 203 39.87 3.32 18.66
N TYR A 204 39.38 4.21 17.79
CA TYR A 204 38.04 4.08 17.23
C TYR A 204 38.08 4.42 15.75
N LEU A 205 37.09 3.87 15.04
CA LEU A 205 36.78 4.31 13.69
C LEU A 205 35.38 4.88 13.72
N LEU A 206 35.24 6.14 13.31
CA LEU A 206 33.97 6.85 13.30
C LEU A 206 33.46 6.85 11.87
N ARG A 207 32.38 6.14 11.62
CA ARG A 207 31.85 5.97 10.28
C ARG A 207 30.63 6.89 10.11
N GLN A 208 30.75 7.90 9.26
CA GLN A 208 29.62 8.78 9.02
C GLN A 208 28.60 8.09 8.15
N TYR A 209 27.35 8.08 8.59
CA TYR A 209 26.23 7.51 7.87
C TYR A 209 25.04 8.47 7.86
N TYR A 210 25.27 9.74 7.51
CA TYR A 210 24.18 10.70 7.53
C TYR A 210 23.15 10.35 6.47
N GLY A 211 21.89 10.56 6.80
CA GLY A 211 20.82 10.20 5.89
C GLY A 211 20.69 8.69 5.68
N SER A 212 19.71 8.33 4.86
CA SER A 212 19.34 6.94 4.64
C SER A 212 20.45 6.13 3.97
N GLN A 213 20.64 4.89 4.44
CA GLN A 213 21.65 4.00 3.88
C GLN A 213 21.04 2.78 3.16
N GLY A 214 19.80 2.87 2.69
CA GLY A 214 19.24 1.89 1.78
C GLY A 214 18.50 0.76 2.47
N GLY A 215 17.50 0.23 1.77
CA GLY A 215 16.73 -0.89 2.26
C GLY A 215 15.58 -0.51 3.18
N GLU A 216 14.80 -1.53 3.55
CA GLU A 216 13.58 -1.30 4.31
C GLU A 216 13.86 -0.66 5.66
N ALA A 217 14.96 -1.03 6.31
CA ALA A 217 15.33 -0.41 7.57
C ALA A 217 16.41 0.66 7.42
N GLU A 218 16.80 0.97 6.17
CA GLU A 218 17.69 2.08 5.84
C GLU A 218 19.10 1.89 6.41
N VAL A 219 19.50 0.65 6.66
CA VAL A 219 20.80 0.36 7.25
C VAL A 219 21.57 -0.66 6.40
N ASP A 220 21.19 -0.80 5.11
CA ASP A 220 21.83 -1.79 4.23
C ASP A 220 23.32 -1.55 4.11
N THR A 221 23.73 -0.31 3.93
CA THR A 221 25.16 -0.06 3.77
C THR A 221 25.89 -0.27 5.09
N ILE A 222 25.26 0.04 6.22
CA ILE A 222 25.91 -0.18 7.50
C ILE A 222 26.17 -1.66 7.71
N ASN A 223 25.18 -2.50 7.42
CA ASN A 223 25.36 -3.93 7.62
C ASN A 223 26.41 -4.50 6.69
N SER A 224 26.37 -4.10 5.41
CA SER A 224 27.31 -4.68 4.45
C SER A 224 28.72 -4.20 4.73
N ASP A 225 28.87 -2.93 5.13
CA ASP A 225 30.20 -2.40 5.39
C ASP A 225 30.81 -3.04 6.63
N TRP A 226 30.00 -3.24 7.67
CA TRP A 226 30.50 -3.85 8.88
C TRP A 226 31.06 -5.25 8.60
N ASN A 227 30.45 -5.94 7.64
CA ASN A 227 30.94 -7.25 7.25
C ASN A 227 32.41 -7.22 6.80
N GLN A 228 32.96 -6.05 6.37
CA GLN A 228 34.37 -6.00 6.01
C GLN A 228 35.23 -5.28 7.05
N TYR A 229 34.73 -4.20 7.66
CA TYR A 229 35.41 -3.57 8.79
C TYR A 229 35.69 -4.58 9.91
N GLN A 230 34.82 -5.59 10.07
CA GLN A 230 35.05 -6.53 11.17
C GLN A 230 36.31 -7.35 11.01
N ASN A 231 36.94 -7.35 9.83
CA ASN A 231 38.23 -8.03 9.65
C ASN A 231 39.41 -7.17 10.06
N TYR A 232 39.20 -5.93 10.42
CA TYR A 232 40.27 -5.01 10.74
C TYR A 232 40.15 -4.40 12.13
N ILE A 233 38.93 -4.25 12.67
CA ILE A 233 38.71 -3.71 14.00
C ILE A 233 37.64 -4.53 14.74
N ASP A 234 37.64 -4.41 16.07
CA ASP A 234 36.60 -5.00 16.90
C ASP A 234 35.34 -4.18 16.85
N ALA A 235 34.19 -4.84 17.07
CA ALA A 235 32.95 -4.09 17.14
C ALA A 235 33.03 -3.01 18.21
N SER A 236 33.73 -3.25 19.30
CA SER A 236 33.81 -2.24 20.33
C SER A 236 34.63 -1.02 19.91
N GLN A 237 35.18 -0.99 18.70
CA GLN A 237 35.86 0.20 18.19
C GLN A 237 35.06 0.92 17.13
N PHE A 238 33.83 0.50 16.86
CA PHE A 238 33.04 0.97 15.72
C PHE A 238 31.98 1.97 16.17
N MET A 239 32.05 3.21 15.68
CA MET A 239 31.08 4.24 15.99
C MET A 239 30.41 4.68 14.70
N ILE A 240 29.08 4.73 14.70
CA ILE A 240 28.34 5.21 13.54
C ILE A 240 27.73 6.58 13.87
N GLY A 241 27.65 7.43 12.86
CA GLY A 241 27.29 8.82 13.04
C GLY A 241 26.06 9.23 12.23
N PHE A 242 25.26 10.11 12.83
CA PHE A 242 24.19 10.86 12.16
C PHE A 242 24.49 12.36 12.28
N SER A 243 23.68 13.20 11.62
CA SER A 243 23.92 14.64 11.63
C SER A 243 22.70 15.41 12.12
N PHE A 244 22.94 16.44 12.91
CA PHE A 244 21.86 17.38 13.20
C PHE A 244 21.58 18.27 11.99
N PHE A 245 20.54 19.09 12.08
CA PHE A 245 20.18 19.95 10.96
C PHE A 245 21.07 21.19 10.97
N GLU A 246 21.85 21.39 9.91
CA GLU A 246 22.70 22.57 9.83
C GLU A 246 21.94 23.70 9.16
N GLU A 247 21.97 24.89 9.78
CA GLU A 247 21.27 26.05 9.23
C GLU A 247 21.73 26.33 7.79
N SER A 248 20.79 26.71 6.94
CA SER A 248 21.04 27.04 5.54
C SER A 248 21.62 25.87 4.76
N ALA A 249 21.46 24.65 5.26
CA ALA A 249 21.90 23.50 4.49
C ALA A 249 21.10 23.42 3.19
N SER A 250 21.81 23.17 2.10
CA SER A 250 21.24 23.03 0.77
C SER A 250 21.16 21.56 0.39
N LYS A 251 20.50 21.30 -0.74
CA LYS A 251 20.48 19.98 -1.35
C LYS A 251 21.89 19.41 -1.38
N GLY A 252 22.01 18.12 -1.03
CA GLY A 252 23.31 17.51 -0.82
C GLY A 252 23.77 17.54 0.62
N ASN A 253 23.15 18.35 1.46
CA ASN A 253 23.51 18.37 2.87
C ASN A 253 22.26 18.36 3.73
N LEU A 254 21.23 17.65 3.27
CA LEU A 254 19.95 17.57 3.95
C LEU A 254 19.66 16.08 4.16
N TRP A 255 19.90 15.61 5.38
CA TRP A 255 19.91 14.20 5.75
C TRP A 255 18.64 13.72 6.40
N PHE A 256 17.90 14.61 7.08
CA PHE A 256 16.64 14.27 7.74
C PHE A 256 16.85 13.19 8.80
N ASP A 257 17.91 13.35 9.59
CA ASP A 257 18.27 12.42 10.64
C ASP A 257 17.53 12.68 11.95
N VAL A 258 16.88 13.84 12.06
CA VAL A 258 16.08 14.22 13.22
C VAL A 258 14.71 14.65 12.69
N ASN A 259 13.79 14.93 13.61
CA ASN A 259 12.41 15.16 13.22
C ASN A 259 12.22 16.50 12.55
N GLU A 260 11.27 16.53 11.61
CA GLU A 260 10.98 17.75 10.87
C GLU A 260 10.20 18.74 11.72
N TYR A 261 10.35 20.02 11.39
CA TYR A 261 9.63 21.11 12.01
C TYR A 261 8.13 20.81 12.05
N ASP A 262 7.50 21.17 13.17
CA ASP A 262 6.05 21.09 13.31
C ASP A 262 5.54 22.45 13.77
N PRO A 263 4.78 23.19 12.95
CA PRO A 263 4.28 24.50 13.41
C PRO A 263 3.35 24.40 14.60
N ASN A 264 2.85 23.22 14.91
CA ASN A 264 1.91 23.00 16.00
C ASN A 264 2.60 22.57 17.30
N ASN A 265 3.92 22.39 17.29
CA ASN A 265 4.69 21.83 18.39
C ASN A 265 6.14 22.26 18.30
N PRO A 266 6.51 23.36 18.95
CA PRO A 266 7.88 23.88 18.81
C PRO A 266 8.96 22.96 19.37
N GLU A 267 8.60 21.91 20.11
CA GLU A 267 9.58 21.02 20.71
C GLU A 267 9.88 19.79 19.86
N LYS A 268 9.26 19.66 18.68
CA LYS A 268 9.39 18.43 17.89
C LYS A 268 10.85 18.07 17.63
N GLY A 269 11.71 19.07 17.42
CA GLY A 269 13.11 18.78 17.12
C GLY A 269 13.84 18.07 18.25
N LYS A 270 13.30 18.09 19.45
CA LYS A 270 13.90 17.40 20.58
C LYS A 270 13.31 16.01 20.85
N ASP A 271 12.36 15.55 20.03
CA ASP A 271 11.69 14.28 20.23
C ASP A 271 12.42 13.23 19.41
N ILE A 272 12.98 12.20 20.07
CA ILE A 272 13.78 11.23 19.33
C ILE A 272 12.94 10.09 18.76
N GLU A 273 11.63 10.07 19.01
CA GLU A 273 10.78 9.02 18.45
C GLU A 273 10.71 9.14 16.93
N GLY A 274 11.03 8.06 16.25
CA GLY A 274 10.91 7.99 14.82
C GLY A 274 12.09 8.51 14.06
N THR A 275 13.14 8.95 14.74
CA THR A 275 14.29 9.56 14.08
C THR A 275 15.29 8.51 13.61
N ARG A 276 16.11 8.88 12.63
CA ARG A 276 17.21 8.01 12.27
C ARG A 276 18.18 7.91 13.42
N ALA A 277 18.35 9.00 14.18
CA ALA A 277 19.27 9.02 15.30
C ALA A 277 18.93 7.95 16.30
N LYS A 278 17.64 7.75 16.59
CA LYS A 278 17.26 6.73 17.53
C LYS A 278 17.59 5.34 17.00
N LYS A 279 17.38 5.13 15.67
CA LYS A 279 17.68 3.84 15.04
C LYS A 279 19.16 3.53 15.08
N TYR A 280 20.03 4.51 14.83
CA TYR A 280 21.45 4.24 14.97
C TYR A 280 21.82 3.92 16.42
N ALA A 281 21.14 4.57 17.37
CA ALA A 281 21.36 4.29 18.79
C ALA A 281 21.08 2.83 19.16
N GLU A 282 20.09 2.22 18.52
CA GLU A 282 19.69 0.84 18.78
C GLU A 282 20.34 -0.18 17.86
N TRP A 283 20.90 0.27 16.74
CA TRP A 283 21.50 -0.63 15.77
C TRP A 283 22.71 -1.31 16.37
N GLN A 284 22.81 -2.62 16.15
CA GLN A 284 23.95 -3.41 16.57
C GLN A 284 24.44 -4.30 15.44
N PRO A 285 25.76 -4.52 15.34
CA PRO A 285 26.28 -5.45 14.34
C PRO A 285 25.75 -6.86 14.54
N SER A 286 25.64 -7.59 13.43
CA SER A 286 25.28 -9.00 13.47
C SER A 286 26.42 -9.89 13.93
N THR A 287 27.67 -9.47 13.80
CA THR A 287 28.80 -10.34 14.09
C THR A 287 29.88 -9.53 14.81
N GLY A 288 30.76 -10.22 15.52
CA GLY A 288 31.83 -9.58 16.24
C GLY A 288 31.47 -9.20 17.67
N GLY A 289 30.61 -8.20 17.82
CA GLY A 289 30.25 -7.72 19.14
C GLY A 289 29.23 -6.61 19.06
N LEU A 290 28.98 -5.96 20.19
CA LEU A 290 28.19 -4.73 20.20
C LEU A 290 29.07 -3.56 19.83
N LYS A 291 28.46 -2.53 19.26
CA LYS A 291 29.21 -1.40 18.73
C LYS A 291 29.72 -0.52 19.87
N ALA A 292 30.61 0.42 19.52
CA ALA A 292 31.15 1.31 20.55
C ALA A 292 30.11 2.34 21.02
N GLY A 293 29.21 2.76 20.15
CA GLY A 293 28.27 3.84 20.43
C GLY A 293 27.91 4.57 19.14
N ILE A 294 27.46 5.82 19.29
CA ILE A 294 27.10 6.67 18.16
C ILE A 294 27.70 8.05 18.39
N PHE A 295 27.73 8.83 17.31
CA PHE A 295 28.18 10.22 17.36
C PHE A 295 27.27 11.05 16.46
N SER A 296 27.26 12.36 16.70
CA SER A 296 26.43 13.32 15.97
C SER A 296 27.31 14.39 15.35
N TYR A 297 27.01 14.78 14.12
CA TYR A 297 27.66 15.95 13.54
C TYR A 297 26.83 17.18 13.88
N ALA A 298 27.52 18.30 14.17
CA ALA A 298 26.87 19.59 14.47
C ALA A 298 26.12 19.56 15.81
N ILE A 299 26.83 19.18 16.88
CA ILE A 299 26.18 19.03 18.18
C ILE A 299 25.64 20.35 18.71
N ASP A 300 26.13 21.48 18.22
CA ASP A 300 25.62 22.77 18.61
C ASP A 300 24.23 23.04 18.05
N ARG A 301 23.74 22.21 17.15
CA ARG A 301 22.40 22.31 16.57
C ARG A 301 21.46 21.26 17.15
N ASP A 302 21.89 20.56 18.20
CA ASP A 302 21.05 19.62 18.95
C ASP A 302 19.71 20.25 19.30
N GLY A 303 18.63 19.62 18.84
CA GLY A 303 17.29 20.00 19.20
C GLY A 303 16.57 20.82 18.16
N VAL A 304 17.29 21.42 17.22
CA VAL A 304 16.64 22.18 16.16
C VAL A 304 15.89 21.23 15.25
N ALA A 305 14.63 21.54 15.01
CA ALA A 305 13.85 20.74 14.08
C ALA A 305 14.40 20.87 12.65
N HIS A 306 14.34 19.79 11.90
CA HIS A 306 14.82 19.78 10.53
C HIS A 306 13.88 20.60 9.66
N VAL A 307 14.44 21.26 8.65
CA VAL A 307 13.62 21.99 7.69
C VAL A 307 12.67 21.02 6.99
N PRO A 308 11.44 21.41 6.66
CA PRO A 308 10.48 20.43 6.13
C PRO A 308 10.91 19.86 4.78
N SER A 309 10.40 18.66 4.48
CA SER A 309 10.71 17.93 3.22
C SER A 309 10.47 18.78 1.97
N THR A 310 9.51 19.68 2.02
CA THR A 310 9.17 20.54 0.88
C THR A 310 10.34 21.45 0.49
N TYR A 311 11.29 21.69 1.40
CA TYR A 311 12.44 22.58 1.18
C TYR A 311 13.68 21.85 0.69
N LYS A 312 13.61 20.53 0.46
CA LYS A 312 14.78 19.73 0.21
C LYS A 312 15.46 20.02 -1.12
N ASN A 313 14.92 20.91 -1.95
CA ASN A 313 15.51 21.24 -3.23
C ASN A 313 16.26 22.56 -3.25
N ARG A 314 16.33 23.27 -2.13
CA ARG A 314 16.97 24.58 -2.12
C ARG A 314 18.47 24.45 -2.40
N THR A 315 19.05 25.51 -2.98
CA THR A 315 20.48 25.55 -3.25
C THR A 315 21.03 26.92 -2.86
N SER A 316 22.33 27.10 -3.00
CA SER A 316 22.92 28.40 -2.70
C SER A 316 22.44 29.47 -3.69
N THR A 317 22.15 29.11 -4.94
CA THR A 317 21.58 30.08 -5.88
C THR A 317 20.06 30.18 -5.74
N ASN A 318 19.43 29.20 -5.10
CA ASN A 318 17.98 29.08 -5.02
C ASN A 318 17.59 28.98 -3.54
N LEU A 319 17.70 30.09 -2.83
CA LEU A 319 17.55 30.06 -1.38
C LEU A 319 16.06 30.02 -1.06
N GLN A 320 15.71 29.18 -0.04
CA GLN A 320 14.32 28.96 0.39
C GLN A 320 14.37 28.94 1.92
N ARG A 321 14.48 30.13 2.52
CA ARG A 321 14.75 30.23 3.94
C ARG A 321 13.52 29.85 4.74
N HIS A 322 13.78 29.24 5.90
CA HIS A 322 12.76 28.75 6.84
C HIS A 322 13.14 29.17 8.26
N GLU A 323 12.12 29.20 9.12
CA GLU A 323 12.28 29.53 10.54
C GLU A 323 13.42 28.74 11.22
N VAL A 324 13.61 27.46 10.86
CA VAL A 324 14.61 26.65 11.56
C VAL A 324 16.02 26.96 11.13
N ASP A 325 16.20 27.84 10.13
CA ASP A 325 17.53 28.33 9.79
C ASP A 325 18.06 29.34 10.82
N ASN A 326 17.23 29.83 11.73
CA ASN A 326 17.75 30.70 12.78
C ASN A 326 18.74 29.94 13.68
N ILE A 327 19.62 30.70 14.31
CA ILE A 327 20.55 30.19 15.30
C ILE A 327 19.93 30.34 16.66
N SER A 328 20.10 29.36 17.53
CA SER A 328 19.49 29.43 18.86
C SER A 328 20.34 28.67 19.88
N HIS A 329 20.17 29.03 21.14
CA HIS A 329 20.89 28.35 22.20
C HIS A 329 20.36 26.91 22.32
N THR A 330 21.26 25.94 22.45
CA THR A 330 20.85 24.55 22.61
C THR A 330 21.12 24.12 24.05
N ASP A 331 20.29 23.21 24.57
CA ASP A 331 20.61 22.63 25.88
C ASP A 331 20.87 21.12 25.80
N TYR A 332 21.15 20.60 24.60
CA TYR A 332 21.68 19.27 24.37
C TYR A 332 20.76 18.17 24.87
N THR A 333 19.43 18.35 24.70
CA THR A 333 18.51 17.31 25.19
C THR A 333 18.57 16.07 24.32
N VAL A 334 18.59 16.22 22.99
CA VAL A 334 18.64 15.04 22.10
C VAL A 334 19.88 14.21 22.38
N SER A 335 21.02 14.86 22.53
CA SER A 335 22.23 14.14 22.89
C SER A 335 21.98 13.31 24.14
N ARG A 336 21.43 13.94 25.19
CA ARG A 336 21.29 13.27 26.46
C ARG A 336 20.25 12.16 26.41
N LYS A 337 19.17 12.31 25.66
CA LYS A 337 18.24 11.18 25.48
C LYS A 337 18.92 9.99 24.79
N LEU A 338 19.74 10.24 23.77
CA LEU A 338 20.36 9.14 23.05
C LEU A 338 21.38 8.41 23.92
N LYS A 339 22.13 9.14 24.75
CA LYS A 339 23.09 8.49 25.63
C LYS A 339 22.36 7.66 26.68
N THR A 340 21.22 8.15 27.16
CA THR A 340 20.45 7.40 28.14
C THR A 340 19.85 6.15 27.52
N LEU A 341 19.34 6.25 26.28
CA LEU A 341 18.76 5.07 25.63
C LEU A 341 19.80 3.96 25.49
N MET A 342 21.04 4.33 25.19
CA MET A 342 22.08 3.31 24.98
C MET A 342 22.55 2.70 26.29
N THR A 343 22.80 3.51 27.32
CA THR A 343 23.31 3.00 28.59
C THR A 343 22.26 2.22 29.37
N GLU A 344 20.97 2.39 29.06
CA GLU A 344 19.90 1.59 29.62
C GLU A 344 19.48 0.40 28.75
N ASP A 345 20.21 0.12 27.67
CA ASP A 345 19.88 -1.01 26.82
C ASP A 345 20.50 -2.27 27.45
N LYS A 346 19.66 -3.29 27.70
CA LYS A 346 20.11 -4.41 28.53
C LYS A 346 21.14 -5.28 27.84
N ARG A 347 21.41 -5.09 26.54
CA ARG A 347 22.48 -5.84 25.89
C ARG A 347 23.85 -5.40 26.41
N TYR A 348 23.95 -4.23 27.03
CA TYR A 348 25.20 -3.79 27.61
C TYR A 348 25.35 -4.16 29.09
N ASP A 349 24.41 -4.94 29.64
CA ASP A 349 24.65 -5.54 30.94
C ASP A 349 25.82 -6.52 30.83
N VAL A 350 26.59 -6.64 31.90
CA VAL A 350 27.77 -7.49 31.86
C VAL A 350 27.35 -8.96 31.98
N ILE A 351 28.08 -9.82 31.27
CA ILE A 351 27.92 -11.26 31.42
C ILE A 351 28.09 -11.59 32.90
N ASP A 352 27.12 -12.30 33.47
CA ASP A 352 27.12 -12.59 34.91
C ASP A 352 27.00 -14.11 35.12
N GLN A 353 26.90 -14.53 36.40
CA GLN A 353 26.90 -15.96 36.66
C GLN A 353 25.60 -16.62 36.19
N LYS A 354 24.53 -15.86 36.03
CA LYS A 354 23.31 -16.46 35.50
C LYS A 354 23.46 -16.83 34.02
N ASP A 355 24.34 -16.17 33.27
CA ASP A 355 24.64 -16.56 31.89
C ASP A 355 25.62 -17.73 31.85
N ILE A 356 26.74 -17.58 32.57
CA ILE A 356 27.79 -18.58 32.58
C ILE A 356 28.09 -18.95 34.03
N PRO A 357 27.52 -20.04 34.56
CA PRO A 357 27.70 -20.33 36.00
C PRO A 357 29.14 -20.59 36.41
N ASP A 358 29.90 -21.32 35.63
CA ASP A 358 31.27 -21.69 36.03
C ASP A 358 32.14 -20.43 36.05
N PRO A 359 32.78 -20.09 37.17
CA PRO A 359 33.56 -18.84 37.19
C PRO A 359 34.79 -18.87 36.31
N ALA A 360 35.49 -20.00 36.27
CA ALA A 360 36.67 -20.07 35.42
C ALA A 360 36.31 -20.02 33.94
N LEU A 361 35.19 -20.64 33.57
CA LEU A 361 34.70 -20.51 32.20
C LEU A 361 34.24 -19.09 31.91
N ARG A 362 33.53 -18.46 32.86
CA ARG A 362 33.02 -17.12 32.63
C ARG A 362 34.17 -16.15 32.42
N GLU A 363 35.27 -16.34 33.16
CA GLU A 363 36.40 -15.39 33.03
C GLU A 363 37.10 -15.50 31.66
N GLN A 364 37.32 -16.71 31.15
CA GLN A 364 37.99 -16.85 29.86
C GLN A 364 37.09 -16.35 28.74
N ILE A 365 35.78 -16.50 28.86
CA ILE A 365 34.87 -16.01 27.82
C ILE A 365 34.89 -14.49 27.78
N ILE A 366 34.73 -13.83 28.94
CA ILE A 366 34.73 -12.37 28.98
C ILE A 366 36.05 -11.84 28.44
N GLN A 367 37.14 -12.55 28.75
CA GLN A 367 38.46 -12.12 28.32
C GLN A 367 38.58 -12.23 26.81
N GLN A 368 37.85 -13.17 26.18
CA GLN A 368 38.01 -13.40 24.75
C GLN A 368 36.91 -12.83 23.86
N VAL A 369 35.66 -12.78 24.30
CA VAL A 369 34.57 -12.32 23.43
C VAL A 369 34.07 -10.93 23.77
N GLY A 370 34.48 -10.36 24.90
CA GLY A 370 33.94 -9.09 25.36
C GLY A 370 33.17 -9.28 26.65
N GLN A 371 32.74 -8.16 27.22
CA GLN A 371 32.17 -8.15 28.57
C GLN A 371 30.65 -8.07 28.61
N TYR A 372 29.98 -7.91 27.47
CA TYR A 372 28.55 -7.60 27.47
C TYR A 372 27.73 -8.82 27.08
N LYS A 373 26.57 -8.98 27.73
CA LYS A 373 25.66 -10.05 27.33
C LYS A 373 25.46 -10.07 25.81
N GLY A 374 25.24 -8.90 25.19
CA GLY A 374 25.05 -8.80 23.74
C GLY A 374 26.24 -9.25 22.90
N ASP A 375 27.44 -9.21 23.47
CA ASP A 375 28.60 -9.73 22.75
C ASP A 375 28.48 -11.23 22.49
N LEU A 376 27.76 -11.96 23.36
CA LEU A 376 27.82 -13.42 23.32
C LEU A 376 27.32 -14.00 22.00
N GLU A 377 26.14 -13.60 21.55
CA GLU A 377 25.56 -14.28 20.40
C GLU A 377 26.06 -13.70 19.07
N ARG A 378 26.87 -12.64 19.11
CA ARG A 378 27.48 -12.04 17.93
C ARG A 378 28.88 -12.55 17.65
N TYR A 379 29.62 -12.95 18.68
CA TYR A 379 31.03 -13.25 18.49
C TYR A 379 31.21 -14.44 17.53
N ASN A 380 32.07 -14.27 16.53
CA ASN A 380 32.14 -15.27 15.47
C ASN A 380 33.59 -15.63 15.15
N LYS A 381 34.46 -15.64 16.15
CA LYS A 381 35.85 -15.98 15.93
C LYS A 381 36.24 -17.21 16.73
N THR A 382 37.36 -17.15 17.46
CA THR A 382 37.88 -18.33 18.11
C THR A 382 37.83 -18.19 19.64
N LEU A 383 37.50 -19.30 20.30
CA LEU A 383 37.48 -19.39 21.75
C LEU A 383 38.35 -20.56 22.19
N VAL A 384 39.41 -20.26 22.94
CA VAL A 384 40.30 -21.25 23.54
C VAL A 384 39.99 -21.32 25.04
N LEU A 385 39.70 -22.54 25.55
CA LEU A 385 39.40 -22.75 26.97
C LEU A 385 40.45 -23.69 27.55
N THR A 386 41.12 -23.26 28.61
CA THR A 386 42.26 -24.02 29.10
C THR A 386 42.15 -24.23 30.61
N GLY A 387 42.83 -25.27 31.13
CA GLY A 387 43.05 -25.42 32.55
C GLY A 387 42.13 -26.42 33.22
N ASP A 388 42.46 -26.73 34.49
CA ASP A 388 41.71 -27.69 35.28
C ASP A 388 40.68 -27.02 36.20
N LYS A 389 40.48 -25.71 36.10
CA LYS A 389 39.55 -25.02 36.97
C LYS A 389 38.14 -24.99 36.43
N ILE A 390 37.97 -25.20 35.12
CA ILE A 390 36.64 -25.31 34.51
C ILE A 390 36.04 -26.67 34.85
N GLN A 391 34.84 -26.66 35.44
CA GLN A 391 34.15 -27.88 35.81
C GLN A 391 32.95 -28.16 34.91
N ASN A 392 32.39 -27.14 34.29
CA ASN A 392 31.06 -27.20 33.69
C ASN A 392 31.08 -26.33 32.44
N LEU A 393 30.52 -26.82 31.33
CA LEU A 393 30.49 -26.01 30.11
C LEU A 393 29.15 -25.28 29.90
N LYS A 394 28.26 -25.23 30.89
CA LYS A 394 27.00 -24.52 30.73
C LYS A 394 27.21 -23.03 30.41
N GLY A 395 26.57 -22.56 29.33
CA GLY A 395 26.70 -21.20 28.83
C GLY A 395 27.41 -21.11 27.48
N LEU A 396 28.29 -22.08 27.19
CA LEU A 396 28.96 -22.13 25.90
C LEU A 396 28.00 -22.09 24.73
N GLU A 397 26.77 -22.61 24.91
CA GLU A 397 25.82 -22.66 23.81
C GLU A 397 25.28 -21.28 23.44
N LYS A 398 25.54 -20.26 24.24
CA LYS A 398 25.13 -18.92 23.86
C LYS A 398 26.09 -18.29 22.85
N LEU A 399 27.26 -18.87 22.63
CA LEU A 399 28.20 -18.37 21.62
C LEU A 399 27.86 -18.92 20.23
N SER A 400 26.61 -18.65 19.81
CA SER A 400 25.98 -19.37 18.70
C SER A 400 26.57 -19.11 17.33
N LYS A 401 27.50 -18.18 17.18
CA LYS A 401 28.22 -17.96 15.92
C LYS A 401 29.70 -18.29 16.06
N LEU A 402 30.09 -18.95 17.14
CA LEU A 402 31.50 -19.24 17.33
C LEU A 402 32.01 -20.06 16.15
N GLN A 403 33.19 -19.68 15.63
CA GLN A 403 33.70 -20.35 14.44
C GLN A 403 34.75 -21.42 14.77
N LYS A 404 35.39 -21.37 15.93
CA LYS A 404 36.35 -22.38 16.36
C LYS A 404 36.30 -22.48 17.88
N LEU A 405 36.01 -23.67 18.39
CA LEU A 405 36.03 -23.96 19.81
C LEU A 405 37.19 -24.90 20.09
N GLU A 406 38.03 -24.53 21.05
CA GLU A 406 39.31 -25.18 21.30
C GLU A 406 39.39 -25.47 22.79
N LEU A 407 39.28 -26.74 23.17
CA LEU A 407 39.26 -27.16 24.57
C LEU A 407 40.61 -27.81 24.88
N ARG A 408 41.48 -27.09 25.59
CA ARG A 408 42.84 -27.53 25.83
C ARG A 408 42.99 -27.93 27.30
N GLN A 409 43.20 -29.23 27.55
CA GLN A 409 43.53 -29.75 28.87
C GLN A 409 42.47 -29.43 29.91
N LEU A 410 41.19 -29.53 29.54
CA LEU A 410 40.10 -29.29 30.49
C LEU A 410 39.85 -30.56 31.33
N SER A 411 40.74 -30.79 32.32
CA SER A 411 40.79 -32.11 32.97
C SER A 411 39.60 -32.39 33.89
N ASN A 412 38.82 -31.39 34.27
CA ASN A 412 37.67 -31.60 35.14
C ASN A 412 36.32 -31.46 34.43
N VAL A 413 36.27 -31.41 33.10
CA VAL A 413 35.01 -31.44 32.37
C VAL A 413 34.57 -32.88 32.17
N LYS A 414 33.32 -33.18 32.54
CA LYS A 414 32.82 -34.55 32.52
C LYS A 414 31.86 -34.82 31.38
N GLU A 415 31.32 -33.77 30.75
CA GLU A 415 30.17 -33.88 29.87
C GLU A 415 30.30 -32.91 28.69
N ILE A 416 30.18 -33.44 27.49
CA ILE A 416 30.02 -32.63 26.29
C ILE A 416 28.79 -33.14 25.56
N THR A 417 27.83 -32.26 25.30
CA THR A 417 26.58 -32.63 24.65
C THR A 417 26.22 -31.56 23.62
N PRO A 418 25.37 -31.88 22.64
CA PRO A 418 24.94 -30.85 21.68
C PRO A 418 24.38 -29.62 22.36
N GLU A 419 23.63 -29.79 23.45
CA GLU A 419 22.93 -28.66 24.07
C GLU A 419 23.86 -27.76 24.87
N LEU A 420 25.11 -28.17 25.12
CA LEU A 420 26.13 -27.29 25.66
C LEU A 420 26.97 -26.61 24.58
N LEU A 421 26.69 -26.89 23.31
CA LEU A 421 27.56 -26.42 22.25
C LEU A 421 26.89 -25.32 21.41
N PRO A 422 27.68 -24.41 20.87
CA PRO A 422 27.15 -23.44 19.92
C PRO A 422 26.38 -24.14 18.78
N GLU A 423 25.32 -23.46 18.30
CA GLU A 423 24.52 -23.98 17.19
C GLU A 423 25.29 -23.99 15.88
N SER A 424 26.36 -23.21 15.79
CA SER A 424 27.23 -23.25 14.64
C SER A 424 27.96 -24.59 14.52
N MET A 425 27.97 -25.41 15.57
CA MET A 425 28.58 -26.72 15.44
C MET A 425 27.84 -27.57 14.43
N LYS A 426 26.57 -27.25 14.13
CA LYS A 426 25.80 -27.92 13.10
C LYS A 426 26.13 -27.44 11.69
N LYS A 427 26.97 -26.44 11.54
CA LYS A 427 27.34 -25.90 10.24
C LYS A 427 28.84 -25.78 10.14
N ASP A 428 29.52 -26.78 10.67
CA ASP A 428 30.95 -27.01 10.43
C ASP A 428 31.85 -25.97 11.09
N ALA A 429 31.50 -25.51 12.28
CA ALA A 429 32.47 -24.80 13.09
C ALA A 429 33.58 -25.77 13.47
N GLU A 430 34.81 -25.29 13.62
CA GLU A 430 35.87 -26.19 14.07
C GLU A 430 35.76 -26.50 15.55
N LEU A 431 36.10 -27.75 15.91
CA LEU A 431 36.01 -28.26 17.28
C LEU A 431 37.28 -29.04 17.60
N VAL A 432 38.16 -28.47 18.39
CA VAL A 432 39.40 -29.11 18.84
C VAL A 432 39.29 -29.36 20.34
N MET A 433 39.61 -30.59 20.76
CA MET A 433 39.66 -30.89 22.19
C MET A 433 40.83 -31.81 22.46
N VAL A 434 41.72 -31.35 23.33
CA VAL A 434 42.99 -32.01 23.63
C VAL A 434 43.05 -32.25 25.14
N GLY A 435 43.62 -33.38 25.54
CA GLY A 435 43.86 -33.66 26.96
C GLY A 435 42.62 -33.72 27.83
N MET A 436 41.54 -34.29 27.31
CA MET A 436 40.25 -34.32 28.00
C MET A 436 40.16 -35.53 28.95
N THR A 437 41.05 -35.55 29.94
CA THR A 437 41.23 -36.74 30.77
C THR A 437 40.08 -37.00 31.74
N GLY A 438 39.18 -36.05 31.95
CA GLY A 438 38.05 -36.24 32.82
C GLY A 438 36.74 -36.52 32.14
N LEU A 439 36.71 -36.53 30.82
CA LEU A 439 35.47 -36.60 30.07
C LEU A 439 34.78 -37.97 30.25
N GLU A 440 33.51 -37.94 30.67
CA GLU A 440 32.75 -39.17 30.85
C GLU A 440 31.65 -39.37 29.82
N LYS A 441 31.12 -38.30 29.25
CA LYS A 441 30.04 -38.37 28.29
C LYS A 441 30.40 -37.47 27.12
N LEU A 442 30.47 -38.04 25.92
CA LEU A 442 30.85 -37.30 24.72
C LEU A 442 29.72 -37.49 23.74
N ASN A 443 28.76 -36.60 23.76
CA ASN A 443 27.60 -36.68 22.87
C ASN A 443 27.74 -35.59 21.81
N LEU A 444 27.96 -36.01 20.55
CA LEU A 444 28.04 -35.08 19.43
C LEU A 444 26.95 -35.36 18.42
N SER A 445 25.88 -36.02 18.82
CA SER A 445 24.92 -36.50 17.84
C SER A 445 24.09 -35.38 17.23
N GLY A 446 23.78 -35.53 15.94
CA GLY A 446 22.92 -34.57 15.27
C GLY A 446 23.57 -33.26 14.91
N LEU A 447 24.89 -33.21 14.80
CA LEU A 447 25.63 -31.97 14.53
C LEU A 447 26.25 -31.94 13.15
N ASN A 448 25.94 -32.92 12.28
CA ASN A 448 26.41 -32.94 10.90
C ASN A 448 27.93 -32.86 10.80
N ARG A 449 28.63 -33.41 11.79
CA ARG A 449 30.09 -33.40 11.76
C ARG A 449 30.59 -34.26 10.60
N GLN A 450 31.54 -33.72 9.83
CA GLN A 450 32.02 -34.41 8.65
C GLN A 450 33.28 -35.21 8.90
N THR A 451 34.05 -34.87 9.95
CA THR A 451 35.13 -35.72 10.43
C THR A 451 35.20 -35.60 11.95
N LEU A 452 36.03 -36.45 12.54
CA LEU A 452 36.36 -36.40 13.95
C LEU A 452 37.73 -35.78 14.19
N ASP A 453 38.30 -35.17 13.17
CA ASP A 453 39.64 -34.61 13.29
C ASP A 453 39.66 -33.54 14.38
N GLY A 454 40.76 -33.47 15.12
CA GLY A 454 40.87 -32.53 16.21
C GLY A 454 40.38 -33.03 17.55
N ILE A 455 39.63 -34.13 17.57
CA ILE A 455 39.26 -34.80 18.81
C ILE A 455 40.40 -35.75 19.17
N ASP A 456 41.03 -35.52 20.32
CA ASP A 456 42.18 -36.31 20.74
C ASP A 456 41.68 -37.54 21.51
N VAL A 457 41.36 -38.60 20.78
CA VAL A 457 40.69 -39.73 21.40
C VAL A 457 41.61 -40.51 22.32
N ASN A 458 42.93 -40.48 22.10
CA ASN A 458 43.83 -41.18 23.01
C ASN A 458 43.77 -40.62 24.41
N SER A 459 43.38 -39.36 24.56
CA SER A 459 43.39 -38.73 25.87
C SER A 459 42.14 -39.00 26.68
N ILE A 460 41.06 -39.48 26.05
CA ILE A 460 39.77 -39.61 26.73
C ILE A 460 39.68 -40.92 27.53
N THR A 461 40.55 -41.07 28.52
CA THR A 461 40.77 -42.34 29.20
C THR A 461 39.64 -42.73 30.17
N HIS A 462 38.73 -41.81 30.50
CA HIS A 462 37.66 -42.07 31.44
C HIS A 462 36.30 -42.18 30.78
N LEU A 463 36.28 -42.34 29.47
CA LEU A 463 35.03 -42.26 28.73
C LEU A 463 34.14 -43.44 29.08
N THR A 464 32.87 -43.15 29.38
CA THR A 464 31.92 -44.20 29.69
C THR A 464 30.76 -44.30 28.71
N SER A 465 30.54 -43.28 27.87
CA SER A 465 29.59 -43.37 26.77
C SER A 465 29.92 -42.30 25.74
N PHE A 466 29.51 -42.55 24.49
CA PHE A 466 29.61 -41.57 23.43
C PHE A 466 28.46 -41.80 22.46
N ASP A 467 28.08 -40.72 21.77
CA ASP A 467 27.07 -40.79 20.72
C ASP A 467 27.53 -39.87 19.57
N ILE A 468 28.00 -40.46 18.48
CA ILE A 468 28.34 -39.68 17.29
C ILE A 468 27.38 -39.99 16.16
N SER A 469 26.21 -40.52 16.49
CA SER A 469 25.21 -40.85 15.48
C SER A 469 24.57 -39.58 14.90
N HIS A 470 23.86 -39.76 13.78
CA HIS A 470 23.20 -38.67 13.05
C HIS A 470 24.18 -37.54 12.70
N ASN A 471 25.37 -37.92 12.26
CA ASN A 471 26.31 -36.94 11.73
C ASN A 471 26.54 -37.21 10.26
N SER A 472 27.67 -36.76 9.70
CA SER A 472 27.95 -36.87 8.28
C SER A 472 29.28 -37.57 8.06
N LEU A 473 29.58 -38.54 8.92
CA LEU A 473 30.90 -39.17 8.93
C LEU A 473 31.02 -40.27 7.89
N ASP A 474 32.26 -40.49 7.42
CA ASP A 474 32.62 -41.63 6.60
C ASP A 474 33.33 -42.62 7.52
N LEU A 475 32.63 -43.70 7.89
CA LEU A 475 33.21 -44.70 8.76
C LEU A 475 33.56 -45.97 8.00
N SER A 476 33.86 -45.84 6.69
CA SER A 476 34.24 -46.96 5.84
C SER A 476 35.61 -47.49 6.25
N GLU A 477 35.95 -48.66 5.70
CA GLU A 477 37.04 -49.46 6.24
C GLU A 477 38.35 -48.69 6.35
N LYS A 478 38.69 -47.87 5.36
CA LYS A 478 39.97 -47.17 5.41
C LYS A 478 39.89 -45.72 5.92
N SER A 479 38.68 -45.18 6.14
CA SER A 479 38.57 -43.83 6.67
C SER A 479 39.28 -43.71 8.03
N GLU A 480 39.96 -42.58 8.21
CA GLU A 480 40.63 -42.35 9.48
C GLU A 480 39.62 -42.08 10.59
N ASP A 481 38.39 -41.72 10.23
CA ASP A 481 37.32 -41.60 11.21
C ASP A 481 36.89 -42.96 11.75
N ARG A 482 37.18 -44.05 11.06
CA ARG A 482 36.84 -45.32 11.64
C ARG A 482 37.91 -45.77 12.62
N LYS A 483 39.19 -45.41 12.36
CA LYS A 483 40.20 -45.60 13.39
C LYS A 483 39.83 -44.85 14.66
N LEU A 484 39.55 -43.55 14.54
CA LEU A 484 39.15 -42.77 15.71
C LEU A 484 37.97 -43.40 16.44
N LEU A 485 36.95 -43.85 15.70
CA LEU A 485 35.80 -44.49 16.34
C LEU A 485 36.23 -45.71 17.14
N MET A 486 37.18 -46.49 16.61
CA MET A 486 37.64 -47.70 17.30
C MET A 486 38.29 -47.36 18.62
N THR A 487 39.02 -46.26 18.69
CA THR A 487 39.61 -45.94 19.97
C THR A 487 38.53 -45.55 20.98
N LEU A 488 37.53 -44.78 20.54
CA LEU A 488 36.45 -44.42 21.43
C LEU A 488 35.75 -45.65 21.96
N MET A 489 35.58 -46.65 21.09
CA MET A 489 34.91 -47.87 21.54
C MET A 489 35.76 -48.62 22.54
N GLU A 490 37.08 -48.55 22.37
CA GLU A 490 37.93 -49.22 23.34
C GLU A 490 37.88 -48.53 24.68
N GLN A 491 37.78 -47.18 24.67
CA GLN A 491 37.67 -46.42 25.91
C GLN A 491 36.43 -46.83 26.69
N VAL A 492 35.27 -46.83 26.03
CA VAL A 492 34.03 -47.27 26.68
C VAL A 492 34.19 -48.66 27.27
N SER A 493 34.81 -49.58 26.52
CA SER A 493 34.85 -51.01 26.89
C SER A 493 35.63 -51.27 28.17
N ASN A 494 36.64 -50.44 28.48
CA ASN A 494 37.43 -50.56 29.70
C ASN A 494 36.64 -50.25 30.97
N HIS A 495 35.45 -49.70 30.84
CA HIS A 495 34.63 -49.34 31.98
C HIS A 495 33.27 -50.04 31.98
N GLN A 496 32.91 -50.69 30.89
CA GLN A 496 31.52 -51.05 30.69
C GLN A 496 31.41 -52.00 29.51
N LYS A 497 30.39 -52.85 29.53
CA LYS A 497 30.10 -53.66 28.37
C LYS A 497 29.54 -52.76 27.27
N ILE A 498 30.13 -52.84 26.08
CA ILE A 498 29.68 -52.03 24.96
C ILE A 498 28.23 -52.35 24.64
N THR A 499 27.42 -51.32 24.49
CA THR A 499 26.03 -51.48 24.04
C THR A 499 25.81 -50.54 22.86
N VAL A 500 24.67 -50.66 22.20
CA VAL A 500 24.42 -49.77 21.08
C VAL A 500 24.24 -48.33 21.57
N LYS A 501 23.68 -48.16 22.77
CA LYS A 501 23.35 -46.84 23.30
C LYS A 501 24.59 -46.09 23.74
N ASN A 502 25.52 -46.76 24.43
CA ASN A 502 26.69 -46.07 24.97
C ASN A 502 27.87 -46.02 24.00
N THR A 503 27.70 -46.50 22.76
CA THR A 503 28.67 -46.32 21.67
C THR A 503 27.94 -46.07 20.36
N ALA A 504 26.91 -45.22 20.38
CA ALA A 504 26.08 -44.97 19.21
C ALA A 504 26.88 -44.27 18.11
N PHE A 505 26.74 -44.76 16.87
CA PHE A 505 27.39 -44.13 15.75
C PHE A 505 26.63 -44.30 14.44
N GLU A 506 25.40 -44.81 14.47
CA GLU A 506 24.70 -45.13 13.24
C GLU A 506 24.12 -43.87 12.62
N ASN A 507 23.54 -44.04 11.43
CA ASN A 507 22.83 -42.98 10.72
C ASN A 507 23.78 -41.88 10.25
N GLN A 508 24.93 -42.24 9.71
CA GLN A 508 25.78 -41.26 9.07
C GLN A 508 25.22 -40.92 7.69
N LYS A 509 25.43 -39.68 7.25
CA LYS A 509 25.08 -39.26 5.89
C LYS A 509 26.23 -38.49 5.27
N PRO A 510 27.31 -39.18 4.89
CA PRO A 510 28.49 -38.48 4.40
C PRO A 510 28.23 -37.70 3.13
N LYS A 511 28.75 -36.47 3.14
CA LYS A 511 28.67 -35.57 2.01
C LYS A 511 29.56 -36.04 0.86
N GLY A 512 29.12 -35.71 -0.35
CA GLY A 512 29.88 -36.04 -1.55
C GLY A 512 30.62 -34.82 -2.10
N TYR A 513 31.87 -35.05 -2.47
CA TYR A 513 32.76 -34.03 -3.02
C TYR A 513 33.28 -34.43 -4.40
N TYR A 514 33.90 -33.45 -5.10
CA TYR A 514 34.58 -33.84 -6.32
C TYR A 514 35.92 -34.50 -6.00
N PRO A 515 36.25 -35.61 -6.65
CA PRO A 515 37.58 -36.16 -6.49
C PRO A 515 38.60 -35.09 -6.87
N GLN A 516 39.72 -35.09 -6.17
CA GLN A 516 40.67 -34.00 -6.41
C GLN A 516 41.51 -34.25 -7.64
N THR A 517 41.70 -35.52 -7.98
CA THR A 517 42.42 -35.94 -9.18
C THR A 517 41.73 -37.17 -9.75
N TYR A 518 42.07 -37.51 -11.00
CA TYR A 518 41.49 -38.65 -11.68
C TYR A 518 42.60 -39.54 -12.23
N ASP A 519 42.32 -40.86 -12.29
CA ASP A 519 43.39 -41.85 -12.48
C ASP A 519 43.93 -41.87 -13.91
N THR A 520 43.06 -41.81 -14.92
CA THR A 520 43.47 -42.01 -16.31
C THR A 520 44.30 -40.84 -16.82
N LYS A 521 45.61 -41.06 -17.00
CA LYS A 521 46.44 -40.08 -17.65
C LYS A 521 46.54 -40.32 -19.16
N GLU A 522 46.16 -41.51 -19.63
CA GLU A 522 46.19 -41.86 -21.06
C GLU A 522 45.08 -42.86 -21.37
N GLY A 523 43.99 -42.39 -22.01
CA GLY A 523 42.90 -43.27 -22.41
C GLY A 523 43.01 -43.79 -23.86
N HIS A 524 42.21 -44.82 -24.14
CA HIS A 524 42.20 -45.45 -25.46
C HIS A 524 40.79 -45.82 -25.87
N TYR A 525 40.51 -45.75 -27.17
CA TYR A 525 39.28 -46.24 -27.75
C TYR A 525 39.62 -46.95 -29.05
N ASP A 526 38.93 -48.05 -29.33
CA ASP A 526 39.05 -48.69 -30.64
C ASP A 526 38.33 -47.87 -31.72
N VAL A 527 38.71 -48.10 -32.98
CA VAL A 527 38.00 -47.48 -34.10
C VAL A 527 36.70 -48.26 -34.36
N ASP A 528 35.76 -48.18 -33.41
CA ASP A 528 34.48 -48.89 -33.47
C ASP A 528 33.33 -48.10 -34.10
N ASN A 529 33.61 -46.95 -34.73
CA ASN A 529 32.61 -46.10 -35.40
C ASN A 529 31.46 -45.73 -34.48
N ALA A 530 31.72 -45.57 -33.18
CA ALA A 530 30.65 -45.26 -32.23
C ALA A 530 30.98 -44.00 -31.45
N GLU A 531 29.96 -43.47 -30.77
CA GLU A 531 30.12 -42.29 -29.93
C GLU A 531 30.50 -42.69 -28.52
N HIS A 532 31.44 -41.96 -27.94
CA HIS A 532 31.86 -42.19 -26.57
C HIS A 532 31.80 -40.89 -25.79
N ASP A 533 31.59 -40.99 -24.47
CA ASP A 533 31.55 -39.80 -23.63
C ASP A 533 32.74 -39.78 -22.68
N ILE A 534 33.58 -38.75 -22.81
CA ILE A 534 34.82 -38.67 -22.03
C ILE A 534 34.54 -38.46 -20.54
N LEU A 535 33.46 -37.75 -20.19
CA LEU A 535 33.20 -37.59 -18.77
C LEU A 535 32.70 -38.89 -18.18
N THR A 536 31.79 -39.56 -18.87
CA THR A 536 31.31 -40.86 -18.43
C THR A 536 32.46 -41.83 -18.24
N ASP A 537 33.39 -41.88 -19.20
CA ASP A 537 34.40 -42.91 -19.22
C ASP A 537 35.63 -42.59 -18.39
N PHE A 538 35.96 -41.32 -18.15
CA PHE A 538 37.25 -41.00 -17.53
C PHE A 538 37.19 -39.99 -16.37
N VAL A 539 36.20 -39.09 -16.30
CA VAL A 539 36.18 -38.03 -15.29
C VAL A 539 34.82 -38.10 -14.60
N PHE A 540 34.71 -38.94 -13.59
CA PHE A 540 33.43 -39.31 -13.04
C PHE A 540 33.62 -39.62 -11.56
N GLY A 541 32.51 -39.64 -10.84
CA GLY A 541 32.52 -40.13 -9.47
C GLY A 541 32.55 -39.03 -8.42
N THR A 542 32.52 -39.49 -7.17
CA THR A 542 32.32 -38.70 -5.96
C THR A 542 33.18 -39.29 -4.85
N VAL A 543 33.80 -38.46 -4.02
CA VAL A 543 34.49 -38.95 -2.84
C VAL A 543 33.79 -38.44 -1.59
N THR A 544 34.14 -39.04 -0.46
CA THR A 544 33.81 -38.53 0.87
C THR A 544 34.88 -37.53 1.29
N LYS A 545 34.61 -36.81 2.39
CA LYS A 545 35.59 -35.92 2.99
C LYS A 545 36.92 -36.61 3.30
N ARG A 546 36.92 -37.93 3.48
CA ARG A 546 38.12 -38.69 3.75
C ARG A 546 38.65 -39.38 2.50
N ASN A 547 38.17 -38.94 1.32
CA ASN A 547 38.68 -39.30 0.01
C ASN A 547 38.42 -40.77 -0.33
N THR A 548 37.29 -41.30 0.12
CA THR A 548 36.84 -42.63 -0.22
C THR A 548 36.02 -42.51 -1.51
N PHE A 549 36.52 -43.14 -2.58
CA PHE A 549 35.93 -42.97 -3.90
C PHE A 549 34.72 -43.88 -4.10
N ILE A 550 33.63 -43.30 -4.61
CA ILE A 550 32.40 -44.01 -5.01
C ILE A 550 32.16 -43.69 -6.48
N GLY A 551 32.32 -44.69 -7.35
CA GLY A 551 32.30 -44.49 -8.79
C GLY A 551 30.92 -44.32 -9.40
N ASP A 552 29.95 -45.09 -8.94
CA ASP A 552 28.60 -45.05 -9.50
C ASP A 552 27.63 -45.55 -8.42
N GLU A 553 26.36 -45.75 -8.82
CA GLU A 553 25.31 -46.06 -7.87
C GLU A 553 25.47 -47.45 -7.25
N GLU A 554 26.10 -48.39 -7.96
CA GLU A 554 26.33 -49.71 -7.40
C GLU A 554 27.48 -49.70 -6.39
N ALA A 555 28.50 -48.86 -6.62
CA ALA A 555 29.51 -48.66 -5.59
C ALA A 555 28.94 -48.02 -4.36
N PHE A 556 27.91 -47.17 -4.52
CA PHE A 556 27.29 -46.54 -3.36
C PHE A 556 26.48 -47.56 -2.56
N ALA A 557 25.82 -48.50 -3.26
CA ALA A 557 25.02 -49.51 -2.56
C ALA A 557 25.90 -50.41 -1.68
N ILE A 558 27.08 -50.81 -2.19
CA ILE A 558 28.00 -51.52 -1.32
C ILE A 558 28.43 -50.62 -0.17
N TYR A 559 28.69 -49.34 -0.45
CA TYR A 559 29.08 -48.42 0.60
C TYR A 559 28.00 -48.31 1.68
N LYS A 560 26.73 -48.23 1.29
CA LYS A 560 25.61 -48.12 2.21
C LYS A 560 25.48 -49.34 3.12
N GLU A 561 26.16 -50.44 2.81
CA GLU A 561 26.09 -51.65 3.61
C GLU A 561 27.27 -51.80 4.55
N GLY A 562 28.16 -50.81 4.58
CA GLY A 562 29.27 -50.83 5.52
C GLY A 562 28.78 -50.98 6.96
N ALA A 563 29.54 -51.75 7.75
CA ALA A 563 29.18 -52.04 9.13
C ALA A 563 30.41 -52.07 10.02
N VAL A 564 30.22 -51.67 11.26
CA VAL A 564 31.18 -51.90 12.34
C VAL A 564 30.50 -52.85 13.32
N ASP A 565 31.19 -53.96 13.62
CA ASP A 565 30.65 -55.07 14.43
C ASP A 565 29.22 -55.43 14.03
N GLY A 566 29.00 -55.60 12.74
CA GLY A 566 27.65 -55.91 12.30
C GLY A 566 26.65 -54.78 12.42
N ARG A 567 27.06 -53.61 12.90
CA ARG A 567 26.16 -52.46 12.95
C ARG A 567 26.38 -51.59 11.72
N GLN A 568 25.32 -51.35 10.97
CA GLN A 568 25.44 -50.62 9.71
C GLN A 568 25.32 -49.13 9.99
N TYR A 569 26.34 -48.36 9.62
CA TYR A 569 26.48 -46.99 10.10
C TYR A 569 25.97 -45.96 9.12
N VAL A 570 25.46 -46.35 7.97
CA VAL A 570 24.93 -45.41 7.00
C VAL A 570 23.41 -45.41 7.08
N SER A 571 22.84 -44.22 7.05
CA SER A 571 21.40 -44.08 7.14
C SER A 571 20.71 -44.88 6.04
N LYS A 572 19.65 -45.62 6.41
CA LYS A 572 19.01 -46.54 5.48
C LYS A 572 18.36 -45.79 4.32
N ASP A 573 17.86 -44.57 4.55
CA ASP A 573 17.17 -43.82 3.52
C ASP A 573 18.05 -42.80 2.77
N TYR A 574 19.37 -42.85 2.96
CA TYR A 574 20.29 -41.99 2.23
C TYR A 574 20.44 -42.52 0.81
N THR A 575 20.14 -41.68 -0.18
CA THR A 575 20.10 -42.07 -1.58
C THR A 575 21.34 -41.55 -2.31
N TYR A 576 21.76 -42.30 -3.34
CA TYR A 576 22.86 -41.87 -4.20
C TYR A 576 22.63 -40.48 -4.82
N GLU A 577 21.40 -40.16 -5.22
CA GLU A 577 21.15 -38.83 -5.78
C GLU A 577 21.55 -37.73 -4.81
N ALA A 578 21.30 -37.94 -3.51
CA ALA A 578 21.66 -36.94 -2.52
C ALA A 578 23.16 -36.93 -2.24
N PHE A 579 23.86 -38.01 -2.54
CA PHE A 579 25.30 -38.08 -2.26
C PHE A 579 26.15 -37.59 -3.43
N ARG A 580 25.80 -37.93 -4.66
CA ARG A 580 26.71 -37.81 -5.80
C ARG A 580 26.80 -36.37 -6.28
N LYS A 581 27.97 -36.04 -6.83
CA LYS A 581 28.12 -34.79 -7.55
C LYS A 581 27.54 -34.91 -8.95
N ASP A 582 26.86 -33.88 -9.41
CA ASP A 582 26.16 -33.99 -10.68
C ASP A 582 27.01 -33.55 -11.87
N TYR A 583 28.15 -32.90 -11.64
CA TYR A 583 29.05 -32.48 -12.71
C TYR A 583 28.43 -31.43 -13.63
N LYS A 584 27.36 -30.77 -13.19
CA LYS A 584 26.70 -29.76 -14.00
C LYS A 584 27.70 -28.66 -14.36
N GLY A 585 27.67 -28.25 -15.64
CA GLY A 585 28.58 -27.22 -16.10
C GLY A 585 29.98 -27.68 -16.41
N TYR A 586 30.26 -28.98 -16.36
CA TYR A 586 31.58 -29.44 -16.74
C TYR A 586 31.73 -29.39 -18.25
N LYS A 587 32.93 -29.02 -18.70
CA LYS A 587 33.18 -28.86 -20.13
C LYS A 587 34.49 -29.51 -20.49
N VAL A 588 34.54 -30.10 -21.69
CA VAL A 588 35.71 -30.81 -22.19
C VAL A 588 36.31 -30.05 -23.37
N HIS A 589 37.58 -29.70 -23.26
CA HIS A 589 38.30 -29.07 -24.35
C HIS A 589 39.23 -30.09 -25.01
N LEU A 590 39.04 -30.30 -26.30
CA LEU A 590 39.84 -31.25 -27.06
C LEU A 590 40.78 -30.54 -28.01
N THR A 591 42.01 -31.03 -28.10
CA THR A 591 42.97 -30.56 -29.08
C THR A 591 43.40 -31.75 -29.94
N ALA A 592 43.02 -31.77 -31.21
CA ALA A 592 43.38 -32.89 -32.07
C ALA A 592 44.86 -32.82 -32.46
N SER A 593 45.34 -33.87 -33.14
CA SER A 593 46.71 -33.85 -33.66
C SER A 593 46.89 -32.75 -34.70
N ASN A 594 45.79 -32.32 -35.32
CA ASN A 594 45.53 -31.08 -36.02
C ASN A 594 46.04 -29.80 -35.36
N LEU A 595 46.09 -29.80 -34.04
CA LEU A 595 46.06 -28.63 -33.16
C LEU A 595 44.72 -27.92 -33.22
N GLY A 596 43.73 -28.48 -33.90
CA GLY A 596 42.40 -27.90 -33.89
C GLY A 596 41.67 -28.16 -32.57
N GLU A 597 40.81 -27.20 -32.19
CA GLU A 597 40.22 -27.18 -30.87
C GLU A 597 38.71 -27.30 -30.90
N THR A 598 38.15 -28.07 -29.99
CA THR A 598 36.72 -28.24 -29.91
C THR A 598 36.34 -28.38 -28.45
N VAL A 599 35.10 -28.04 -28.15
CA VAL A 599 34.58 -28.13 -26.81
C VAL A 599 33.39 -29.08 -26.86
N THR A 600 33.59 -30.29 -26.36
CA THR A 600 32.60 -31.36 -26.44
C THR A 600 33.08 -32.53 -25.60
N SER A 601 32.16 -33.18 -24.89
CA SER A 601 32.53 -34.38 -24.16
C SER A 601 32.43 -35.65 -25.00
N LYS A 602 31.72 -35.60 -26.13
CA LYS A 602 31.52 -36.72 -27.05
C LYS A 602 32.62 -36.77 -28.10
N VAL A 603 33.12 -37.97 -28.37
CA VAL A 603 33.98 -38.23 -29.52
C VAL A 603 33.38 -39.41 -30.27
N THR A 604 33.53 -39.41 -31.59
CA THR A 604 33.14 -40.55 -32.42
C THR A 604 34.40 -41.16 -33.01
N ALA A 605 34.60 -42.45 -32.75
CA ALA A 605 35.83 -43.15 -33.06
C ALA A 605 35.77 -43.73 -34.48
N THR A 606 35.92 -42.84 -35.46
CA THR A 606 35.86 -43.24 -36.86
C THR A 606 37.22 -43.48 -37.47
N THR A 607 38.29 -42.98 -36.85
CA THR A 607 39.62 -43.07 -37.43
C THR A 607 40.69 -42.86 -36.37
N ASP A 608 41.89 -43.31 -36.69
CA ASP A 608 43.08 -43.14 -35.88
C ASP A 608 43.36 -41.67 -35.59
N GLU A 609 43.26 -41.28 -34.32
CA GLU A 609 43.37 -39.89 -33.92
C GLU A 609 43.96 -39.83 -32.51
N THR A 610 44.42 -38.64 -32.12
CA THR A 610 44.86 -38.37 -30.75
C THR A 610 44.38 -36.99 -30.32
N TYR A 611 43.62 -36.90 -29.23
CA TYR A 611 43.25 -35.62 -28.65
C TYR A 611 43.96 -35.38 -27.34
N LEU A 612 44.37 -34.15 -27.09
CA LEU A 612 44.65 -33.74 -25.72
C LEU A 612 43.36 -33.21 -25.10
N VAL A 613 43.08 -33.69 -23.89
CA VAL A 613 41.84 -33.42 -23.19
C VAL A 613 42.17 -32.53 -22.00
N ASP A 614 41.44 -31.43 -21.88
CA ASP A 614 41.49 -30.57 -20.71
C ASP A 614 40.07 -30.48 -20.19
N VAL A 615 39.83 -31.03 -18.99
CA VAL A 615 38.50 -31.01 -18.39
C VAL A 615 38.40 -29.86 -17.41
N SER A 616 37.29 -29.13 -17.50
CA SER A 616 37.05 -27.93 -16.73
C SER A 616 35.68 -28.00 -16.06
N ASP A 617 35.58 -27.34 -14.90
CA ASP A 617 34.35 -27.29 -14.12
C ASP A 617 33.63 -25.95 -14.26
N GLY A 618 34.06 -25.10 -15.18
CA GLY A 618 33.52 -23.77 -15.33
C GLY A 618 34.43 -22.69 -14.80
N GLU A 619 35.41 -23.06 -13.95
CA GLU A 619 36.35 -22.12 -13.33
C GLU A 619 37.80 -22.56 -13.46
N LYS A 620 38.10 -23.84 -13.28
CA LYS A 620 39.49 -24.30 -13.31
C LYS A 620 39.59 -25.60 -14.10
N VAL A 621 40.82 -26.01 -14.36
CA VAL A 621 41.13 -27.24 -15.06
C VAL A 621 41.22 -28.36 -14.04
N VAL A 622 40.24 -29.26 -14.01
CA VAL A 622 40.28 -30.33 -13.02
C VAL A 622 41.11 -31.53 -13.50
N HIS A 623 41.22 -31.75 -14.81
CA HIS A 623 41.89 -32.95 -15.30
C HIS A 623 42.53 -32.72 -16.67
N HIS A 624 43.72 -33.30 -16.84
CA HIS A 624 44.40 -33.29 -18.12
C HIS A 624 44.88 -34.71 -18.44
N MET A 625 44.53 -35.19 -19.63
CA MET A 625 44.95 -36.51 -20.08
C MET A 625 45.04 -36.50 -21.59
N LYS A 626 45.73 -37.51 -22.13
CA LYS A 626 45.80 -37.76 -23.56
C LYS A 626 44.84 -38.90 -23.91
N LEU A 627 44.18 -38.80 -25.06
CA LEU A 627 43.28 -39.86 -25.50
C LEU A 627 43.71 -40.34 -26.89
N ASN A 628 43.88 -41.64 -27.03
CA ASN A 628 44.25 -42.24 -28.31
C ASN A 628 43.08 -43.00 -28.90
N ILE A 629 42.87 -42.82 -30.19
CA ILE A 629 41.82 -43.55 -30.89
C ILE A 629 42.49 -44.40 -31.95
N GLY A 630 42.28 -45.72 -31.88
CA GLY A 630 43.05 -46.65 -32.70
C GLY A 630 44.51 -46.60 -32.33
N SER A 631 45.36 -46.48 -33.35
CA SER A 631 46.79 -46.30 -33.11
C SER A 631 47.17 -44.84 -32.92
N GLY A 632 46.19 -43.95 -32.84
CA GLY A 632 46.51 -42.58 -32.56
C GLY A 632 47.14 -41.85 -33.73
N ALA A 633 47.67 -40.69 -33.41
CA ALA A 633 48.29 -39.84 -34.41
C ALA A 633 49.31 -38.95 -33.71
N ILE A 634 50.46 -38.74 -34.36
CA ILE A 634 51.47 -37.88 -33.79
C ILE A 634 50.92 -36.45 -33.74
N MET A 635 51.35 -35.69 -32.73
CA MET A 635 50.83 -34.35 -32.51
C MET A 635 51.59 -33.38 -33.41
N MET A 636 50.88 -32.62 -34.25
CA MET A 636 51.60 -31.70 -35.11
C MET A 636 52.04 -30.47 -34.31
N GLU A 637 53.05 -29.80 -34.82
CA GLU A 637 53.49 -28.50 -34.32
C GLU A 637 53.05 -27.40 -35.26
N ASN A 638 52.96 -26.19 -34.71
CA ASN A 638 52.85 -24.98 -35.54
C ASN A 638 54.25 -24.53 -35.98
N LEU A 639 54.69 -24.99 -37.15
CA LEU A 639 56.03 -24.64 -37.61
C LEU A 639 56.15 -23.16 -37.95
N ALA A 640 55.04 -22.50 -38.20
CA ALA A 640 54.96 -21.08 -38.46
C ALA A 640 55.08 -20.23 -37.22
N LYS A 641 55.24 -20.81 -36.04
CA LYS A 641 55.28 -19.99 -34.84
C LYS A 641 56.53 -19.13 -34.85
N GLY A 642 56.36 -17.82 -34.73
CA GLY A 642 57.50 -16.93 -34.79
C GLY A 642 58.21 -16.85 -36.13
N ALA A 643 57.51 -17.10 -37.23
CA ALA A 643 58.15 -17.04 -38.54
C ALA A 643 58.55 -15.60 -38.87
N LYS A 644 59.75 -15.43 -39.42
CA LYS A 644 60.20 -14.10 -39.81
C LYS A 644 59.39 -13.59 -41.01
N VAL A 645 58.87 -12.39 -40.88
CA VAL A 645 58.26 -11.71 -42.02
C VAL A 645 59.38 -11.15 -42.90
N ILE A 646 59.37 -11.51 -44.19
CA ILE A 646 60.37 -11.02 -45.13
C ILE A 646 59.78 -10.07 -46.17
N GLY A 647 58.49 -9.81 -46.12
CA GLY A 647 57.87 -8.95 -47.09
C GLY A 647 56.37 -8.88 -46.91
N THR A 648 55.81 -7.68 -47.12
CA THR A 648 54.37 -7.53 -47.06
C THR A 648 53.96 -6.25 -47.78
N SER A 649 52.77 -6.31 -48.37
CA SER A 649 52.12 -5.12 -48.90
C SER A 649 51.51 -4.25 -47.82
N GLY A 650 51.55 -4.68 -46.56
CA GLY A 650 51.06 -3.86 -45.47
C GLY A 650 52.16 -3.34 -44.59
N ASP A 651 51.86 -3.11 -43.32
CA ASP A 651 52.86 -2.66 -42.39
C ASP A 651 53.68 -3.82 -41.85
N PHE A 652 54.99 -3.60 -41.78
CA PHE A 652 55.94 -4.67 -41.48
C PHE A 652 55.74 -5.23 -40.08
N GLU A 653 55.35 -4.38 -39.11
CA GLU A 653 55.25 -4.82 -37.73
C GLU A 653 53.85 -5.22 -37.31
N GLN A 654 52.81 -4.83 -38.06
CA GLN A 654 51.53 -5.52 -37.91
C GLN A 654 51.60 -6.92 -38.49
N ALA A 655 52.48 -7.14 -39.49
CA ALA A 655 52.55 -8.45 -40.12
C ALA A 655 53.15 -9.48 -39.17
N LYS A 656 54.15 -9.07 -38.40
CA LYS A 656 54.81 -9.94 -37.47
C LYS A 656 53.88 -10.48 -36.39
N LYS A 657 52.70 -9.88 -36.19
CA LYS A 657 51.79 -10.36 -35.16
C LYS A 657 50.91 -11.52 -35.62
N ILE A 658 50.88 -11.88 -36.90
CA ILE A 658 50.10 -13.08 -37.28
C ILE A 658 50.83 -14.38 -36.95
N PHE A 659 52.04 -14.31 -36.43
CA PHE A 659 52.83 -15.49 -36.09
C PHE A 659 53.21 -15.51 -34.62
N ASP A 660 52.56 -14.71 -33.78
CA ASP A 660 52.73 -14.91 -32.35
C ASP A 660 51.81 -16.05 -31.92
N GLY A 661 51.34 -16.04 -30.69
CA GLY A 661 50.51 -17.18 -30.35
C GLY A 661 49.06 -16.80 -30.27
N GLU A 662 48.77 -15.53 -30.49
CA GLU A 662 47.55 -14.89 -30.00
C GLU A 662 46.60 -14.56 -31.13
N LYS A 663 45.41 -14.13 -30.74
CA LYS A 663 44.41 -13.61 -31.66
C LYS A 663 44.01 -12.19 -31.27
N SER A 664 44.87 -11.50 -30.51
CA SER A 664 44.60 -10.18 -29.93
C SER A 664 45.14 -9.05 -30.80
N ASP A 665 45.07 -9.22 -32.12
CA ASP A 665 45.71 -8.33 -33.08
C ASP A 665 45.00 -8.56 -34.41
N ARG A 666 45.27 -7.69 -35.36
CA ARG A 666 44.61 -7.84 -36.65
C ARG A 666 45.53 -7.28 -37.73
N PHE A 667 45.56 -7.95 -38.87
CA PHE A 667 46.34 -7.50 -40.02
C PHE A 667 45.42 -7.16 -41.17
N PHE A 668 45.49 -5.92 -41.63
CA PHE A 668 44.74 -5.49 -42.80
C PHE A 668 45.53 -4.39 -43.50
N THR A 669 45.17 -4.14 -44.75
CA THR A 669 45.69 -2.99 -45.47
C THR A 669 44.53 -2.16 -45.98
N TRP A 670 44.85 -0.97 -46.47
CA TRP A 670 43.81 -0.13 -47.06
C TRP A 670 43.50 -0.77 -48.40
N GLY A 671 42.38 -1.50 -48.46
CA GLY A 671 42.00 -2.27 -49.62
C GLY A 671 41.56 -3.70 -49.36
N GLN A 672 41.15 -4.38 -50.43
CA GLN A 672 40.57 -5.72 -50.44
C GLN A 672 41.60 -6.83 -50.66
N THR A 673 42.88 -6.50 -50.87
CA THR A 673 43.89 -7.51 -51.15
C THR A 673 45.20 -7.11 -50.47
N ASN A 674 45.96 -8.11 -50.04
CA ASN A 674 47.28 -7.92 -49.44
C ASN A 674 48.01 -9.26 -49.42
N TRP A 675 49.27 -9.21 -49.00
CA TRP A 675 50.05 -10.44 -48.90
C TRP A 675 51.13 -10.28 -47.84
N ILE A 676 51.43 -11.39 -47.16
CA ILE A 676 52.57 -11.51 -46.26
C ILE A 676 53.41 -12.69 -46.71
N ALA A 677 54.72 -12.46 -46.80
CA ALA A 677 55.69 -13.48 -47.18
C ALA A 677 56.61 -13.73 -46.00
N PHE A 678 56.74 -14.99 -45.60
CA PHE A 678 57.42 -15.32 -44.36
C PHE A 678 58.35 -16.50 -44.54
N ASP A 679 59.30 -16.62 -43.62
CA ASP A 679 60.30 -17.67 -43.68
C ASP A 679 60.28 -18.49 -42.40
N LEU A 680 59.86 -19.76 -42.53
CA LEU A 680 59.79 -20.67 -41.39
C LEU A 680 61.16 -21.01 -40.83
N GLY A 681 62.23 -20.48 -41.43
CA GLY A 681 63.60 -20.64 -40.99
C GLY A 681 64.21 -21.98 -41.42
N GLU A 682 63.79 -23.06 -40.76
CA GLU A 682 64.27 -24.40 -41.11
C GLU A 682 63.45 -24.87 -42.29
N ILE A 683 63.56 -26.13 -42.66
CA ILE A 683 62.82 -26.59 -43.79
C ILE A 683 62.25 -27.98 -43.44
N ASN A 684 60.96 -28.03 -43.10
CA ASN A 684 60.32 -29.23 -42.58
C ASN A 684 59.08 -29.59 -43.42
N LEU A 685 58.30 -30.53 -42.91
CA LEU A 685 57.17 -31.03 -43.69
C LEU A 685 55.87 -30.50 -43.12
N ALA A 686 55.07 -29.93 -44.01
CA ALA A 686 53.84 -29.23 -43.68
C ALA A 686 52.69 -30.08 -44.19
N LYS A 687 51.71 -30.30 -43.34
CA LYS A 687 50.55 -31.09 -43.68
C LYS A 687 49.24 -30.33 -43.63
N GLU A 688 49.09 -29.35 -42.76
CA GLU A 688 47.90 -28.53 -42.76
C GLU A 688 48.27 -27.08 -42.50
N TRP A 689 47.30 -26.21 -42.68
CA TRP A 689 47.42 -24.79 -42.36
C TRP A 689 46.12 -24.36 -41.74
N ARG A 690 46.20 -23.33 -40.91
CA ARG A 690 45.03 -22.79 -40.24
C ARG A 690 45.09 -21.28 -40.29
N LEU A 691 43.98 -20.67 -40.66
CA LEU A 691 43.82 -19.22 -40.62
C LEU A 691 42.75 -18.87 -39.60
N PHE A 692 43.08 -17.95 -38.71
CA PHE A 692 42.10 -17.39 -37.78
C PHE A 692 41.61 -16.07 -38.35
N ASN A 693 40.32 -16.02 -38.69
CA ASN A 693 39.78 -14.91 -39.46
C ASN A 693 39.57 -13.68 -38.57
N ALA A 694 38.97 -12.64 -39.16
CA ALA A 694 38.81 -11.36 -38.47
C ALA A 694 38.02 -11.53 -37.17
N GLU A 695 36.95 -12.32 -37.21
CA GLU A 695 36.06 -12.43 -36.06
C GLU A 695 36.63 -13.21 -34.89
N THR A 696 37.82 -13.79 -34.98
CA THR A 696 38.46 -14.41 -33.82
C THR A 696 39.24 -13.41 -32.96
N ASN A 697 39.19 -12.12 -33.29
CA ASN A 697 39.94 -11.10 -32.55
C ASN A 697 39.50 -11.08 -31.08
N THR A 698 40.47 -11.24 -30.17
CA THR A 698 40.21 -11.29 -28.73
C THR A 698 40.45 -9.95 -28.03
N GLU A 699 40.72 -8.88 -28.78
CA GLU A 699 40.90 -7.55 -28.20
C GLU A 699 39.85 -6.56 -28.67
N ILE A 700 39.19 -6.82 -29.80
CA ILE A 700 38.09 -6.00 -30.30
C ILE A 700 36.99 -6.94 -30.77
N LYS A 701 35.76 -6.74 -30.29
CA LYS A 701 34.66 -7.52 -30.83
C LYS A 701 34.50 -7.20 -32.31
N THR A 702 34.91 -8.13 -33.16
CA THR A 702 34.99 -7.89 -34.60
C THR A 702 33.92 -8.72 -35.27
N ASP A 703 33.17 -8.09 -36.18
CA ASP A 703 32.08 -8.80 -36.80
C ASP A 703 32.60 -9.57 -38.01
N SER A 704 31.81 -10.53 -38.48
CA SER A 704 32.26 -11.44 -39.51
C SER A 704 32.31 -10.77 -40.87
N SER A 705 31.63 -9.63 -41.02
CA SER A 705 31.70 -8.87 -42.25
C SER A 705 33.11 -8.37 -42.54
N LEU A 706 33.99 -8.37 -41.55
CA LEU A 706 35.38 -8.03 -41.78
C LEU A 706 36.25 -9.25 -42.11
N ASN A 707 35.67 -10.42 -42.34
CA ASN A 707 36.47 -11.62 -42.51
C ASN A 707 37.07 -11.70 -43.92
N VAL A 708 38.29 -12.24 -44.00
CA VAL A 708 38.82 -12.74 -45.27
C VAL A 708 37.84 -13.73 -45.85
N ALA A 709 37.52 -13.57 -47.15
CA ALA A 709 36.64 -14.50 -47.84
C ALA A 709 37.30 -15.29 -48.97
N LYS A 710 38.41 -14.80 -49.51
CA LYS A 710 39.14 -15.48 -50.57
C LYS A 710 40.64 -15.31 -50.31
N GLY A 711 41.41 -16.37 -50.55
CA GLY A 711 42.85 -16.26 -50.33
C GLY A 711 43.61 -17.43 -50.92
N ARG A 712 44.94 -17.30 -50.89
CA ARG A 712 45.83 -18.32 -51.45
C ARG A 712 47.10 -18.38 -50.62
N LEU A 713 47.45 -19.59 -50.21
CA LEU A 713 48.69 -19.88 -49.52
C LEU A 713 49.67 -20.46 -50.53
N GLN A 714 50.91 -19.98 -50.49
CA GLN A 714 51.81 -20.29 -51.59
C GLN A 714 53.22 -20.58 -51.09
N ILE A 715 53.98 -21.22 -51.99
CA ILE A 715 55.33 -21.64 -51.70
C ILE A 715 56.22 -20.95 -52.73
N LEU A 716 57.44 -20.58 -52.33
CA LEU A 716 58.36 -20.00 -53.29
C LEU A 716 58.67 -21.05 -54.36
N LYS A 717 58.41 -20.72 -55.64
CA LYS A 717 58.51 -21.80 -56.62
C LYS A 717 59.94 -22.18 -56.92
N ASP A 718 60.85 -21.21 -56.99
CA ASP A 718 62.24 -21.55 -57.22
C ASP A 718 63.02 -21.57 -55.91
N THR A 719 63.50 -22.76 -55.56
CA THR A 719 64.22 -23.02 -54.32
C THR A 719 65.69 -22.61 -54.42
N THR A 720 66.20 -22.43 -55.63
CA THR A 720 67.59 -22.12 -55.96
C THR A 720 67.85 -20.62 -55.91
N ILE A 721 67.29 -19.85 -54.99
CA ILE A 721 67.49 -18.41 -55.03
C ILE A 721 67.82 -17.89 -53.63
N ASP A 722 68.87 -17.06 -53.53
CA ASP A 722 69.24 -16.41 -52.26
C ASP A 722 68.49 -15.10 -52.14
N LEU A 723 67.47 -15.07 -51.28
CA LEU A 723 66.62 -13.90 -51.21
C LEU A 723 67.35 -12.73 -50.53
N GLU A 724 68.38 -13.00 -49.72
CA GLU A 724 69.11 -11.93 -49.06
C GLU A 724 70.22 -11.33 -49.94
N LYS A 725 70.52 -11.89 -51.11
CA LYS A 725 71.42 -11.20 -52.03
C LYS A 725 70.71 -10.14 -52.87
N MET A 726 69.38 -10.18 -52.96
CA MET A 726 68.68 -9.09 -53.61
C MET A 726 68.65 -7.88 -52.68
N ASP A 727 68.54 -6.68 -53.27
CA ASP A 727 68.44 -5.51 -52.43
C ASP A 727 66.97 -5.30 -52.02
N ILE A 728 66.76 -4.34 -51.12
CA ILE A 728 65.47 -4.19 -50.45
C ILE A 728 64.34 -4.02 -51.47
N LYS A 729 64.53 -3.10 -52.44
CA LYS A 729 63.51 -2.77 -53.40
C LYS A 729 63.26 -3.90 -54.40
N ASN A 730 64.32 -4.50 -54.95
CA ASN A 730 64.14 -5.67 -55.80
C ASN A 730 63.47 -6.81 -55.03
N ARG A 731 63.92 -7.06 -53.81
CA ARG A 731 63.34 -8.16 -53.03
C ARG A 731 61.84 -7.98 -52.88
N LYS A 732 61.39 -6.75 -52.56
CA LYS A 732 59.97 -6.52 -52.38
C LYS A 732 59.19 -6.83 -53.65
N GLU A 733 59.72 -6.45 -54.82
CA GLU A 733 58.98 -6.69 -56.06
C GLU A 733 59.05 -8.14 -56.51
N TYR A 734 60.11 -8.88 -56.16
CA TYR A 734 60.11 -10.32 -56.40
C TYR A 734 58.98 -10.97 -55.62
N LEU A 735 58.88 -10.64 -54.32
CA LEU A 735 57.90 -11.25 -53.43
C LEU A 735 56.47 -10.89 -53.84
N SER A 736 56.28 -9.72 -54.48
CA SER A 736 54.95 -9.29 -54.95
C SER A 736 54.54 -9.96 -56.26
N ASN A 737 55.50 -10.48 -57.02
CA ASN A 737 55.21 -11.03 -58.34
C ASN A 737 54.67 -12.44 -58.19
N ASP A 738 53.43 -12.65 -58.64
CA ASP A 738 52.72 -13.90 -58.44
C ASP A 738 53.41 -15.07 -59.14
N GLU A 739 53.96 -14.83 -60.32
CA GLU A 739 54.57 -15.96 -61.01
C GLU A 739 55.80 -16.54 -60.29
N ASN A 740 56.24 -15.99 -59.14
CA ASN A 740 57.32 -16.59 -58.33
C ASN A 740 56.82 -17.46 -57.18
N TRP A 741 55.53 -17.74 -57.12
CA TRP A 741 54.93 -18.45 -56.01
C TRP A 741 54.06 -19.52 -56.60
N THR A 742 54.02 -20.68 -55.95
CA THR A 742 53.11 -21.76 -56.33
C THR A 742 52.04 -21.88 -55.26
N ASP A 743 50.78 -22.05 -55.68
CA ASP A 743 49.70 -22.32 -54.73
C ASP A 743 49.83 -23.71 -54.14
N VAL A 744 49.57 -23.81 -52.84
CA VAL A 744 49.38 -25.09 -52.16
C VAL A 744 48.03 -25.19 -51.50
N ALA A 745 47.33 -24.06 -51.31
CA ALA A 745 46.00 -24.09 -50.71
C ALA A 745 45.20 -22.87 -51.13
N GLN A 746 43.94 -23.11 -51.41
CA GLN A 746 42.93 -22.10 -51.71
C GLN A 746 42.05 -21.92 -50.48
N MET A 747 41.34 -20.80 -50.44
CA MET A 747 40.34 -20.57 -49.42
C MET A 747 39.19 -19.84 -50.08
N ASP A 748 38.01 -20.46 -50.11
CA ASP A 748 36.87 -19.82 -50.75
C ASP A 748 35.65 -19.89 -49.86
N ASP A 749 35.86 -19.62 -48.57
CA ASP A 749 34.79 -19.45 -47.60
C ASP A 749 35.29 -18.57 -46.47
N ALA A 750 34.42 -17.69 -46.00
CA ALA A 750 34.77 -16.77 -44.92
C ALA A 750 34.45 -17.35 -43.55
N LYS A 751 34.87 -18.59 -43.30
CA LYS A 751 34.76 -19.20 -41.97
C LYS A 751 35.55 -18.40 -40.95
N ALA A 752 35.12 -18.51 -39.68
CA ALA A 752 35.88 -17.90 -38.60
C ALA A 752 37.26 -18.53 -38.46
N ILE A 753 37.34 -19.84 -38.62
CA ILE A 753 38.60 -20.55 -38.60
C ILE A 753 38.61 -21.43 -39.84
N PHE A 754 39.68 -21.33 -40.63
CA PHE A 754 39.76 -22.04 -41.88
C PHE A 754 40.97 -22.95 -41.83
N ASN A 755 40.76 -24.21 -42.21
CA ASN A 755 41.82 -25.18 -42.16
C ASN A 755 41.66 -26.17 -43.31
N SER A 756 42.78 -26.62 -43.86
CA SER A 756 42.75 -27.65 -44.88
C SER A 756 44.15 -28.26 -44.95
N LYS A 757 44.28 -29.29 -45.76
CA LYS A 757 45.53 -30.03 -45.80
C LYS A 757 46.36 -29.68 -47.03
N LEU A 758 47.68 -29.83 -46.88
CA LEU A 758 48.68 -29.62 -47.91
C LEU A 758 49.26 -30.96 -48.33
N SER A 759 49.59 -31.09 -49.63
CA SER A 759 50.16 -32.33 -50.19
C SER A 759 51.65 -32.42 -49.81
N ASN A 760 51.87 -32.62 -48.51
CA ASN A 760 53.20 -32.79 -47.90
C ASN A 760 54.20 -31.80 -48.48
N VAL A 761 53.93 -30.53 -48.22
CA VAL A 761 54.71 -29.42 -48.75
C VAL A 761 55.99 -29.25 -47.94
N LEU A 762 57.10 -29.16 -48.63
CA LEU A 762 58.39 -28.92 -48.01
C LEU A 762 58.90 -27.58 -48.57
N SER A 763 58.75 -26.48 -47.81
CA SER A 763 59.14 -25.15 -48.30
C SER A 763 59.69 -24.34 -47.14
N ARG A 764 60.74 -23.56 -47.44
CA ARG A 764 61.29 -22.66 -46.46
C ARG A 764 60.55 -21.34 -46.50
N TYR A 765 60.10 -20.94 -47.69
CA TYR A 765 59.53 -19.63 -47.96
C TYR A 765 58.07 -19.77 -48.37
N TRP A 766 57.25 -18.89 -47.80
CA TRP A 766 55.81 -18.95 -47.97
C TRP A 766 55.23 -17.56 -48.22
N ARG A 767 54.02 -17.54 -48.76
CA ARG A 767 53.33 -16.26 -48.87
C ARG A 767 51.84 -16.54 -48.80
N PHE A 768 51.14 -15.75 -48.01
CA PHE A 768 49.69 -15.84 -47.96
C PHE A 768 49.09 -14.56 -48.50
N CYS A 769 48.06 -14.71 -49.33
CA CYS A 769 47.45 -13.61 -50.04
C CYS A 769 45.98 -13.55 -49.70
N VAL A 770 45.54 -12.40 -49.21
CA VAL A 770 44.12 -12.11 -49.14
C VAL A 770 43.71 -11.62 -50.52
N ASP A 771 42.72 -12.27 -51.12
CA ASP A 771 42.28 -11.90 -52.45
C ASP A 771 40.94 -11.18 -52.45
N GLY A 772 40.25 -11.14 -51.34
CA GLY A 772 38.97 -10.48 -51.28
C GLY A 772 38.37 -10.69 -49.91
N GLY A 773 37.35 -9.88 -49.61
CA GLY A 773 36.73 -9.88 -48.30
C GLY A 773 35.28 -10.33 -48.33
N ALA A 774 34.75 -10.54 -47.13
CA ALA A 774 33.35 -10.90 -46.99
C ALA A 774 32.41 -9.72 -47.28
N SER A 775 32.92 -8.49 -47.23
CA SER A 775 32.11 -7.30 -47.49
C SER A 775 32.97 -6.27 -48.21
N SER A 776 32.47 -5.02 -48.26
CA SER A 776 33.22 -3.88 -48.77
C SER A 776 34.29 -3.40 -47.80
N TYR A 777 34.19 -3.79 -46.54
CA TYR A 777 35.16 -3.42 -45.53
C TYR A 777 36.52 -4.07 -45.78
N TYR A 778 37.57 -3.49 -45.21
CA TYR A 778 38.91 -4.04 -45.39
C TYR A 778 39.00 -5.35 -44.64
N PRO A 779 39.29 -6.47 -45.32
CA PRO A 779 39.32 -7.76 -44.63
C PRO A 779 40.53 -7.86 -43.71
N GLN A 780 40.33 -8.48 -42.55
CA GLN A 780 41.40 -8.67 -41.56
C GLN A 780 41.43 -10.12 -41.09
N TYR A 781 42.58 -10.51 -40.56
CA TYR A 781 42.74 -11.80 -39.91
C TYR A 781 43.80 -11.67 -38.82
N THR A 782 43.76 -12.61 -37.87
CA THR A 782 44.54 -12.47 -36.65
C THR A 782 45.74 -13.39 -36.57
N GLU A 783 45.69 -14.57 -37.17
CA GLU A 783 46.80 -15.49 -36.96
C GLU A 783 46.83 -16.56 -38.04
N LEU A 784 48.02 -17.05 -38.32
CA LEU A 784 48.20 -18.06 -39.36
C LEU A 784 49.12 -19.16 -38.85
N GLN A 785 48.73 -20.40 -39.13
CA GLN A 785 49.50 -21.56 -38.68
C GLN A 785 49.84 -22.46 -39.85
N ILE A 786 51.06 -22.97 -39.84
CA ILE A 786 51.49 -24.01 -40.77
C ILE A 786 51.88 -25.23 -39.96
N LEU A 787 51.15 -26.32 -40.15
CA LEU A 787 51.14 -27.44 -39.22
C LEU A 787 51.86 -28.64 -39.82
N GLY A 788 52.86 -29.13 -39.10
CA GLY A 788 53.59 -30.29 -39.56
C GLY A 788 54.53 -30.90 -38.53
N GLN A 789 55.57 -31.55 -39.03
CA GLN A 789 56.47 -32.37 -38.23
C GLN A 789 57.86 -31.76 -38.22
N ARG A 790 58.66 -32.21 -37.26
CA ARG A 790 60.05 -31.79 -37.11
C ARG A 790 60.08 -30.33 -36.77
N THR B 4 -28.21 51.01 -23.36
CA THR B 4 -28.80 51.22 -22.03
C THR B 4 -28.16 50.35 -20.95
N ASP B 5 -27.97 50.90 -19.73
CA ASP B 5 -27.47 50.10 -18.63
C ASP B 5 -28.49 49.04 -18.26
N GLN B 6 -29.78 49.33 -18.41
CA GLN B 6 -30.79 48.37 -18.01
C GLN B 6 -31.02 47.29 -19.05
N GLN B 7 -30.74 47.56 -20.33
CA GLN B 7 -30.96 46.54 -21.35
C GLN B 7 -29.73 45.70 -21.61
N VAL B 8 -28.53 46.18 -21.28
CA VAL B 8 -27.39 45.26 -21.27
C VAL B 8 -27.63 44.13 -20.26
N GLY B 9 -28.03 44.48 -19.03
CA GLY B 9 -28.25 43.48 -17.99
C GLY B 9 -29.38 42.51 -18.29
N ALA B 10 -30.49 43.01 -18.85
CA ALA B 10 -31.60 42.13 -19.25
C ALA B 10 -31.19 41.15 -20.33
N LYS B 11 -30.33 41.59 -21.27
CA LYS B 11 -29.96 40.70 -22.35
C LYS B 11 -28.94 39.68 -21.90
N LEU B 12 -28.08 40.07 -20.95
CA LEU B 12 -27.19 39.11 -20.32
C LEU B 12 -27.97 38.04 -19.57
N VAL B 13 -28.94 38.46 -18.75
CA VAL B 13 -29.64 37.51 -17.90
C VAL B 13 -30.42 36.51 -18.73
N GLN B 14 -31.10 36.97 -19.78
CA GLN B 14 -31.86 36.02 -20.58
C GLN B 14 -30.96 35.09 -21.36
N GLU B 15 -29.70 35.48 -21.62
CA GLU B 15 -28.78 34.57 -22.29
C GLU B 15 -28.17 33.58 -21.32
N ILE B 16 -27.97 33.98 -20.06
CA ILE B 16 -27.67 33.02 -19.02
C ILE B 16 -28.87 32.10 -18.81
N ARG B 17 -30.06 32.70 -18.64
CA ARG B 17 -31.26 31.93 -18.25
C ARG B 17 -31.67 30.89 -19.27
N GLU B 18 -31.38 31.10 -20.54
CA GLU B 18 -31.73 30.09 -21.55
C GLU B 18 -30.54 29.23 -21.96
N GLY B 19 -29.44 29.26 -21.20
CA GLY B 19 -28.34 28.33 -21.36
C GLY B 19 -27.58 28.50 -22.64
N LYS B 20 -27.37 29.73 -23.09
CA LYS B 20 -26.60 29.98 -24.30
C LYS B 20 -25.12 30.16 -24.00
N ARG B 21 -24.71 30.00 -22.75
CA ARG B 21 -23.34 30.29 -22.34
C ARG B 21 -22.51 29.02 -22.15
N GLY B 22 -23.10 27.84 -22.32
CA GLY B 22 -22.44 26.59 -22.01
C GLY B 22 -22.22 26.40 -20.53
N PRO B 23 -21.19 25.65 -20.15
CA PRO B 23 -20.88 25.50 -18.73
C PRO B 23 -20.51 26.85 -18.13
N LEU B 24 -21.08 27.14 -16.96
CA LEU B 24 -20.89 28.42 -16.28
C LEU B 24 -19.77 28.31 -15.24
N TYR B 25 -19.13 29.44 -14.99
CA TYR B 25 -18.18 29.61 -13.91
C TYR B 25 -18.58 30.87 -13.18
N ALA B 26 -18.74 30.78 -11.86
CA ALA B 26 -19.14 31.92 -11.04
C ALA B 26 -18.21 32.06 -9.85
N GLY B 27 -18.19 33.26 -9.27
CA GLY B 27 -17.37 33.47 -8.09
C GLY B 27 -17.96 34.43 -7.10
N TYR B 28 -17.76 34.18 -5.79
CA TYR B 28 -18.15 35.11 -4.74
C TYR B 28 -16.99 36.06 -4.46
N PHE B 29 -17.19 37.35 -4.67
CA PHE B 29 -16.17 38.35 -4.42
C PHE B 29 -16.48 39.01 -3.09
N ARG B 30 -15.53 38.90 -2.14
CA ARG B 30 -15.75 39.42 -0.80
C ARG B 30 -15.56 40.93 -0.84
N THR B 31 -16.64 41.66 -0.52
CA THR B 31 -16.67 43.10 -0.69
C THR B 31 -15.52 43.79 0.03
N TRP B 32 -15.12 43.30 1.20
CA TRP B 32 -14.07 43.99 1.93
C TRP B 32 -12.69 43.78 1.33
N HIS B 33 -12.56 42.96 0.28
CA HIS B 33 -11.32 42.92 -0.48
C HIS B 33 -11.41 43.67 -1.80
N ASP B 34 -12.49 44.43 -2.02
CA ASP B 34 -12.47 45.42 -3.08
C ASP B 34 -11.86 46.70 -2.52
N ARG B 35 -11.06 47.38 -3.34
CA ARG B 35 -10.31 48.50 -2.78
C ARG B 35 -11.19 49.75 -2.53
N ALA B 36 -12.38 49.85 -3.13
CA ALA B 36 -13.27 50.95 -2.78
C ALA B 36 -13.99 50.72 -1.44
N SER B 37 -13.74 49.61 -0.77
CA SER B 37 -14.45 49.27 0.44
C SER B 37 -13.80 49.95 1.65
N THR B 38 -14.64 50.45 2.57
CA THR B 38 -14.17 51.12 3.76
C THR B 38 -14.89 50.59 4.98
N GLY B 39 -14.17 50.55 6.10
CA GLY B 39 -14.76 50.15 7.36
C GLY B 39 -15.55 51.27 7.99
N ILE B 40 -15.92 51.04 9.25
CA ILE B 40 -16.74 51.98 10.00
C ILE B 40 -16.02 53.30 10.27
N ASP B 41 -14.71 53.29 10.41
CA ASP B 41 -13.96 54.52 10.59
C ASP B 41 -13.62 55.22 9.26
N GLY B 42 -14.14 54.74 8.14
CA GLY B 42 -13.91 55.42 6.88
C GLY B 42 -12.58 55.17 6.22
N LYS B 43 -11.72 54.33 6.77
CA LYS B 43 -10.48 54.03 6.07
C LYS B 43 -10.69 52.79 5.18
N GLN B 44 -9.99 52.75 4.04
CA GLN B 44 -10.13 51.58 3.15
C GLN B 44 -9.49 50.35 3.77
N GLN B 45 -10.06 49.19 3.46
CA GLN B 45 -9.66 47.94 4.10
C GLN B 45 -8.53 47.24 3.34
N HIS B 46 -8.65 47.07 2.04
CA HIS B 46 -7.60 46.38 1.30
C HIS B 46 -7.43 46.97 -0.09
N PRO B 47 -6.25 47.51 -0.40
CA PRO B 47 -6.00 48.14 -1.71
C PRO B 47 -5.56 47.21 -2.84
N GLU B 48 -5.33 45.93 -2.60
CA GLU B 48 -4.64 45.11 -3.59
C GLU B 48 -5.54 44.66 -4.75
N ASN B 49 -6.85 44.56 -4.57
CA ASN B 49 -7.70 43.96 -5.60
C ASN B 49 -8.97 44.77 -5.85
N THR B 50 -9.65 44.43 -6.94
CA THR B 50 -10.90 45.10 -7.28
C THR B 50 -11.81 44.21 -8.12
N MET B 51 -13.13 44.31 -7.87
CA MET B 51 -14.10 43.63 -8.72
C MET B 51 -13.92 43.99 -10.19
N ALA B 52 -13.46 45.21 -10.46
CA ALA B 52 -13.30 45.72 -11.82
C ALA B 52 -12.45 44.81 -12.70
N GLU B 53 -11.61 43.97 -12.13
CA GLU B 53 -10.67 43.15 -12.87
C GLU B 53 -11.10 41.70 -13.05
N VAL B 54 -12.30 41.34 -12.63
CA VAL B 54 -12.81 39.98 -12.84
C VAL B 54 -12.94 39.72 -14.34
N PRO B 55 -12.24 38.72 -14.88
CA PRO B 55 -12.20 38.55 -16.33
C PRO B 55 -13.52 38.04 -16.89
N LYS B 56 -13.62 38.10 -18.24
CA LYS B 56 -14.79 37.64 -18.97
C LYS B 56 -15.11 36.16 -18.73
N GLU B 57 -14.12 35.35 -18.33
CA GLU B 57 -14.36 33.93 -18.06
C GLU B 57 -15.30 33.73 -16.88
N VAL B 58 -15.47 34.71 -16.01
CA VAL B 58 -16.45 34.67 -14.94
C VAL B 58 -17.79 35.14 -15.48
N ASP B 59 -18.75 34.23 -15.60
CA ASP B 59 -20.08 34.56 -16.13
C ASP B 59 -20.94 35.34 -15.14
N ILE B 60 -20.99 34.91 -13.88
CA ILE B 60 -21.74 35.59 -12.82
C ILE B 60 -20.77 35.88 -11.68
N LEU B 61 -20.81 37.11 -11.16
CA LEU B 61 -20.01 37.52 -10.01
C LEU B 61 -20.93 37.83 -8.86
N PHE B 62 -20.75 37.15 -7.73
CA PHE B 62 -21.60 37.30 -6.55
C PHE B 62 -20.99 38.32 -5.59
N VAL B 63 -21.74 39.37 -5.28
CA VAL B 63 -21.35 40.33 -4.25
C VAL B 63 -21.58 39.66 -2.90
N PHE B 64 -20.49 39.30 -2.21
CA PHE B 64 -20.57 38.68 -0.90
C PHE B 64 -20.19 39.71 0.17
N HIS B 65 -21.17 40.23 0.90
CA HIS B 65 -20.98 41.42 1.71
C HIS B 65 -20.75 41.10 3.18
N ASP B 66 -19.66 41.65 3.72
CA ASP B 66 -19.50 41.78 5.15
C ASP B 66 -18.38 42.78 5.39
N HIS B 67 -18.36 43.35 6.60
CA HIS B 67 -17.32 44.25 7.08
C HIS B 67 -17.29 45.60 6.36
N THR B 68 -17.84 45.69 5.16
CA THR B 68 -17.90 46.97 4.47
C THR B 68 -19.04 47.82 5.03
N ALA B 69 -18.71 48.98 5.57
CA ALA B 69 -19.74 49.80 6.19
C ALA B 69 -20.76 50.27 5.13
N SER B 70 -21.94 50.63 5.62
CA SER B 70 -23.06 50.94 4.73
C SER B 70 -22.87 52.26 3.98
N ASP B 71 -22.15 53.23 4.55
CA ASP B 71 -21.86 54.48 3.87
C ASP B 71 -20.55 54.41 3.06
N SER B 72 -20.04 53.22 2.80
CA SER B 72 -18.75 53.12 2.14
C SER B 72 -18.86 53.60 0.68
N PRO B 73 -17.78 54.15 0.12
CA PRO B 73 -17.79 54.46 -1.32
C PRO B 73 -17.99 53.23 -2.18
N PHE B 74 -17.78 52.03 -1.62
CA PHE B 74 -17.90 50.80 -2.40
C PHE B 74 -19.24 50.71 -3.10
N TRP B 75 -20.31 51.07 -2.41
CA TRP B 75 -21.63 50.81 -2.96
C TRP B 75 -21.91 51.66 -4.19
N SER B 76 -21.49 52.93 -4.20
CA SER B 76 -21.69 53.70 -5.42
C SER B 76 -20.67 53.34 -6.48
N GLU B 77 -19.46 52.95 -6.07
CA GLU B 77 -18.49 52.49 -7.06
C GLU B 77 -18.98 51.23 -7.75
N LEU B 78 -19.61 50.34 -6.97
CA LEU B 78 -20.27 49.16 -7.56
C LEU B 78 -21.33 49.59 -8.56
N LYS B 79 -22.18 50.51 -8.15
CA LYS B 79 -23.38 50.85 -8.89
C LYS B 79 -23.05 51.58 -10.19
N ASP B 80 -22.14 52.55 -10.13
CA ASP B 80 -21.87 53.42 -11.28
C ASP B 80 -20.55 53.12 -11.97
N SER B 81 -19.87 52.04 -11.62
CA SER B 81 -18.58 51.80 -12.27
C SER B 81 -18.34 50.30 -12.53
N TYR B 82 -18.45 49.49 -11.47
CA TYR B 82 -18.22 48.06 -11.60
C TYR B 82 -19.31 47.38 -12.44
N VAL B 83 -20.59 47.69 -12.16
CA VAL B 83 -21.68 47.00 -12.85
C VAL B 83 -21.57 47.19 -14.37
N HIS B 84 -21.20 48.38 -14.82
CA HIS B 84 -21.14 48.71 -16.24
C HIS B 84 -19.90 48.12 -16.91
N LYS B 85 -18.73 48.23 -16.26
CA LYS B 85 -17.52 47.65 -16.82
C LYS B 85 -17.64 46.13 -16.93
N LEU B 86 -18.36 45.50 -16.00
CA LEU B 86 -18.53 44.06 -16.01
C LEU B 86 -19.57 43.63 -17.04
N HIS B 87 -20.63 44.43 -17.23
CA HIS B 87 -21.61 44.09 -18.26
C HIS B 87 -20.98 44.15 -19.65
N GLN B 88 -19.96 44.98 -19.84
CA GLN B 88 -19.32 45.08 -21.16
C GLN B 88 -18.73 43.77 -21.59
N GLN B 89 -18.19 43.01 -20.65
CA GLN B 89 -17.64 41.71 -21.00
C GLN B 89 -18.64 40.58 -20.84
N GLY B 90 -19.88 40.88 -20.46
CA GLY B 90 -20.91 39.86 -20.38
C GLY B 90 -21.04 39.15 -19.03
N THR B 91 -20.63 39.80 -17.95
CA THR B 91 -20.71 39.25 -16.61
C THR B 91 -21.87 39.89 -15.85
N ALA B 92 -22.73 39.07 -15.27
CA ALA B 92 -23.83 39.56 -14.45
C ALA B 92 -23.39 39.70 -13.01
N LEU B 93 -23.95 40.71 -12.32
CA LEU B 93 -23.75 40.88 -10.89
C LEU B 93 -24.98 40.39 -10.16
N VAL B 94 -24.78 39.60 -9.10
CA VAL B 94 -25.87 39.13 -8.26
C VAL B 94 -25.57 39.49 -6.82
N GLN B 95 -26.57 40.00 -6.11
CA GLN B 95 -26.42 40.28 -4.69
C GLN B 95 -26.78 39.05 -3.85
N THR B 96 -25.94 38.76 -2.85
CA THR B 96 -26.17 37.65 -1.93
C THR B 96 -26.58 38.17 -0.56
N ILE B 97 -27.68 37.65 -0.04
CA ILE B 97 -28.16 37.93 1.31
C ILE B 97 -28.47 36.62 1.99
N GLY B 98 -28.30 36.57 3.31
CA GLY B 98 -28.63 35.39 4.07
C GLY B 98 -30.11 35.27 4.37
N VAL B 99 -30.54 34.04 4.69
CA VAL B 99 -31.96 33.81 4.92
C VAL B 99 -32.47 34.56 6.15
N ASN B 100 -31.59 34.97 7.08
CA ASN B 100 -32.07 35.69 8.26
C ASN B 100 -32.74 37.02 7.90
N GLU B 101 -32.48 37.56 6.71
CA GLU B 101 -33.16 38.77 6.28
C GLU B 101 -34.58 38.48 5.75
N LEU B 102 -35.05 37.23 5.85
CA LEU B 102 -36.40 36.83 5.48
C LEU B 102 -37.26 36.31 6.64
N ASN B 103 -36.65 35.89 7.76
CA ASN B 103 -37.36 35.12 8.77
C ASN B 103 -37.49 35.84 10.12
N GLY B 104 -37.27 37.15 10.14
CA GLY B 104 -37.43 37.94 11.33
C GLY B 104 -36.14 38.32 12.04
N ARG B 105 -35.04 37.60 11.77
CA ARG B 105 -33.88 37.75 12.65
C ARG B 105 -33.10 39.04 12.40
N THR B 106 -33.06 39.54 11.16
CA THR B 106 -32.21 40.69 10.89
C THR B 106 -32.86 41.57 9.83
N GLY B 107 -32.33 42.78 9.72
CA GLY B 107 -32.64 43.72 8.67
C GLY B 107 -34.11 44.09 8.67
N LEU B 108 -34.63 44.34 7.46
CA LEU B 108 -36.01 44.80 7.32
C LEU B 108 -37.01 43.76 7.76
N SER B 109 -36.60 42.50 7.88
CA SER B 109 -37.48 41.46 8.40
C SER B 109 -38.07 41.86 9.76
N LYS B 110 -37.37 42.73 10.50
CA LYS B 110 -37.78 43.23 11.80
C LYS B 110 -38.81 44.35 11.71
N ASP B 111 -39.04 44.93 10.55
CA ASP B 111 -40.01 45.99 10.43
C ASP B 111 -41.29 45.51 9.75
N TYR B 112 -41.46 44.22 9.54
CA TYR B 112 -42.65 43.83 8.81
C TYR B 112 -43.39 42.74 9.57
N PRO B 113 -44.73 42.81 9.55
CA PRO B 113 -45.56 41.74 10.16
C PRO B 113 -45.31 40.40 9.48
N ASP B 114 -45.55 39.33 10.23
CA ASP B 114 -45.60 38.00 9.64
C ASP B 114 -47.03 37.68 9.22
N THR B 115 -47.51 38.41 8.23
CA THR B 115 -48.83 38.29 7.63
C THR B 115 -48.69 38.22 6.13
N PRO B 116 -49.71 37.74 5.41
CA PRO B 116 -49.67 37.78 3.94
C PRO B 116 -49.30 39.14 3.38
N GLU B 117 -50.09 40.16 3.67
CA GLU B 117 -49.79 41.50 3.15
C GLU B 117 -48.52 42.08 3.76
N GLY B 118 -48.11 41.60 4.94
CA GLY B 118 -46.86 42.07 5.52
C GLY B 118 -45.63 41.48 4.83
N ASN B 119 -45.64 40.16 4.59
CA ASN B 119 -44.50 39.53 3.94
C ASN B 119 -44.42 39.93 2.48
N LYS B 120 -45.55 40.29 1.88
CA LYS B 120 -45.54 40.81 0.52
C LYS B 120 -44.86 42.17 0.45
N ALA B 121 -45.01 42.99 1.49
CA ALA B 121 -44.32 44.28 1.56
C ALA B 121 -42.84 44.11 1.89
N LEU B 122 -42.51 43.13 2.76
CA LEU B 122 -41.12 42.79 3.05
C LEU B 122 -40.39 42.35 1.78
N ALA B 123 -40.99 41.46 1.01
CA ALA B 123 -40.34 40.98 -0.21
C ALA B 123 -40.04 42.13 -1.18
N ALA B 124 -41.02 43.02 -1.38
CA ALA B 124 -40.78 44.15 -2.27
C ALA B 124 -39.75 45.12 -1.71
N ALA B 125 -39.68 45.24 -0.37
CA ALA B 125 -38.66 46.08 0.25
C ALA B 125 -37.27 45.47 0.11
N ILE B 126 -37.16 44.13 0.07
CA ILE B 126 -35.88 43.47 -0.18
C ILE B 126 -35.45 43.63 -1.62
N VAL B 127 -36.39 43.50 -2.57
CA VAL B 127 -36.02 43.63 -3.99
C VAL B 127 -35.60 45.06 -4.31
N LYS B 128 -36.10 46.03 -3.54
CA LYS B 128 -35.69 47.43 -3.59
C LYS B 128 -34.44 47.73 -2.79
N ALA B 129 -34.20 47.06 -1.66
CA ALA B 129 -33.00 47.43 -0.95
C ALA B 129 -31.77 46.78 -1.56
N PHE B 130 -31.89 45.51 -1.97
CA PHE B 130 -30.72 44.73 -2.35
C PHE B 130 -30.55 44.51 -3.86
N VAL B 131 -31.56 44.74 -4.68
CA VAL B 131 -31.41 44.59 -6.12
C VAL B 131 -31.48 45.94 -6.84
N THR B 132 -32.63 46.61 -6.75
CA THR B 132 -32.82 47.84 -7.51
C THR B 132 -31.82 48.93 -7.12
N ASP B 133 -31.65 49.17 -5.83
CA ASP B 133 -30.83 50.31 -5.40
C ASP B 133 -29.33 50.12 -5.59
N ARG B 134 -28.83 48.87 -5.77
CA ARG B 134 -27.40 48.65 -5.98
C ARG B 134 -27.03 48.42 -7.43
N GLY B 135 -28.01 48.28 -8.33
CA GLY B 135 -27.71 48.18 -9.74
C GLY B 135 -27.39 46.79 -10.23
N VAL B 136 -27.60 45.76 -9.41
CA VAL B 136 -27.13 44.42 -9.73
C VAL B 136 -28.17 43.72 -10.59
N ASP B 137 -27.95 42.46 -10.93
CA ASP B 137 -28.81 41.76 -11.89
C ASP B 137 -29.55 40.58 -11.30
N GLY B 138 -29.67 40.51 -9.98
CA GLY B 138 -30.46 39.46 -9.37
C GLY B 138 -30.05 39.28 -7.94
N LEU B 139 -30.72 38.32 -7.30
CA LEU B 139 -30.64 38.09 -5.86
C LEU B 139 -30.33 36.61 -5.56
N ASP B 140 -29.42 36.38 -4.60
CA ASP B 140 -29.04 35.03 -4.18
C ASP B 140 -29.29 34.87 -2.68
N ILE B 141 -30.18 33.94 -2.31
CA ILE B 141 -30.52 33.69 -0.92
C ILE B 141 -29.66 32.54 -0.38
N ASP B 142 -28.91 32.83 0.67
CA ASP B 142 -27.97 31.90 1.28
C ASP B 142 -28.66 31.20 2.46
N ILE B 143 -28.75 29.88 2.39
CA ILE B 143 -29.46 29.10 3.40
C ILE B 143 -28.51 28.05 3.92
N GLU B 144 -28.02 28.26 5.15
CA GLU B 144 -27.01 27.41 5.76
C GLU B 144 -27.56 26.73 7.00
N HIS B 145 -26.75 25.82 7.53
CA HIS B 145 -27.03 25.18 8.81
C HIS B 145 -26.67 26.14 9.93
N GLU B 146 -27.59 26.30 10.87
CA GLU B 146 -27.41 27.22 11.99
C GLU B 146 -26.88 26.41 13.16
N PHE B 147 -25.56 26.38 13.29
CA PHE B 147 -24.86 25.56 14.28
C PHE B 147 -24.69 26.24 15.63
N THR B 148 -25.69 26.97 16.12
CA THR B 148 -25.69 27.49 17.48
C THR B 148 -27.10 27.73 18.00
N ASN B 149 -27.96 28.28 17.16
CA ASN B 149 -29.35 28.58 17.53
C ASN B 149 -30.26 28.19 16.37
N LYS B 150 -30.73 26.93 16.36
CA LYS B 150 -31.47 26.41 15.23
C LYS B 150 -32.67 27.28 14.91
N ARG B 151 -33.07 27.24 13.64
CA ARG B 151 -34.24 27.99 13.19
C ARG B 151 -35.51 27.24 13.56
N THR B 152 -36.50 27.97 14.03
CA THR B 152 -37.79 27.40 14.35
C THR B 152 -38.54 27.06 13.07
N PRO B 153 -39.54 26.17 13.14
CA PRO B 153 -40.30 25.83 11.93
C PRO B 153 -41.06 27.00 11.31
N GLU B 154 -41.55 27.94 12.11
CA GLU B 154 -42.28 29.07 11.58
C GLU B 154 -41.35 30.12 10.97
N GLU B 155 -40.09 30.15 11.39
CA GLU B 155 -39.12 31.01 10.72
C GLU B 155 -38.82 30.49 9.30
N ASP B 156 -38.74 29.17 9.15
CA ASP B 156 -38.59 28.57 7.82
C ASP B 156 -39.85 28.74 6.97
N ALA B 157 -41.03 28.62 7.60
CA ALA B 157 -42.25 28.89 6.85
C ALA B 157 -42.29 30.35 6.40
N ARG B 158 -41.89 31.28 7.28
CA ARG B 158 -41.91 32.68 6.87
C ARG B 158 -40.92 32.95 5.77
N ALA B 159 -39.68 32.48 5.94
CA ALA B 159 -38.65 32.68 4.93
C ALA B 159 -39.11 32.16 3.56
N LEU B 160 -39.83 31.04 3.53
CA LEU B 160 -40.22 30.54 2.23
C LEU B 160 -41.39 31.31 1.64
N ASN B 161 -42.31 31.81 2.47
CA ASN B 161 -43.35 32.65 1.91
C ASN B 161 -42.84 34.01 1.43
N VAL B 162 -41.85 34.59 2.12
CA VAL B 162 -41.22 35.80 1.58
C VAL B 162 -40.50 35.47 0.27
N PHE B 163 -39.78 34.34 0.24
CA PHE B 163 -39.06 33.92 -0.96
C PHE B 163 -40.03 33.79 -2.13
N LYS B 164 -41.24 33.28 -1.89
CA LYS B 164 -42.19 33.12 -2.98
C LYS B 164 -42.78 34.45 -3.42
N GLU B 165 -42.95 35.38 -2.49
CA GLU B 165 -43.34 36.73 -2.90
C GLU B 165 -42.24 37.39 -3.72
N ILE B 166 -40.98 37.15 -3.33
CA ILE B 166 -39.85 37.66 -4.12
C ILE B 166 -39.86 37.09 -5.51
N ALA B 167 -40.17 35.80 -5.65
CA ALA B 167 -40.23 35.18 -6.98
C ALA B 167 -41.38 35.75 -7.81
N GLN B 168 -42.35 36.42 -7.20
CA GLN B 168 -43.39 37.08 -7.99
C GLN B 168 -42.94 38.42 -8.55
N LEU B 169 -41.87 39.00 -8.02
CA LEU B 169 -41.32 40.27 -8.51
C LEU B 169 -40.17 40.09 -9.49
N ILE B 170 -39.20 39.21 -9.17
CA ILE B 170 -38.04 38.98 -10.02
C ILE B 170 -37.95 37.50 -10.33
N GLY B 171 -37.15 37.18 -11.34
CA GLY B 171 -36.86 35.80 -11.68
C GLY B 171 -37.69 35.29 -12.84
N LYS B 172 -37.48 34.00 -13.13
CA LYS B 172 -38.06 33.40 -14.33
C LYS B 172 -39.58 33.46 -14.32
N ASN B 173 -40.19 33.46 -13.14
CA ASN B 173 -41.63 33.54 -12.98
C ASN B 173 -42.06 34.88 -12.40
N GLY B 174 -41.16 35.87 -12.35
CA GLY B 174 -41.45 37.13 -11.71
C GLY B 174 -41.98 38.18 -12.66
N SER B 175 -42.40 39.31 -12.09
CA SER B 175 -42.84 40.43 -12.90
C SER B 175 -41.69 40.95 -13.76
N ASP B 176 -40.49 41.01 -13.19
CA ASP B 176 -39.30 41.58 -13.81
C ASP B 176 -38.33 40.44 -14.15
N LYS B 177 -38.40 39.94 -15.37
CA LYS B 177 -37.59 38.80 -15.75
C LYS B 177 -36.15 39.17 -16.09
N SER B 178 -35.77 40.44 -15.95
CA SER B 178 -34.40 40.86 -16.16
C SER B 178 -33.49 40.54 -14.97
N LYS B 179 -34.03 39.94 -13.92
CA LYS B 179 -33.27 39.61 -12.73
C LYS B 179 -33.26 38.10 -12.59
N LEU B 180 -32.14 37.57 -12.09
CA LEU B 180 -32.01 36.17 -11.71
C LEU B 180 -32.46 36.01 -10.25
N LEU B 181 -32.98 34.81 -9.95
CA LEU B 181 -33.32 34.42 -8.60
C LEU B 181 -32.61 33.10 -8.32
N ILE B 182 -31.70 33.11 -7.35
CA ILE B 182 -30.77 32.01 -7.11
C ILE B 182 -30.86 31.66 -5.63
N MET B 183 -30.59 30.40 -5.31
CA MET B 183 -30.46 29.95 -3.93
C MET B 183 -29.10 29.30 -3.76
N ASP B 184 -28.45 29.60 -2.65
CA ASP B 184 -27.16 29.02 -2.31
C ASP B 184 -27.29 28.26 -1.00
N THR B 185 -26.69 27.08 -0.89
CA THR B 185 -27.04 26.27 0.28
C THR B 185 -25.95 25.29 0.67
N THR B 186 -26.08 24.78 1.90
CA THR B 186 -25.26 23.67 2.38
C THR B 186 -26.11 22.50 2.85
N LEU B 187 -27.41 22.52 2.61
CA LEU B 187 -28.32 21.53 3.17
C LEU B 187 -28.83 20.54 2.14
N SER B 188 -28.92 19.28 2.55
CA SER B 188 -29.51 18.24 1.72
C SER B 188 -31.00 18.48 1.61
N VAL B 189 -31.62 17.80 0.64
CA VAL B 189 -33.04 18.02 0.38
C VAL B 189 -33.87 17.70 1.62
N GLU B 190 -33.51 16.62 2.33
CA GLU B 190 -34.22 16.23 3.55
C GLU B 190 -34.16 17.32 4.63
N ASN B 191 -33.14 18.19 4.60
CA ASN B 191 -32.99 19.25 5.58
C ASN B 191 -33.37 20.62 5.04
N ASN B 192 -33.94 20.69 3.84
CA ASN B 192 -34.11 21.97 3.15
C ASN B 192 -35.58 22.12 2.74
N PRO B 193 -36.45 22.44 3.69
CA PRO B 193 -37.86 22.69 3.34
C PRO B 193 -38.01 23.93 2.47
N ILE B 194 -37.16 24.95 2.64
CA ILE B 194 -37.26 26.13 1.80
C ILE B 194 -37.00 25.78 0.35
N PHE B 195 -35.99 24.95 0.11
CA PHE B 195 -35.68 24.54 -1.26
C PHE B 195 -36.81 23.75 -1.87
N LYS B 196 -37.36 22.77 -1.13
CA LYS B 196 -38.48 22.02 -1.67
C LYS B 196 -39.62 22.93 -2.09
N GLY B 197 -39.84 24.04 -1.37
CA GLY B 197 -40.96 24.92 -1.65
C GLY B 197 -40.75 25.93 -2.77
N ILE B 198 -39.50 26.38 -2.96
CA ILE B 198 -39.17 27.44 -3.92
C ILE B 198 -38.50 26.92 -5.19
N ALA B 199 -38.22 25.61 -5.28
CA ALA B 199 -37.32 25.09 -6.31
C ALA B 199 -37.78 25.45 -7.73
N GLU B 200 -39.09 25.41 -7.96
CA GLU B 200 -39.67 25.67 -9.27
C GLU B 200 -39.49 27.10 -9.73
N ASP B 201 -39.08 28.02 -8.85
CA ASP B 201 -38.84 29.41 -9.23
C ASP B 201 -37.37 29.81 -9.23
N LEU B 202 -36.44 28.84 -9.12
CA LEU B 202 -35.02 29.18 -9.12
C LEU B 202 -34.44 29.08 -10.52
N ASP B 203 -33.54 30.02 -10.83
CA ASP B 203 -32.69 29.85 -12.00
C ASP B 203 -31.63 28.80 -11.73
N TYR B 204 -30.86 28.97 -10.65
CA TYR B 204 -29.79 28.06 -10.28
C TYR B 204 -29.83 27.74 -8.79
N LEU B 205 -29.30 26.57 -8.44
CA LEU B 205 -29.04 26.22 -7.06
C LEU B 205 -27.53 26.02 -6.87
N LEU B 206 -26.93 26.82 -5.98
CA LEU B 206 -25.49 26.76 -5.75
C LEU B 206 -25.24 25.97 -4.46
N ARG B 207 -24.67 24.78 -4.62
CA ARG B 207 -24.43 23.89 -3.50
C ARG B 207 -22.95 23.97 -3.13
N GLN B 208 -22.67 24.47 -1.93
CA GLN B 208 -21.29 24.53 -1.47
C GLN B 208 -20.84 23.14 -1.07
N TYR B 209 -19.68 22.73 -1.57
CA TYR B 209 -19.08 21.44 -1.24
C TYR B 209 -17.58 21.62 -0.97
N TYR B 210 -17.25 22.60 -0.13
CA TYR B 210 -15.85 22.87 0.17
C TYR B 210 -15.25 21.68 0.91
N GLY B 211 -13.98 21.36 0.60
CA GLY B 211 -13.33 20.23 1.25
C GLY B 211 -13.95 18.89 0.86
N SER B 212 -13.43 17.85 1.48
CA SER B 212 -13.82 16.48 1.15
C SER B 212 -15.31 16.22 1.35
N GLN B 213 -15.90 15.50 0.41
CA GLN B 213 -17.28 15.05 0.51
C GLN B 213 -17.37 13.53 0.64
N GLY B 214 -16.31 12.88 1.06
CA GLY B 214 -16.43 11.49 1.46
C GLY B 214 -16.19 10.52 0.31
N GLY B 215 -15.73 9.32 0.66
CA GLY B 215 -15.53 8.27 -0.31
C GLY B 215 -14.19 8.37 -1.01
N GLU B 216 -13.91 7.35 -1.85
CA GLU B 216 -12.60 7.23 -2.49
C GLU B 216 -12.31 8.38 -3.45
N ALA B 217 -13.33 8.86 -4.18
CA ALA B 217 -13.16 9.99 -5.10
C ALA B 217 -13.64 11.32 -4.52
N GLU B 218 -14.03 11.35 -3.24
CA GLU B 218 -14.34 12.55 -2.47
C GLU B 218 -15.65 13.23 -2.88
N VAL B 219 -16.58 12.55 -3.55
CA VAL B 219 -17.74 13.25 -4.07
C VAL B 219 -19.01 12.53 -3.67
N ASP B 220 -18.89 11.65 -2.67
CA ASP B 220 -20.01 10.79 -2.29
C ASP B 220 -21.24 11.59 -1.88
N THR B 221 -21.09 12.66 -1.09
CA THR B 221 -22.28 13.39 -0.69
C THR B 221 -22.85 14.19 -1.86
N ILE B 222 -22.03 14.58 -2.84
CA ILE B 222 -22.56 15.23 -4.05
C ILE B 222 -23.45 14.26 -4.82
N ASN B 223 -22.97 13.01 -4.99
CA ASN B 223 -23.74 12.00 -5.70
C ASN B 223 -25.03 11.69 -4.98
N SER B 224 -24.94 11.51 -3.65
CA SER B 224 -26.14 11.19 -2.89
C SER B 224 -27.06 12.39 -2.84
N ASP B 225 -26.53 13.62 -2.74
CA ASP B 225 -27.41 14.78 -2.75
C ASP B 225 -28.08 14.96 -4.11
N TRP B 226 -27.32 14.79 -5.21
CA TRP B 226 -27.91 14.99 -6.53
C TRP B 226 -29.05 14.00 -6.80
N ASN B 227 -28.90 12.76 -6.31
CA ASN B 227 -29.97 11.77 -6.45
C ASN B 227 -31.30 12.28 -5.89
N GLN B 228 -31.29 13.26 -4.97
CA GLN B 228 -32.53 13.85 -4.47
C GLN B 228 -32.85 15.21 -5.07
N TYR B 229 -31.85 16.05 -5.32
CA TYR B 229 -32.10 17.32 -5.98
C TYR B 229 -32.78 17.16 -7.33
N GLN B 230 -32.47 16.08 -8.06
CA GLN B 230 -33.00 15.90 -9.41
C GLN B 230 -34.52 15.81 -9.48
N ASN B 231 -35.21 15.65 -8.35
CA ASN B 231 -36.66 15.66 -8.38
C ASN B 231 -37.26 17.06 -8.35
N TYR B 232 -36.43 18.10 -8.20
CA TYR B 232 -36.88 19.48 -8.02
C TYR B 232 -36.24 20.43 -9.04
N ILE B 233 -35.01 20.14 -9.45
CA ILE B 233 -34.33 20.96 -10.44
C ILE B 233 -33.75 20.04 -11.50
N ASP B 234 -33.52 20.63 -12.67
CA ASP B 234 -32.82 20.00 -13.77
C ASP B 234 -31.31 20.12 -13.52
N ALA B 235 -30.55 19.16 -14.04
CA ALA B 235 -29.10 19.23 -13.87
C ALA B 235 -28.52 20.55 -14.37
N SER B 236 -29.09 21.13 -15.42
CA SER B 236 -28.57 22.36 -15.99
C SER B 236 -28.76 23.58 -15.07
N GLN B 237 -29.38 23.42 -13.89
CA GLN B 237 -29.51 24.48 -12.90
C GLN B 237 -28.61 24.24 -11.71
N PHE B 238 -27.77 23.22 -11.74
CA PHE B 238 -27.01 22.75 -10.60
C PHE B 238 -25.56 23.18 -10.75
N MET B 239 -25.07 23.96 -9.79
CA MET B 239 -23.67 24.36 -9.73
C MET B 239 -23.06 23.91 -8.42
N ILE B 240 -21.86 23.36 -8.47
CA ILE B 240 -21.16 22.95 -7.24
C ILE B 240 -20.00 23.89 -6.98
N GLY B 241 -19.73 24.11 -5.70
CA GLY B 241 -18.76 25.12 -5.28
C GLY B 241 -17.60 24.56 -4.50
N PHE B 242 -16.43 25.10 -4.75
CA PHE B 242 -15.22 24.92 -3.97
C PHE B 242 -14.79 26.27 -3.42
N SER B 243 -13.77 26.27 -2.56
CA SER B 243 -13.32 27.51 -1.95
C SER B 243 -11.83 27.70 -2.11
N PHE B 244 -11.44 28.94 -2.45
CA PHE B 244 -10.04 29.31 -2.40
C PHE B 244 -9.59 29.40 -0.96
N PHE B 245 -8.29 29.61 -0.77
CA PHE B 245 -7.71 29.71 0.56
C PHE B 245 -7.87 31.12 1.13
N GLU B 246 -8.59 31.23 2.24
CA GLU B 246 -8.80 32.52 2.89
C GLU B 246 -7.69 32.78 3.89
N GLU B 247 -7.12 33.98 3.84
CA GLU B 247 -6.02 34.34 4.72
C GLU B 247 -6.43 34.20 6.19
N SER B 248 -5.50 33.70 7.02
CA SER B 248 -5.65 33.52 8.46
C SER B 248 -6.74 32.54 8.84
N ALA B 249 -7.19 31.74 7.88
CA ALA B 249 -8.18 30.70 8.18
C ALA B 249 -7.61 29.68 9.15
N SER B 250 -8.42 29.35 10.14
CA SER B 250 -8.10 28.38 11.17
C SER B 250 -8.88 27.11 10.92
N LYS B 251 -8.55 26.10 11.72
CA LYS B 251 -9.25 24.82 11.73
C LYS B 251 -10.76 25.02 11.75
N GLY B 252 -11.45 24.29 10.89
CA GLY B 252 -12.87 24.48 10.66
C GLY B 252 -13.19 25.34 9.44
N ASN B 253 -12.21 26.04 8.89
CA ASN B 253 -12.33 26.78 7.64
C ASN B 253 -11.13 26.52 6.73
N LEU B 254 -10.60 25.29 6.76
CA LEU B 254 -9.43 24.92 5.97
C LEU B 254 -9.84 23.75 5.10
N TRP B 255 -10.06 23.99 3.81
CA TRP B 255 -10.67 23.03 2.90
C TRP B 255 -9.68 22.31 2.01
N PHE B 256 -8.55 22.94 1.69
CA PHE B 256 -7.53 22.34 0.81
C PHE B 256 -8.12 21.99 -0.56
N ASP B 257 -8.90 22.93 -1.12
CA ASP B 257 -9.52 22.78 -2.42
C ASP B 257 -8.60 23.20 -3.56
N VAL B 258 -7.47 23.83 -3.25
CA VAL B 258 -6.47 24.26 -4.20
C VAL B 258 -5.10 23.78 -3.70
N ASN B 259 -4.07 24.01 -4.49
CA ASN B 259 -2.78 23.42 -4.17
C ASN B 259 -2.09 24.11 -3.00
N GLU B 260 -1.34 23.30 -2.26
CA GLU B 260 -0.60 23.78 -1.10
C GLU B 260 0.66 24.50 -1.54
N TYR B 261 1.08 25.45 -0.70
CA TYR B 261 2.31 26.19 -0.87
C TYR B 261 3.48 25.29 -1.23
N ASP B 262 4.36 25.80 -2.08
CA ASP B 262 5.60 25.12 -2.43
C ASP B 262 6.73 26.13 -2.31
N PRO B 263 7.66 25.95 -1.37
CA PRO B 263 8.76 26.92 -1.25
C PRO B 263 9.63 26.95 -2.49
N ASN B 264 9.53 25.93 -3.33
CA ASN B 264 10.34 25.80 -4.52
C ASN B 264 9.63 26.26 -5.78
N ASN B 265 8.35 26.70 -5.68
CA ASN B 265 7.55 27.01 -6.85
C ASN B 265 6.44 28.01 -6.50
N PRO B 266 6.72 29.31 -6.63
CA PRO B 266 5.73 30.32 -6.23
C PRO B 266 4.46 30.34 -7.06
N GLU B 267 4.43 29.62 -8.19
CA GLU B 267 3.24 29.57 -9.03
C GLU B 267 2.35 28.38 -8.70
N LYS B 268 2.76 27.54 -7.75
CA LYS B 268 2.02 26.30 -7.52
C LYS B 268 0.56 26.59 -7.23
N GLY B 269 0.28 27.69 -6.53
CA GLY B 269 -1.09 27.99 -6.17
C GLY B 269 -1.97 28.30 -7.35
N LYS B 270 -1.38 28.59 -8.53
CA LYS B 270 -2.14 28.89 -9.74
C LYS B 270 -2.33 27.67 -10.64
N ASP B 271 -1.85 26.51 -10.23
CA ASP B 271 -1.93 25.29 -11.02
C ASP B 271 -3.10 24.44 -10.55
N ILE B 272 -4.03 24.11 -11.47
CA ILE B 272 -5.22 23.37 -11.07
C ILE B 272 -5.00 21.87 -11.10
N GLU B 273 -3.85 21.40 -11.54
CA GLU B 273 -3.64 19.97 -11.66
C GLU B 273 -3.66 19.32 -10.28
N GLY B 274 -4.53 18.33 -10.10
CA GLY B 274 -4.61 17.60 -8.85
C GLY B 274 -5.48 18.23 -7.78
N THR B 275 -6.12 19.36 -8.08
CA THR B 275 -6.90 20.07 -7.10
C THR B 275 -8.32 19.52 -7.05
N ARG B 276 -9.00 19.75 -5.93
CA ARG B 276 -10.41 19.41 -5.91
C ARG B 276 -11.20 20.32 -6.85
N ALA B 277 -10.77 21.58 -7.01
CA ALA B 277 -11.48 22.47 -7.94
C ALA B 277 -11.52 21.88 -9.34
N LYS B 278 -10.42 21.28 -9.80
CA LYS B 278 -10.42 20.62 -11.11
C LYS B 278 -11.37 19.42 -11.15
N LYS B 279 -11.45 18.64 -10.05
CA LYS B 279 -12.37 17.49 -10.00
C LYS B 279 -13.82 17.93 -10.05
N TYR B 280 -14.14 19.05 -9.44
CA TYR B 280 -15.49 19.58 -9.54
C TYR B 280 -15.80 20.04 -10.96
N ALA B 281 -14.82 20.65 -11.61
CA ALA B 281 -15.03 21.09 -13.00
C ALA B 281 -15.40 19.92 -13.90
N GLU B 282 -14.84 18.73 -13.62
CA GLU B 282 -15.08 17.52 -14.41
C GLU B 282 -16.21 16.64 -13.87
N TRP B 283 -16.65 16.84 -12.64
CA TRP B 283 -17.71 16.00 -12.11
C TRP B 283 -19.01 16.26 -12.87
N GLN B 284 -19.69 15.17 -13.25
CA GLN B 284 -21.00 15.29 -13.88
C GLN B 284 -21.97 14.37 -13.15
N PRO B 285 -23.24 14.75 -13.03
CA PRO B 285 -24.22 13.87 -12.38
C PRO B 285 -24.39 12.56 -13.14
N SER B 286 -24.72 11.50 -12.41
CA SER B 286 -24.98 10.22 -13.06
C SER B 286 -26.26 10.26 -13.88
N THR B 287 -27.22 11.10 -13.48
CA THR B 287 -28.57 11.09 -14.02
C THR B 287 -29.05 12.51 -14.24
N GLY B 288 -30.06 12.64 -15.10
CA GLY B 288 -30.66 13.92 -15.40
C GLY B 288 -30.02 14.63 -16.57
N GLY B 289 -28.82 15.15 -16.37
CA GLY B 289 -28.16 15.91 -17.40
C GLY B 289 -26.76 16.31 -16.95
N LEU B 290 -26.14 17.18 -17.75
CA LEU B 290 -24.89 17.78 -17.34
C LEU B 290 -25.16 18.94 -16.38
N LYS B 291 -24.17 19.21 -15.51
CA LYS B 291 -24.41 20.23 -14.50
C LYS B 291 -24.30 21.62 -15.14
N ALA B 292 -24.71 22.65 -14.38
CA ALA B 292 -24.66 24.00 -14.92
C ALA B 292 -23.23 24.52 -14.98
N GLY B 293 -22.40 24.13 -14.04
CA GLY B 293 -21.07 24.68 -13.92
C GLY B 293 -20.62 24.62 -12.48
N ILE B 294 -19.61 25.43 -12.16
CA ILE B 294 -19.03 25.44 -10.82
C ILE B 294 -18.83 26.88 -10.38
N PHE B 295 -18.62 27.06 -9.08
CA PHE B 295 -18.32 28.39 -8.56
C PHE B 295 -17.26 28.30 -7.49
N SER B 296 -16.64 29.44 -7.23
CA SER B 296 -15.58 29.52 -6.24
C SER B 296 -15.97 30.53 -5.17
N TYR B 297 -15.71 30.20 -3.91
CA TYR B 297 -15.85 31.18 -2.85
C TYR B 297 -14.52 31.89 -2.68
N ALA B 298 -14.59 33.20 -2.41
CA ALA B 298 -13.39 34.02 -2.22
C ALA B 298 -12.53 34.12 -3.48
N ILE B 299 -13.17 34.47 -4.60
CA ILE B 299 -12.46 34.56 -5.87
C ILE B 299 -11.35 35.60 -5.83
N ASP B 300 -11.37 36.53 -4.88
CA ASP B 300 -10.28 37.48 -4.73
C ASP B 300 -8.99 36.83 -4.24
N ARG B 301 -9.05 35.58 -3.76
CA ARG B 301 -7.88 34.82 -3.34
C ARG B 301 -7.42 33.84 -4.42
N ASP B 302 -7.96 33.95 -5.63
CA ASP B 302 -7.58 33.12 -6.77
C ASP B 302 -6.06 33.10 -6.95
N GLY B 303 -5.48 31.90 -6.87
CA GLY B 303 -4.06 31.73 -7.12
C GLY B 303 -3.18 31.71 -5.89
N VAL B 304 -3.69 32.12 -4.73
CA VAL B 304 -2.89 32.00 -3.51
C VAL B 304 -2.77 30.52 -3.16
N ALA B 305 -1.55 30.07 -2.91
CA ALA B 305 -1.35 28.69 -2.50
C ALA B 305 -1.91 28.48 -1.09
N HIS B 306 -2.42 27.28 -0.87
CA HIS B 306 -3.00 26.93 0.42
C HIS B 306 -1.91 26.75 1.47
N VAL B 307 -2.26 27.11 2.71
CA VAL B 307 -1.34 26.89 3.83
C VAL B 307 -1.00 25.40 3.93
N PRO B 308 0.22 25.01 4.30
CA PRO B 308 0.58 23.59 4.28
C PRO B 308 -0.23 22.77 5.28
N SER B 309 -0.29 21.46 5.02
CA SER B 309 -1.02 20.51 5.86
C SER B 309 -0.57 20.55 7.32
N THR B 310 0.70 20.84 7.58
CA THR B 310 1.20 20.87 8.95
C THR B 310 0.54 21.95 9.80
N TYR B 311 -0.05 22.96 9.17
CA TYR B 311 -0.68 24.07 9.88
C TYR B 311 -2.16 23.82 10.10
N LYS B 312 -2.67 22.65 9.72
CA LYS B 312 -4.12 22.43 9.72
C LYS B 312 -4.73 22.47 11.11
N ASN B 313 -3.95 22.62 12.17
CA ASN B 313 -4.52 22.68 13.51
C ASN B 313 -4.52 24.06 14.11
N ARG B 314 -4.03 25.08 13.41
CA ARG B 314 -4.02 26.41 14.00
C ARG B 314 -5.46 26.87 14.25
N THR B 315 -5.63 27.65 15.31
CA THR B 315 -6.91 28.21 15.73
C THR B 315 -6.66 29.64 16.18
N SER B 316 -7.70 30.33 16.64
CA SER B 316 -7.55 31.71 17.11
C SER B 316 -6.62 31.81 18.33
N THR B 317 -6.65 30.84 19.22
CA THR B 317 -5.77 30.82 20.38
C THR B 317 -4.41 30.18 20.09
N ASN B 318 -4.26 29.50 18.95
CA ASN B 318 -3.07 28.73 18.62
C ASN B 318 -2.60 29.17 17.23
N LEU B 319 -2.07 30.41 17.14
CA LEU B 319 -1.79 30.97 15.82
C LEU B 319 -0.46 30.48 15.27
N GLN B 320 -0.46 30.13 13.97
CA GLN B 320 0.67 29.57 13.25
C GLN B 320 0.61 30.27 11.90
N ARG B 321 1.20 31.44 11.84
CA ARG B 321 1.01 32.29 10.68
C ARG B 321 2.04 31.94 9.61
N HIS B 322 1.62 32.09 8.37
CA HIS B 322 2.41 31.62 7.25
C HIS B 322 2.44 32.68 6.16
N GLU B 323 3.52 32.65 5.36
CA GLU B 323 3.68 33.61 4.28
C GLU B 323 2.43 33.71 3.39
N VAL B 324 1.69 32.60 3.22
CA VAL B 324 0.51 32.64 2.35
C VAL B 324 -0.69 33.32 2.99
N ASP B 325 -0.60 33.69 4.26
CA ASP B 325 -1.63 34.51 4.86
C ASP B 325 -1.63 35.95 4.35
N ASN B 326 -0.58 36.38 3.64
CA ASN B 326 -0.52 37.73 3.09
C ASN B 326 -1.62 37.99 2.05
N ILE B 327 -1.95 39.26 1.87
CA ILE B 327 -2.87 39.68 0.81
C ILE B 327 -2.04 40.04 -0.40
N SER B 328 -2.52 39.70 -1.59
CA SER B 328 -1.77 39.98 -2.81
C SER B 328 -2.72 40.20 -3.97
N HIS B 329 -2.25 40.91 -4.97
CA HIS B 329 -3.05 41.12 -6.16
C HIS B 329 -3.17 39.80 -6.92
N THR B 330 -4.39 39.49 -7.37
CA THR B 330 -4.63 38.30 -8.19
C THR B 330 -4.87 38.70 -9.63
N ASP B 331 -4.50 37.82 -10.55
CA ASP B 331 -4.93 37.99 -11.94
C ASP B 331 -5.88 36.88 -12.38
N TYR B 332 -6.47 36.16 -11.43
CA TYR B 332 -7.59 35.26 -11.68
C TYR B 332 -7.23 34.14 -12.64
N THR B 333 -6.01 33.61 -12.47
CA THR B 333 -5.52 32.53 -13.34
C THR B 333 -6.28 31.23 -13.15
N VAL B 334 -6.49 30.80 -11.88
CA VAL B 334 -7.18 29.55 -11.63
C VAL B 334 -8.59 29.57 -12.23
N SER B 335 -9.34 30.65 -12.00
CA SER B 335 -10.67 30.80 -12.59
C SER B 335 -10.67 30.64 -14.11
N ARG B 336 -9.75 31.29 -14.80
CA ARG B 336 -9.75 31.19 -16.26
C ARG B 336 -9.38 29.79 -16.73
N LYS B 337 -8.46 29.12 -16.04
CA LYS B 337 -8.12 27.75 -16.41
C LYS B 337 -9.31 26.81 -16.25
N LEU B 338 -10.08 26.98 -15.16
CA LEU B 338 -11.23 26.11 -14.89
C LEU B 338 -12.38 26.35 -15.85
N LYS B 339 -12.64 27.62 -16.21
CA LYS B 339 -13.66 27.91 -17.20
C LYS B 339 -13.29 27.33 -18.57
N THR B 340 -12.03 27.47 -18.95
CA THR B 340 -11.56 26.95 -20.23
C THR B 340 -11.60 25.44 -20.26
N LEU B 341 -11.24 24.79 -19.14
CA LEU B 341 -11.35 23.33 -19.04
C LEU B 341 -12.79 22.87 -19.25
N MET B 342 -13.77 23.60 -18.70
CA MET B 342 -15.14 23.16 -18.85
C MET B 342 -15.65 23.40 -20.26
N THR B 343 -15.35 24.57 -20.85
CA THR B 343 -15.81 24.86 -22.21
C THR B 343 -15.10 24.03 -23.26
N GLU B 344 -13.92 23.48 -22.96
CA GLU B 344 -13.25 22.55 -23.84
C GLU B 344 -13.62 21.09 -23.55
N ASP B 345 -14.61 20.85 -22.69
CA ASP B 345 -15.04 19.48 -22.41
C ASP B 345 -16.01 19.09 -23.51
N LYS B 346 -15.69 18.02 -24.20
CA LYS B 346 -16.45 17.65 -25.38
C LYS B 346 -17.83 17.08 -25.04
N ARG B 347 -18.12 16.86 -23.76
CA ARG B 347 -19.49 16.48 -23.40
C ARG B 347 -20.46 17.63 -23.58
N TYR B 348 -19.98 18.85 -23.66
CA TYR B 348 -20.88 19.97 -23.90
C TYR B 348 -20.97 20.32 -25.39
N ASP B 349 -20.37 19.50 -26.26
CA ASP B 349 -20.67 19.61 -27.68
C ASP B 349 -22.13 19.27 -27.92
N VAL B 350 -22.73 19.95 -28.89
CA VAL B 350 -24.17 19.81 -29.16
C VAL B 350 -24.42 18.50 -29.91
N ILE B 351 -25.56 17.87 -29.58
CA ILE B 351 -26.05 16.72 -30.32
C ILE B 351 -26.15 17.08 -31.79
N ASP B 352 -25.52 16.27 -32.65
CA ASP B 352 -25.47 16.57 -34.09
C ASP B 352 -25.88 15.37 -34.94
N GLN B 353 -25.70 15.46 -36.26
CA GLN B 353 -26.18 14.36 -37.09
C GLN B 353 -25.33 13.10 -36.94
N LYS B 354 -24.11 13.20 -36.38
CA LYS B 354 -23.35 11.98 -36.13
C LYS B 354 -23.95 11.16 -34.98
N ASP B 355 -24.64 11.82 -34.03
CA ASP B 355 -25.32 11.09 -32.96
C ASP B 355 -26.67 10.54 -33.40
N ILE B 356 -27.53 11.42 -33.92
CA ILE B 356 -28.87 11.04 -34.34
C ILE B 356 -29.03 11.44 -35.80
N PRO B 357 -28.89 10.49 -36.73
CA PRO B 357 -28.93 10.81 -38.16
C PRO B 357 -30.25 11.43 -38.61
N ASP B 358 -31.40 10.91 -38.14
CA ASP B 358 -32.67 11.44 -38.63
C ASP B 358 -32.89 12.86 -38.12
N PRO B 359 -33.04 13.86 -38.99
CA PRO B 359 -33.20 15.24 -38.49
C PRO B 359 -34.49 15.48 -37.71
N ALA B 360 -35.59 14.84 -38.08
CA ALA B 360 -36.82 14.99 -37.29
C ALA B 360 -36.71 14.32 -35.93
N LEU B 361 -36.01 13.18 -35.87
CA LEU B 361 -35.77 12.49 -34.61
C LEU B 361 -34.85 13.32 -33.72
N ARG B 362 -33.82 13.93 -34.29
CA ARG B 362 -32.88 14.71 -33.51
C ARG B 362 -33.57 15.90 -32.87
N GLU B 363 -34.49 16.50 -33.60
CA GLU B 363 -35.14 17.70 -33.10
C GLU B 363 -36.05 17.38 -31.91
N GLN B 364 -36.74 16.23 -31.94
CA GLN B 364 -37.59 15.89 -30.79
C GLN B 364 -36.77 15.47 -29.57
N ILE B 365 -35.64 14.78 -29.78
CA ILE B 365 -34.78 14.40 -28.66
C ILE B 365 -34.11 15.62 -28.04
N ILE B 366 -33.55 16.49 -28.88
CA ILE B 366 -32.89 17.70 -28.38
C ILE B 366 -33.87 18.53 -27.57
N GLN B 367 -35.12 18.57 -28.00
CA GLN B 367 -36.03 19.39 -27.22
C GLN B 367 -36.29 18.77 -25.85
N GLN B 368 -36.32 17.45 -25.77
CA GLN B 368 -36.81 16.85 -24.54
C GLN B 368 -35.69 16.51 -23.56
N VAL B 369 -34.49 16.16 -24.03
CA VAL B 369 -33.43 15.72 -23.13
C VAL B 369 -32.34 16.76 -22.90
N GLY B 370 -32.29 17.82 -23.69
CA GLY B 370 -31.22 18.80 -23.58
C GLY B 370 -30.39 18.84 -24.85
N GLN B 371 -29.46 19.77 -24.89
CA GLN B 371 -28.74 20.04 -26.14
C GLN B 371 -27.37 19.41 -26.22
N TYR B 372 -26.87 18.77 -25.16
CA TYR B 372 -25.49 18.35 -25.12
C TYR B 372 -25.35 16.84 -25.28
N LYS B 373 -24.25 16.44 -25.95
CA LYS B 373 -23.95 15.03 -26.10
C LYS B 373 -24.01 14.31 -24.75
N GLY B 374 -23.36 14.89 -23.74
CA GLY B 374 -23.31 14.27 -22.42
C GLY B 374 -24.67 14.06 -21.78
N ASP B 375 -25.67 14.85 -22.19
CA ASP B 375 -27.03 14.67 -21.70
C ASP B 375 -27.66 13.34 -22.17
N LEU B 376 -27.19 12.77 -23.29
CA LEU B 376 -27.87 11.63 -23.89
C LEU B 376 -27.90 10.45 -22.93
N GLU B 377 -26.74 10.10 -22.35
CA GLU B 377 -26.69 8.92 -21.51
C GLU B 377 -27.09 9.16 -20.06
N ARG B 378 -27.32 10.41 -19.67
CA ARG B 378 -27.78 10.69 -18.31
C ARG B 378 -29.28 10.85 -18.20
N TYR B 379 -29.96 11.29 -19.26
CA TYR B 379 -31.39 11.58 -19.18
C TYR B 379 -32.19 10.34 -18.80
N ASN B 380 -33.04 10.47 -17.79
CA ASN B 380 -33.64 9.31 -17.17
C ASN B 380 -35.14 9.50 -16.96
N LYS B 381 -35.80 10.24 -17.85
CA LYS B 381 -37.23 10.47 -17.66
C LYS B 381 -38.01 9.91 -18.85
N THR B 382 -38.87 10.70 -19.47
CA THR B 382 -39.71 10.23 -20.57
C THR B 382 -39.27 10.87 -21.87
N LEU B 383 -39.35 10.10 -22.96
CA LEU B 383 -39.16 10.62 -24.32
C LEU B 383 -40.38 10.22 -25.13
N VAL B 384 -41.11 11.23 -25.63
CA VAL B 384 -42.27 11.04 -26.50
C VAL B 384 -41.86 11.43 -27.92
N LEU B 385 -42.05 10.50 -28.86
CA LEU B 385 -41.71 10.71 -30.27
C LEU B 385 -42.98 10.57 -31.11
N THR B 386 -43.30 11.59 -31.90
CA THR B 386 -44.53 11.64 -32.67
C THR B 386 -44.25 12.03 -34.11
N GLY B 387 -45.22 11.76 -34.98
CA GLY B 387 -45.25 12.33 -36.30
C GLY B 387 -44.81 11.35 -37.39
N ASP B 388 -45.07 11.75 -38.63
CA ASP B 388 -44.75 10.93 -39.79
C ASP B 388 -43.43 11.33 -40.46
N LYS B 389 -42.67 12.26 -39.86
CA LYS B 389 -41.41 12.69 -40.44
C LYS B 389 -40.22 11.85 -39.96
N ILE B 390 -40.35 11.15 -38.83
CA ILE B 390 -39.31 10.26 -38.33
C ILE B 390 -39.32 8.98 -39.18
N GLN B 391 -38.18 8.66 -39.80
CA GLN B 391 -38.03 7.45 -40.60
C GLN B 391 -37.16 6.39 -39.96
N ASN B 392 -36.25 6.81 -39.09
CA ASN B 392 -35.14 6.02 -38.60
C ASN B 392 -34.94 6.29 -37.12
N LEU B 393 -34.87 5.23 -36.32
CA LEU B 393 -34.69 5.34 -34.87
C LEU B 393 -33.23 5.18 -34.44
N LYS B 394 -32.30 5.19 -35.40
CA LYS B 394 -30.88 5.09 -35.09
C LYS B 394 -30.45 6.26 -34.21
N GLY B 395 -29.88 5.95 -33.03
CA GLY B 395 -29.50 6.93 -32.03
C GLY B 395 -30.30 6.82 -30.75
N LEU B 396 -31.52 6.30 -30.84
CA LEU B 396 -32.32 6.05 -29.65
C LEU B 396 -31.53 5.24 -28.63
N GLU B 397 -30.60 4.40 -29.09
CA GLU B 397 -29.89 3.52 -28.17
C GLU B 397 -28.89 4.25 -27.28
N LYS B 398 -28.55 5.51 -27.59
CA LYS B 398 -27.62 6.26 -26.73
C LYS B 398 -28.30 6.82 -25.47
N LEU B 399 -29.62 6.76 -25.39
CA LEU B 399 -30.34 7.18 -24.20
C LEU B 399 -30.37 6.07 -23.15
N SER B 400 -29.19 5.63 -22.69
CA SER B 400 -29.05 4.38 -21.98
C SER B 400 -29.67 4.34 -20.56
N LYS B 401 -30.17 5.47 -20.04
CA LYS B 401 -30.89 5.47 -18.76
C LYS B 401 -32.34 5.91 -18.88
N LEU B 402 -32.88 5.97 -20.10
CA LEU B 402 -34.26 6.38 -20.33
C LEU B 402 -35.22 5.47 -19.60
N GLN B 403 -36.28 6.05 -19.03
CA GLN B 403 -37.19 5.26 -18.23
C GLN B 403 -38.55 5.01 -18.87
N LYS B 404 -38.99 5.84 -19.81
CA LYS B 404 -40.21 5.59 -20.56
C LYS B 404 -39.97 6.06 -21.98
N LEU B 405 -40.13 5.15 -22.92
CA LEU B 405 -40.10 5.46 -24.35
C LEU B 405 -41.51 5.33 -24.88
N GLU B 406 -41.97 6.38 -25.55
CA GLU B 406 -43.35 6.50 -26.00
C GLU B 406 -43.33 6.83 -27.49
N LEU B 407 -43.78 5.90 -28.32
CA LEU B 407 -43.77 6.07 -29.78
C LEU B 407 -45.21 6.23 -30.27
N ARG B 408 -45.59 7.46 -30.62
CA ARG B 408 -46.97 7.77 -30.99
C ARG B 408 -47.10 8.10 -32.47
N GLN B 409 -47.85 7.24 -33.19
CA GLN B 409 -48.22 7.48 -34.59
C GLN B 409 -46.98 7.65 -35.47
N LEU B 410 -45.92 6.90 -35.19
CA LEU B 410 -44.70 6.94 -36.01
C LEU B 410 -44.91 6.06 -37.24
N SER B 411 -45.71 6.59 -38.17
CA SER B 411 -46.23 5.80 -39.29
C SER B 411 -45.20 5.52 -40.39
N ASN B 412 -44.05 6.21 -40.41
CA ASN B 412 -43.03 5.89 -41.41
C ASN B 412 -41.84 5.14 -40.82
N VAL B 413 -41.94 4.69 -39.57
CA VAL B 413 -40.91 3.84 -38.97
C VAL B 413 -41.18 2.41 -39.42
N LYS B 414 -40.13 1.74 -39.90
CA LYS B 414 -40.25 0.40 -40.46
C LYS B 414 -39.68 -0.69 -39.57
N GLU B 415 -38.77 -0.35 -38.68
CA GLU B 415 -37.98 -1.38 -38.00
C GLU B 415 -37.67 -0.93 -36.58
N ILE B 416 -37.95 -1.81 -35.62
CA ILE B 416 -37.52 -1.66 -34.23
C ILE B 416 -36.80 -2.95 -33.84
N THR B 417 -35.55 -2.82 -33.38
CA THR B 417 -34.74 -3.96 -33.00
C THR B 417 -34.00 -3.57 -31.73
N PRO B 418 -33.50 -4.56 -30.95
CA PRO B 418 -32.83 -4.23 -29.68
C PRO B 418 -31.68 -3.24 -29.77
N GLU B 419 -30.88 -3.27 -30.84
CA GLU B 419 -29.70 -2.41 -30.97
C GLU B 419 -30.06 -0.97 -31.26
N LEU B 420 -31.32 -0.70 -31.59
CA LEU B 420 -31.84 0.66 -31.63
C LEU B 420 -32.47 1.09 -30.30
N LEU B 421 -32.51 0.21 -29.29
CA LEU B 421 -33.24 0.56 -28.08
C LEU B 421 -32.29 0.80 -26.91
N PRO B 422 -32.65 1.72 -26.01
CA PRO B 422 -31.85 1.95 -24.81
C PRO B 422 -31.62 0.70 -23.98
N GLU B 423 -30.50 0.74 -23.26
CA GLU B 423 -29.96 -0.30 -22.42
C GLU B 423 -30.86 -0.53 -21.23
N SER B 424 -31.60 0.52 -20.86
CA SER B 424 -32.60 0.46 -19.80
C SER B 424 -33.81 -0.39 -20.20
N MET B 425 -34.01 -0.67 -21.49
CA MET B 425 -35.12 -1.54 -21.85
C MET B 425 -34.95 -2.95 -21.28
N LYS B 426 -33.72 -3.35 -20.94
CA LYS B 426 -33.51 -4.66 -20.33
C LYS B 426 -33.85 -4.70 -18.85
N LYS B 427 -34.12 -3.54 -18.24
CA LYS B 427 -34.38 -3.36 -16.82
C LYS B 427 -35.72 -2.62 -16.61
N ASP B 428 -36.77 -3.10 -17.24
CA ASP B 428 -38.16 -2.62 -17.00
C ASP B 428 -38.37 -1.14 -17.29
N ALA B 429 -37.71 -0.60 -18.31
CA ALA B 429 -38.19 0.68 -18.83
C ALA B 429 -39.52 0.49 -19.54
N GLU B 430 -40.39 1.50 -19.45
CA GLU B 430 -41.69 1.41 -20.13
C GLU B 430 -41.55 1.65 -21.63
N LEU B 431 -42.34 0.91 -22.41
CA LEU B 431 -42.31 0.96 -23.86
C LEU B 431 -43.76 1.01 -24.34
N VAL B 432 -44.19 2.19 -24.79
CA VAL B 432 -45.55 2.40 -25.28
C VAL B 432 -45.45 2.72 -26.77
N MET B 433 -46.25 2.03 -27.58
CA MET B 433 -46.28 2.35 -28.99
C MET B 433 -47.70 2.18 -29.52
N VAL B 434 -48.23 3.25 -30.08
CA VAL B 434 -49.58 3.28 -30.61
C VAL B 434 -49.48 3.78 -32.05
N GLY B 435 -50.35 3.26 -32.91
CA GLY B 435 -50.40 3.66 -34.31
C GLY B 435 -49.16 3.36 -35.14
N MET B 436 -48.53 2.20 -34.92
CA MET B 436 -47.30 1.90 -35.65
C MET B 436 -47.61 1.21 -36.99
N THR B 437 -48.34 1.93 -37.84
CA THR B 437 -48.93 1.35 -39.05
C THR B 437 -47.93 1.11 -40.18
N GLY B 438 -46.71 1.63 -40.10
CA GLY B 438 -45.73 1.31 -41.12
C GLY B 438 -44.73 0.27 -40.66
N LEU B 439 -44.84 -0.16 -39.41
CA LEU B 439 -43.83 -1.03 -38.82
C LEU B 439 -43.88 -2.40 -39.49
N GLU B 440 -42.74 -2.84 -40.01
CA GLU B 440 -42.74 -4.15 -40.66
C GLU B 440 -42.08 -5.21 -39.79
N LYS B 441 -41.11 -4.83 -38.96
CA LYS B 441 -40.50 -5.80 -38.08
C LYS B 441 -40.31 -5.25 -36.68
N LEU B 442 -40.73 -6.05 -35.70
CA LEU B 442 -40.71 -5.74 -34.27
C LEU B 442 -39.86 -6.82 -33.59
N ASN B 443 -38.59 -6.51 -33.35
CA ASN B 443 -37.66 -7.40 -32.66
C ASN B 443 -37.44 -6.86 -31.25
N LEU B 444 -37.98 -7.57 -30.25
CA LEU B 444 -37.83 -7.20 -28.85
C LEU B 444 -37.12 -8.28 -28.03
N SER B 445 -36.38 -9.17 -28.69
CA SER B 445 -35.82 -10.34 -28.03
C SER B 445 -34.61 -9.98 -27.17
N GLY B 446 -34.47 -10.70 -26.05
CA GLY B 446 -33.34 -10.55 -25.16
C GLY B 446 -33.41 -9.34 -24.25
N LEU B 447 -34.59 -8.80 -23.99
CA LEU B 447 -34.73 -7.58 -23.22
C LEU B 447 -35.40 -7.79 -21.86
N ASN B 448 -35.62 -9.05 -21.45
CA ASN B 448 -36.30 -9.35 -20.18
C ASN B 448 -37.66 -8.68 -20.09
N ARG B 449 -38.35 -8.51 -21.21
CA ARG B 449 -39.66 -7.90 -21.13
C ARG B 449 -40.60 -8.83 -20.38
N GLN B 450 -41.31 -8.27 -19.39
CA GLN B 450 -42.15 -9.08 -18.52
C GLN B 450 -43.61 -9.06 -18.96
N THR B 451 -44.02 -8.06 -19.73
CA THR B 451 -45.33 -8.04 -20.38
C THR B 451 -45.22 -7.35 -21.72
N LEU B 452 -46.29 -7.42 -22.50
CA LEU B 452 -46.42 -6.66 -23.74
C LEU B 452 -47.35 -5.47 -23.58
N ASP B 453 -47.62 -5.08 -22.34
CA ASP B 453 -48.48 -3.95 -22.05
C ASP B 453 -47.90 -2.67 -22.65
N GLY B 454 -48.77 -1.82 -23.18
CA GLY B 454 -48.38 -0.57 -23.82
C GLY B 454 -48.10 -0.70 -25.30
N ILE B 455 -47.90 -1.90 -25.80
CA ILE B 455 -47.83 -2.12 -27.24
C ILE B 455 -49.24 -2.38 -27.75
N ASP B 456 -49.70 -1.48 -28.60
CA ASP B 456 -51.04 -1.51 -29.19
C ASP B 456 -50.95 -2.40 -30.44
N VAL B 457 -51.20 -3.70 -30.23
CA VAL B 457 -50.96 -4.66 -31.30
C VAL B 457 -51.96 -4.53 -32.44
N ASN B 458 -53.16 -4.01 -32.18
CA ASN B 458 -54.15 -3.89 -33.25
C ASN B 458 -53.68 -2.94 -34.34
N SER B 459 -52.83 -1.97 -33.99
CA SER B 459 -52.42 -0.90 -34.90
C SER B 459 -51.24 -1.28 -35.79
N ILE B 460 -50.54 -2.38 -35.51
CA ILE B 460 -49.35 -2.75 -36.29
C ILE B 460 -49.81 -3.55 -37.52
N THR B 461 -50.59 -2.92 -38.40
CA THR B 461 -51.28 -3.60 -39.48
C THR B 461 -50.38 -4.03 -40.64
N HIS B 462 -49.12 -3.57 -40.70
CA HIS B 462 -48.20 -3.95 -41.77
C HIS B 462 -47.08 -4.87 -41.30
N LEU B 463 -47.25 -5.51 -40.15
CA LEU B 463 -46.18 -6.33 -39.58
C LEU B 463 -45.93 -7.58 -40.45
N THR B 464 -44.65 -7.85 -40.75
CA THR B 464 -44.30 -9.07 -41.48
C THR B 464 -43.39 -10.01 -40.71
N SER B 465 -42.76 -9.57 -39.62
CA SER B 465 -42.06 -10.51 -38.75
C SER B 465 -41.97 -9.91 -37.34
N PHE B 466 -41.85 -10.78 -36.34
CA PHE B 466 -41.62 -10.32 -34.99
C PHE B 466 -40.82 -11.34 -34.20
N ASP B 467 -40.08 -10.86 -33.20
CA ASP B 467 -39.31 -11.72 -32.30
C ASP B 467 -39.47 -11.20 -30.87
N ILE B 468 -40.25 -11.91 -30.06
CA ILE B 468 -40.38 -11.60 -28.64
C ILE B 468 -39.80 -12.71 -27.76
N SER B 469 -38.95 -13.56 -28.35
CA SER B 469 -38.33 -14.67 -27.66
C SER B 469 -37.26 -14.18 -26.70
N HIS B 470 -36.85 -15.07 -25.79
CA HIS B 470 -35.85 -14.77 -24.77
C HIS B 470 -36.24 -13.54 -23.94
N ASN B 471 -37.50 -13.45 -23.58
CA ASN B 471 -37.92 -12.41 -22.65
C ASN B 471 -38.39 -13.06 -21.35
N SER B 472 -39.22 -12.36 -20.58
CA SER B 472 -39.74 -12.87 -19.32
C SER B 472 -41.25 -12.87 -19.34
N LEU B 473 -41.82 -13.23 -20.49
CA LEU B 473 -43.26 -13.17 -20.67
C LEU B 473 -43.94 -14.42 -20.10
N ASP B 474 -45.17 -14.22 -19.64
CA ASP B 474 -46.07 -15.31 -19.29
C ASP B 474 -47.08 -15.47 -20.41
N LEU B 475 -46.89 -16.51 -21.23
CA LEU B 475 -47.76 -16.79 -22.36
C LEU B 475 -48.65 -18.00 -22.13
N SER B 476 -49.02 -18.27 -20.87
CA SER B 476 -49.95 -19.36 -20.56
C SER B 476 -51.35 -19.02 -21.07
N GLU B 477 -52.23 -20.01 -21.04
CA GLU B 477 -53.52 -19.91 -21.71
C GLU B 477 -54.30 -18.66 -21.32
N LYS B 478 -54.36 -18.33 -20.03
CA LYS B 478 -55.25 -17.27 -19.58
C LYS B 478 -54.57 -15.91 -19.55
N SER B 479 -53.25 -15.89 -19.67
CA SER B 479 -52.52 -14.65 -19.72
C SER B 479 -52.94 -13.81 -20.91
N GLU B 480 -53.07 -12.49 -20.68
CA GLU B 480 -53.40 -11.58 -21.77
C GLU B 480 -52.19 -11.29 -22.67
N ASP B 481 -50.97 -11.60 -22.21
CA ASP B 481 -49.85 -11.52 -23.13
C ASP B 481 -49.92 -12.60 -24.19
N ARG B 482 -50.75 -13.62 -23.99
CA ARG B 482 -51.00 -14.60 -25.04
C ARG B 482 -52.07 -14.11 -26.01
N LYS B 483 -53.08 -13.38 -25.51
CA LYS B 483 -54.01 -12.67 -26.39
C LYS B 483 -53.26 -11.73 -27.32
N LEU B 484 -52.41 -10.88 -26.76
CA LEU B 484 -51.60 -9.97 -27.53
C LEU B 484 -50.74 -10.73 -28.55
N LEU B 485 -50.11 -11.83 -28.10
CA LEU B 485 -49.26 -12.62 -28.98
C LEU B 485 -50.04 -13.13 -30.19
N MET B 486 -51.30 -13.54 -29.96
CA MET B 486 -52.14 -14.02 -31.05
C MET B 486 -52.40 -12.93 -32.08
N THR B 487 -52.59 -11.68 -31.63
CA THR B 487 -52.84 -10.62 -32.57
C THR B 487 -51.60 -10.35 -33.41
N LEU B 488 -50.42 -10.36 -32.79
CA LEU B 488 -49.19 -10.19 -33.55
C LEU B 488 -49.08 -11.26 -34.63
N MET B 489 -49.48 -12.50 -34.31
CA MET B 489 -49.43 -13.57 -35.30
C MET B 489 -50.49 -13.40 -36.37
N GLU B 490 -51.64 -12.85 -36.02
CA GLU B 490 -52.65 -12.62 -37.05
C GLU B 490 -52.21 -11.53 -38.03
N GLN B 491 -51.48 -10.52 -37.54
CA GLN B 491 -50.91 -9.49 -38.41
C GLN B 491 -49.90 -10.06 -39.41
N VAL B 492 -48.92 -10.82 -38.92
CA VAL B 492 -47.93 -11.45 -39.80
C VAL B 492 -48.62 -12.34 -40.83
N SER B 493 -49.67 -13.03 -40.39
CA SER B 493 -50.35 -14.07 -41.17
C SER B 493 -51.00 -13.51 -42.43
N ASN B 494 -51.41 -12.24 -42.43
CA ASN B 494 -51.98 -11.56 -43.59
C ASN B 494 -50.97 -11.20 -44.67
N HIS B 495 -49.68 -11.23 -44.38
CA HIS B 495 -48.68 -10.78 -45.34
C HIS B 495 -47.70 -11.85 -45.78
N GLN B 496 -47.69 -13.00 -45.10
CA GLN B 496 -46.57 -13.91 -45.16
C GLN B 496 -47.01 -15.21 -44.52
N LYS B 497 -46.43 -16.31 -44.97
CA LYS B 497 -46.74 -17.57 -44.33
C LYS B 497 -46.11 -17.60 -42.94
N ILE B 498 -46.91 -17.90 -41.92
CA ILE B 498 -46.37 -17.99 -40.56
C ILE B 498 -45.32 -19.10 -40.50
N THR B 499 -44.13 -18.76 -40.00
CA THR B 499 -43.07 -19.68 -39.66
C THR B 499 -42.62 -19.43 -38.23
N VAL B 500 -41.74 -20.31 -37.74
CA VAL B 500 -41.12 -20.15 -36.42
C VAL B 500 -40.14 -18.99 -36.45
N LYS B 501 -39.50 -18.75 -37.60
CA LYS B 501 -38.48 -17.72 -37.68
C LYS B 501 -39.10 -16.34 -37.62
N ASN B 502 -40.19 -16.11 -38.35
CA ASN B 502 -40.75 -14.75 -38.42
C ASN B 502 -41.81 -14.48 -37.35
N THR B 503 -42.06 -15.41 -36.44
CA THR B 503 -42.95 -15.19 -35.30
C THR B 503 -42.34 -15.81 -34.05
N ALA B 504 -41.05 -15.58 -33.81
CA ALA B 504 -40.36 -16.22 -32.69
C ALA B 504 -40.90 -15.70 -31.36
N PHE B 505 -41.19 -16.63 -30.44
CA PHE B 505 -41.65 -16.22 -29.13
C PHE B 505 -41.25 -17.16 -28.00
N GLU B 506 -40.43 -18.18 -28.27
CA GLU B 506 -40.10 -19.21 -27.30
C GLU B 506 -38.99 -18.72 -26.37
N ASN B 507 -38.66 -19.54 -25.36
CA ASN B 507 -37.57 -19.25 -24.40
C ASN B 507 -37.94 -18.15 -23.41
N GLN B 508 -39.19 -18.10 -22.97
CA GLN B 508 -39.56 -17.17 -21.90
C GLN B 508 -39.07 -17.67 -20.55
N LYS B 509 -38.81 -16.72 -19.64
CA LYS B 509 -38.46 -17.02 -18.26
C LYS B 509 -39.24 -16.07 -17.35
N PRO B 510 -40.54 -16.32 -17.18
CA PRO B 510 -41.38 -15.38 -16.41
C PRO B 510 -40.92 -15.28 -14.97
N LYS B 511 -40.74 -14.05 -14.50
CA LYS B 511 -40.34 -13.83 -13.12
C LYS B 511 -41.47 -14.25 -12.16
N GLY B 512 -41.09 -14.70 -10.97
CA GLY B 512 -42.04 -15.12 -9.95
C GLY B 512 -42.26 -14.04 -8.91
N TYR B 513 -43.53 -13.84 -8.56
CA TYR B 513 -43.92 -12.84 -7.56
C TYR B 513 -44.69 -13.50 -6.42
N TYR B 514 -44.90 -12.73 -5.34
CA TYR B 514 -45.75 -13.18 -4.25
C TYR B 514 -47.20 -12.97 -4.65
N PRO B 515 -48.08 -13.94 -4.41
CA PRO B 515 -49.50 -13.73 -4.73
C PRO B 515 -50.04 -12.52 -3.99
N GLN B 516 -50.97 -11.79 -4.64
CA GLN B 516 -51.51 -10.59 -4.01
C GLN B 516 -52.55 -10.91 -2.94
N THR B 517 -53.26 -12.03 -3.08
CA THR B 517 -54.20 -12.48 -2.09
C THR B 517 -54.09 -14.00 -1.98
N TYR B 518 -54.71 -14.53 -0.94
CA TYR B 518 -54.70 -15.97 -0.70
C TYR B 518 -56.13 -16.44 -0.53
N ASP B 519 -56.36 -17.71 -0.88
CA ASP B 519 -57.71 -18.21 -1.06
C ASP B 519 -58.42 -18.47 0.27
N THR B 520 -57.76 -19.16 1.20
CA THR B 520 -58.39 -19.67 2.43
C THR B 520 -58.70 -18.52 3.40
N LYS B 521 -59.98 -18.20 3.55
CA LYS B 521 -60.41 -17.23 4.55
C LYS B 521 -60.76 -17.89 5.87
N GLU B 522 -60.94 -19.20 5.90
CA GLU B 522 -61.26 -19.91 7.14
C GLU B 522 -60.66 -21.31 7.01
N GLY B 523 -59.49 -21.52 7.62
CA GLY B 523 -58.83 -22.80 7.54
C GLY B 523 -59.27 -23.77 8.61
N HIS B 524 -58.95 -25.05 8.41
CA HIS B 524 -59.41 -26.06 9.34
C HIS B 524 -58.34 -27.14 9.48
N TYR B 525 -58.34 -27.79 10.64
CA TYR B 525 -57.55 -28.98 10.89
C TYR B 525 -58.41 -30.00 11.62
N ASP B 526 -58.19 -31.27 11.31
CA ASP B 526 -58.81 -32.31 12.11
C ASP B 526 -58.20 -32.27 13.51
N VAL B 527 -58.96 -32.75 14.49
CA VAL B 527 -58.39 -32.86 15.82
C VAL B 527 -57.51 -34.10 15.82
N ASP B 528 -56.42 -34.06 15.04
CA ASP B 528 -55.43 -35.14 15.02
C ASP B 528 -54.48 -34.79 16.15
N ASN B 529 -53.25 -35.28 16.17
CA ASN B 529 -52.36 -34.80 17.23
C ASN B 529 -50.94 -34.65 16.70
N ALA B 530 -50.82 -34.16 15.47
CA ALA B 530 -49.54 -33.98 14.81
C ALA B 530 -49.33 -32.49 14.55
N GLU B 531 -48.13 -32.17 14.09
CA GLU B 531 -47.75 -30.80 13.81
C GLU B 531 -48.20 -30.36 12.42
N HIS B 532 -48.61 -29.11 12.32
CA HIS B 532 -48.94 -28.48 11.05
C HIS B 532 -48.13 -27.21 10.91
N ASP B 533 -47.91 -26.80 9.65
CA ASP B 533 -47.23 -25.56 9.32
C ASP B 533 -48.20 -24.62 8.61
N ILE B 534 -48.47 -23.47 9.22
CA ILE B 534 -49.50 -22.58 8.68
C ILE B 534 -49.07 -21.95 7.35
N LEU B 535 -47.77 -21.69 7.15
CA LEU B 535 -47.34 -21.14 5.88
C LEU B 535 -47.41 -22.19 4.77
N THR B 536 -46.93 -23.39 5.04
CA THR B 536 -47.03 -24.49 4.08
C THR B 536 -48.47 -24.76 3.67
N ASP B 537 -49.40 -24.73 4.60
CA ASP B 537 -50.74 -25.22 4.29
C ASP B 537 -51.65 -24.17 3.65
N PHE B 538 -51.43 -22.89 3.94
CA PHE B 538 -52.42 -21.89 3.57
C PHE B 538 -51.86 -20.66 2.86
N VAL B 539 -50.58 -20.34 3.10
CA VAL B 539 -49.98 -19.11 2.60
C VAL B 539 -48.68 -19.52 1.91
N PHE B 540 -48.78 -19.90 0.64
CA PHE B 540 -47.70 -20.54 -0.12
C PHE B 540 -47.88 -20.20 -1.60
N GLY B 541 -46.84 -20.46 -2.40
CA GLY B 541 -46.96 -20.39 -3.84
C GLY B 541 -46.41 -19.10 -4.43
N THR B 542 -46.48 -19.02 -5.75
CA THR B 542 -45.86 -17.96 -6.54
C THR B 542 -46.79 -17.62 -7.71
N VAL B 543 -46.84 -16.34 -8.09
CA VAL B 543 -47.56 -15.92 -9.29
C VAL B 543 -46.57 -15.40 -10.33
N THR B 544 -47.04 -15.33 -11.58
CA THR B 544 -46.36 -14.60 -12.64
C THR B 544 -46.78 -13.14 -12.59
N LYS B 545 -46.09 -12.30 -13.36
CA LYS B 545 -46.49 -10.89 -13.46
C LYS B 545 -47.94 -10.72 -13.91
N ARG B 546 -48.51 -11.73 -14.58
CA ARG B 546 -49.90 -11.69 -15.04
C ARG B 546 -50.82 -12.47 -14.09
N ASN B 547 -50.36 -12.76 -12.87
CA ASN B 547 -51.20 -13.33 -11.82
C ASN B 547 -51.66 -14.75 -12.15
N THR B 548 -50.81 -15.52 -12.82
CA THR B 548 -51.04 -16.93 -13.04
C THR B 548 -50.48 -17.66 -11.83
N PHE B 549 -51.34 -18.31 -11.04
CA PHE B 549 -50.88 -18.91 -9.79
C PHE B 549 -50.22 -20.27 -10.04
N ILE B 550 -49.05 -20.46 -9.46
CA ILE B 550 -48.32 -21.73 -9.51
C ILE B 550 -48.03 -22.16 -8.07
N GLY B 551 -48.69 -23.22 -7.62
CA GLY B 551 -48.67 -23.61 -6.23
C GLY B 551 -47.40 -24.29 -5.75
N ASP B 552 -46.84 -25.17 -6.57
CA ASP B 552 -45.69 -25.96 -6.16
C ASP B 552 -44.94 -26.40 -7.41
N GLU B 553 -43.93 -27.26 -7.24
CA GLU B 553 -43.07 -27.62 -8.35
C GLU B 553 -43.77 -28.49 -9.39
N GLU B 554 -44.82 -29.21 -8.99
CA GLU B 554 -45.57 -30.00 -9.97
C GLU B 554 -46.52 -29.12 -10.79
N ALA B 555 -47.06 -28.06 -10.21
CA ALA B 555 -47.82 -27.10 -11.01
C ALA B 555 -46.90 -26.35 -11.97
N PHE B 556 -45.66 -26.11 -11.56
CA PHE B 556 -44.69 -25.44 -12.43
C PHE B 556 -44.25 -26.35 -13.57
N ALA B 557 -44.12 -27.65 -13.29
CA ALA B 557 -43.74 -28.59 -14.34
C ALA B 557 -44.81 -28.66 -15.43
N ILE B 558 -46.08 -28.62 -15.03
CA ILE B 558 -47.17 -28.50 -16.01
C ILE B 558 -47.06 -27.18 -16.76
N TYR B 559 -46.74 -26.09 -16.04
CA TYR B 559 -46.62 -24.78 -16.66
C TYR B 559 -45.55 -24.79 -17.76
N LYS B 560 -44.42 -25.44 -17.50
CA LYS B 560 -43.29 -25.50 -18.44
C LYS B 560 -43.63 -26.26 -19.72
N GLU B 561 -44.74 -26.98 -19.74
CA GLU B 561 -45.23 -27.70 -20.91
C GLU B 561 -46.12 -26.83 -21.79
N GLY B 562 -46.36 -25.58 -21.41
CA GLY B 562 -47.28 -24.75 -22.18
C GLY B 562 -46.80 -24.58 -23.61
N ALA B 563 -47.75 -24.62 -24.53
CA ALA B 563 -47.41 -24.51 -25.93
C ALA B 563 -48.46 -23.66 -26.62
N VAL B 564 -48.00 -22.93 -27.63
CA VAL B 564 -48.86 -22.22 -28.56
C VAL B 564 -48.69 -22.91 -29.90
N ASP B 565 -49.80 -23.42 -30.44
CA ASP B 565 -49.75 -24.19 -31.70
C ASP B 565 -48.64 -25.25 -31.69
N GLY B 566 -48.55 -26.04 -30.61
CA GLY B 566 -47.53 -27.05 -30.46
C GLY B 566 -46.13 -26.56 -30.22
N ARG B 567 -45.93 -25.24 -30.17
CA ARG B 567 -44.62 -24.65 -29.89
C ARG B 567 -44.55 -24.32 -28.41
N GLN B 568 -43.52 -24.82 -27.72
CA GLN B 568 -43.37 -24.63 -26.27
C GLN B 568 -42.58 -23.37 -25.96
N TYR B 569 -43.20 -22.46 -25.20
CA TYR B 569 -42.68 -21.11 -25.07
C TYR B 569 -41.86 -20.88 -23.81
N VAL B 570 -41.75 -21.85 -22.91
CA VAL B 570 -40.97 -21.68 -21.67
C VAL B 570 -39.58 -22.28 -21.88
N SER B 571 -38.55 -21.54 -21.47
CA SER B 571 -37.18 -21.98 -21.65
C SER B 571 -36.93 -23.32 -20.94
N LYS B 572 -36.20 -24.21 -21.63
CA LYS B 572 -36.08 -25.59 -21.16
C LYS B 572 -35.30 -25.69 -19.84
N ASP B 573 -34.29 -24.85 -19.63
CA ASP B 573 -33.46 -24.95 -18.44
C ASP B 573 -33.92 -24.03 -17.32
N TYR B 574 -35.09 -23.43 -17.45
CA TYR B 574 -35.61 -22.61 -16.37
C TYR B 574 -36.06 -23.53 -15.24
N THR B 575 -35.53 -23.30 -14.04
CA THR B 575 -35.74 -24.17 -12.89
C THR B 575 -36.77 -23.58 -11.95
N TYR B 576 -37.58 -24.45 -11.35
CA TYR B 576 -38.51 -24.03 -10.31
C TYR B 576 -37.80 -23.28 -9.20
N GLU B 577 -36.60 -23.75 -8.81
CA GLU B 577 -35.83 -23.08 -7.77
C GLU B 577 -35.61 -21.61 -8.13
N ALA B 578 -35.34 -21.33 -9.41
CA ALA B 578 -35.12 -19.98 -9.89
C ALA B 578 -36.39 -19.15 -10.01
N PHE B 579 -37.56 -19.79 -10.05
CA PHE B 579 -38.84 -19.10 -10.21
C PHE B 579 -39.54 -18.76 -8.88
N ARG B 580 -39.55 -19.68 -7.92
CA ARG B 580 -40.43 -19.52 -6.76
C ARG B 580 -39.91 -18.49 -5.77
N LYS B 581 -40.84 -17.87 -5.07
CA LYS B 581 -40.48 -17.04 -3.94
C LYS B 581 -40.23 -17.95 -2.73
N ASP B 582 -39.24 -17.59 -1.92
CA ASP B 582 -38.81 -18.46 -0.82
C ASP B 582 -39.55 -18.22 0.50
N TYR B 583 -40.29 -17.11 0.62
CA TYR B 583 -41.05 -16.73 1.82
C TYR B 583 -40.15 -16.46 3.02
N LYS B 584 -38.88 -16.16 2.75
CA LYS B 584 -37.92 -15.91 3.81
C LYS B 584 -38.28 -14.64 4.58
N GLY B 585 -38.38 -14.77 5.91
CA GLY B 585 -38.73 -13.65 6.77
C GLY B 585 -40.21 -13.51 7.06
N TYR B 586 -41.03 -14.44 6.59
CA TYR B 586 -42.45 -14.38 6.92
C TYR B 586 -42.67 -14.81 8.38
N LYS B 587 -43.66 -14.21 9.01
CA LYS B 587 -44.00 -14.48 10.40
C LYS B 587 -45.50 -14.61 10.52
N VAL B 588 -45.94 -15.48 11.41
CA VAL B 588 -47.34 -15.74 11.67
C VAL B 588 -47.64 -15.24 13.07
N HIS B 589 -48.66 -14.40 13.19
CA HIS B 589 -49.14 -13.96 14.50
C HIS B 589 -50.47 -14.64 14.77
N LEU B 590 -50.53 -15.39 15.87
CA LEU B 590 -51.72 -16.12 16.27
C LEU B 590 -52.33 -15.53 17.53
N THR B 591 -53.65 -15.44 17.55
CA THR B 591 -54.48 -15.11 18.71
C THR B 591 -55.47 -16.23 18.98
N ALA B 592 -55.26 -16.96 20.08
CA ALA B 592 -56.14 -18.06 20.49
C ALA B 592 -57.43 -17.49 21.07
N SER B 593 -58.38 -18.39 21.36
CA SER B 593 -59.61 -17.97 22.05
C SER B 593 -59.33 -17.45 23.45
N ASN B 594 -58.18 -17.82 24.03
CA ASN B 594 -57.51 -17.17 25.15
C ASN B 594 -57.53 -15.64 25.08
N LEU B 595 -57.43 -15.13 23.85
CA LEU B 595 -56.92 -13.80 23.51
C LEU B 595 -55.41 -13.71 23.74
N GLY B 596 -54.76 -14.81 24.08
CA GLY B 596 -53.31 -14.82 24.17
C GLY B 596 -52.65 -14.83 22.80
N GLU B 597 -51.42 -14.31 22.73
CA GLU B 597 -50.77 -14.04 21.46
C GLU B 597 -49.47 -14.83 21.35
N THR B 598 -49.22 -15.37 20.15
CA THR B 598 -48.02 -16.15 19.88
C THR B 598 -47.52 -15.87 18.48
N VAL B 599 -46.21 -16.05 18.30
CA VAL B 599 -45.57 -15.83 17.01
C VAL B 599 -44.92 -17.16 16.61
N THR B 600 -45.56 -17.85 15.67
CA THR B 600 -45.21 -19.18 15.22
C THR B 600 -46.05 -19.50 13.99
N SER B 601 -45.45 -20.13 12.99
CA SER B 601 -46.21 -20.64 11.86
C SER B 601 -46.67 -22.04 12.19
N LYS B 602 -45.96 -22.62 13.19
CA LYS B 602 -46.09 -24.02 13.60
C LYS B 602 -47.26 -24.15 14.57
N VAL B 603 -48.14 -25.11 14.29
CA VAL B 603 -49.27 -25.41 15.17
C VAL B 603 -49.40 -26.91 15.42
N THR B 604 -49.81 -27.29 16.64
CA THR B 604 -50.10 -28.68 16.98
C THR B 604 -51.56 -28.80 17.38
N ALA B 605 -52.32 -29.64 16.68
CA ALA B 605 -53.77 -29.68 16.86
C ALA B 605 -54.13 -30.71 17.93
N THR B 606 -53.91 -30.35 19.20
CA THR B 606 -54.23 -31.27 20.29
C THR B 606 -55.61 -31.04 20.89
N THR B 607 -56.27 -29.93 20.59
CA THR B 607 -57.56 -29.66 21.22
C THR B 607 -58.38 -28.73 20.36
N ASP B 608 -59.70 -28.77 20.56
CA ASP B 608 -60.63 -27.90 19.84
C ASP B 608 -60.30 -26.44 20.11
N GLU B 609 -59.83 -25.74 19.08
CA GLU B 609 -59.29 -24.41 19.30
C GLU B 609 -59.59 -23.56 18.07
N THR B 610 -59.53 -22.24 18.26
CA THR B 610 -59.67 -21.29 17.17
C THR B 610 -58.65 -20.19 17.35
N TYR B 611 -57.77 -20.04 16.36
CA TYR B 611 -56.83 -18.95 16.29
C TYR B 611 -57.28 -17.96 15.24
N LEU B 612 -57.06 -16.68 15.50
CA LEU B 612 -57.03 -15.70 14.43
C LEU B 612 -55.56 -15.52 14.07
N VAL B 613 -55.25 -15.69 12.78
CA VAL B 613 -53.88 -15.69 12.29
C VAL B 613 -53.70 -14.48 11.40
N ASP B 614 -52.60 -13.77 11.60
CA ASP B 614 -52.20 -12.62 10.78
C ASP B 614 -50.81 -12.94 10.27
N VAL B 615 -50.68 -13.11 8.95
CA VAL B 615 -49.40 -13.45 8.35
C VAL B 615 -48.72 -12.16 7.92
N SER B 616 -47.42 -12.08 8.18
CA SER B 616 -46.66 -10.89 7.87
C SER B 616 -45.39 -11.27 7.12
N ASP B 617 -44.96 -10.38 6.23
CA ASP B 617 -43.76 -10.61 5.45
C ASP B 617 -42.55 -9.86 5.97
N GLY B 618 -42.66 -9.30 7.18
CA GLY B 618 -41.63 -8.46 7.77
C GLY B 618 -41.96 -6.97 7.77
N GLU B 619 -42.89 -6.53 6.93
CA GLU B 619 -43.24 -5.11 6.82
C GLU B 619 -44.74 -4.86 6.88
N LYS B 620 -45.55 -5.68 6.22
CA LYS B 620 -47.00 -5.50 6.14
C LYS B 620 -47.66 -6.84 6.37
N VAL B 621 -48.96 -6.80 6.63
CA VAL B 621 -49.76 -8.00 6.85
C VAL B 621 -50.30 -8.44 5.49
N VAL B 622 -49.79 -9.56 4.99
CA VAL B 622 -50.22 -10.04 3.68
C VAL B 622 -51.50 -10.84 3.79
N HIS B 623 -51.78 -11.44 4.93
CA HIS B 623 -52.94 -12.32 5.00
C HIS B 623 -53.51 -12.38 6.40
N HIS B 624 -54.84 -12.43 6.45
CA HIS B 624 -55.60 -12.63 7.68
C HIS B 624 -56.68 -13.67 7.45
N MET B 625 -56.74 -14.66 8.33
CA MET B 625 -57.75 -15.70 8.24
C MET B 625 -58.04 -16.27 9.63
N LYS B 626 -59.15 -17.01 9.70
CA LYS B 626 -59.48 -17.84 10.84
C LYS B 626 -59.03 -19.27 10.66
N LEU B 627 -58.57 -19.86 11.76
CA LEU B 627 -58.12 -21.23 11.80
C LEU B 627 -58.94 -21.93 12.87
N ASN B 628 -59.56 -23.05 12.51
CA ASN B 628 -60.36 -23.85 13.41
C ASN B 628 -59.66 -25.18 13.61
N ILE B 629 -59.61 -25.66 14.84
CA ILE B 629 -59.07 -26.98 15.16
C ILE B 629 -60.19 -27.78 15.82
N GLY B 630 -60.51 -28.94 15.24
CA GLY B 630 -61.72 -29.63 15.67
C GLY B 630 -62.93 -28.74 15.37
N SER B 631 -63.81 -28.58 16.35
CA SER B 631 -64.96 -27.68 16.23
C SER B 631 -64.64 -26.28 16.70
N GLY B 632 -63.36 -25.98 16.96
CA GLY B 632 -63.00 -24.64 17.38
C GLY B 632 -63.38 -24.35 18.83
N ALA B 633 -63.36 -23.06 19.15
CA ALA B 633 -63.74 -22.54 20.46
C ALA B 633 -64.21 -21.12 20.24
N ILE B 634 -65.33 -20.75 20.88
CA ILE B 634 -65.81 -19.39 20.70
C ILE B 634 -64.81 -18.41 21.34
N MET B 635 -64.67 -17.24 20.72
CA MET B 635 -63.63 -16.30 21.08
C MET B 635 -64.02 -15.50 22.30
N MET B 636 -63.13 -15.47 23.30
CA MET B 636 -63.41 -14.76 24.54
C MET B 636 -63.29 -13.25 24.36
N GLU B 637 -64.02 -12.52 25.20
CA GLU B 637 -63.89 -11.09 25.34
C GLU B 637 -63.12 -10.78 26.63
N ASN B 638 -62.48 -9.62 26.66
CA ASN B 638 -61.97 -9.09 27.93
C ASN B 638 -63.14 -8.37 28.57
N LEU B 639 -63.86 -9.09 29.44
CA LEU B 639 -64.99 -8.47 30.13
C LEU B 639 -64.57 -7.40 31.11
N ALA B 640 -63.31 -7.44 31.56
CA ALA B 640 -62.84 -6.43 32.49
C ALA B 640 -62.61 -5.11 31.79
N LYS B 641 -62.76 -5.03 30.49
CA LYS B 641 -62.38 -3.77 29.90
C LYS B 641 -63.41 -2.71 30.16
N GLY B 642 -62.94 -1.56 30.63
CA GLY B 642 -63.75 -0.45 31.06
C GLY B 642 -64.43 -0.72 32.38
N ALA B 643 -63.86 -1.59 33.19
CA ALA B 643 -64.43 -1.89 34.49
C ALA B 643 -64.30 -0.67 35.40
N LYS B 644 -65.38 -0.33 36.09
CA LYS B 644 -65.34 0.77 37.06
C LYS B 644 -64.56 0.35 38.29
N VAL B 645 -63.58 1.16 38.68
CA VAL B 645 -62.92 0.98 39.98
C VAL B 645 -63.84 1.51 41.07
N ILE B 646 -64.09 0.68 42.09
CA ILE B 646 -64.95 1.11 43.20
C ILE B 646 -64.17 1.28 44.49
N GLY B 647 -62.87 0.99 44.49
CA GLY B 647 -62.05 1.18 45.66
C GLY B 647 -60.65 0.66 45.43
N THR B 648 -59.66 1.34 45.98
CA THR B 648 -58.29 0.85 45.83
C THR B 648 -57.44 1.44 46.95
N SER B 649 -56.44 0.68 47.37
CA SER B 649 -55.45 1.21 48.31
C SER B 649 -54.48 2.18 47.65
N GLY B 650 -54.59 2.39 46.35
CA GLY B 650 -53.73 3.33 45.68
C GLY B 650 -54.46 4.60 45.27
N ASP B 651 -54.00 5.23 44.20
CA ASP B 651 -54.64 6.43 43.69
C ASP B 651 -55.70 6.00 42.70
N PHE B 652 -56.88 6.59 42.84
CA PHE B 652 -58.05 6.13 42.11
C PHE B 652 -57.87 6.17 40.59
N GLU B 653 -57.16 7.16 40.05
CA GLU B 653 -57.19 7.29 38.60
C GLU B 653 -56.02 6.62 37.88
N GLN B 654 -54.94 6.28 38.57
CA GLN B 654 -54.03 5.32 37.95
C GLN B 654 -54.61 3.93 37.98
N ALA B 655 -55.54 3.65 38.91
CA ALA B 655 -56.11 2.32 39.01
C ALA B 655 -56.97 2.01 37.78
N LYS B 656 -57.67 3.03 37.27
CA LYS B 656 -58.51 2.85 36.10
C LYS B 656 -57.73 2.43 34.88
N LYS B 657 -56.43 2.67 34.87
CA LYS B 657 -55.64 2.41 33.67
C LYS B 657 -55.31 0.95 33.48
N ILE B 658 -55.57 0.11 34.49
CA ILE B 658 -55.39 -1.33 34.32
C ILE B 658 -56.51 -1.94 33.49
N PHE B 659 -57.53 -1.15 33.16
CA PHE B 659 -58.70 -1.66 32.46
C PHE B 659 -58.97 -0.95 31.13
N ASP B 660 -58.03 -0.16 30.59
CA ASP B 660 -58.16 0.27 29.21
C ASP B 660 -57.60 -0.85 28.35
N GLY B 661 -57.08 -0.56 27.17
CA GLY B 661 -56.59 -1.65 26.38
C GLY B 661 -55.09 -1.82 26.34
N GLU B 662 -54.35 -0.94 26.99
CA GLU B 662 -52.96 -0.67 26.67
C GLU B 662 -51.99 -1.18 27.74
N LYS B 663 -50.71 -1.17 27.40
CA LYS B 663 -49.63 -1.42 28.34
C LYS B 663 -48.76 -0.17 28.49
N SER B 664 -49.33 1.00 28.28
CA SER B 664 -48.60 2.26 28.36
C SER B 664 -48.82 2.96 29.70
N ASP B 665 -48.82 2.21 30.80
CA ASP B 665 -49.16 2.75 32.11
C ASP B 665 -48.68 1.75 33.15
N ARG B 666 -48.71 2.18 34.41
CA ARG B 666 -48.31 1.30 35.49
C ARG B 666 -49.06 1.69 36.74
N PHE B 667 -49.46 0.69 37.51
CA PHE B 667 -50.09 0.88 38.79
C PHE B 667 -49.16 0.30 39.84
N PHE B 668 -48.75 1.14 40.77
CA PHE B 668 -47.99 0.67 41.91
C PHE B 668 -48.37 1.59 43.06
N THR B 669 -48.12 1.11 44.26
CA THR B 669 -48.26 1.94 45.45
C THR B 669 -46.93 1.94 46.17
N TRP B 670 -46.86 2.78 47.18
CA TRP B 670 -45.73 2.68 48.08
C TRP B 670 -45.93 1.35 48.79
N GLY B 671 -45.02 0.42 48.63
CA GLY B 671 -45.17 -0.80 49.38
C GLY B 671 -45.12 -2.02 48.50
N GLN B 672 -45.18 -3.16 49.17
CA GLN B 672 -45.11 -4.44 48.50
C GLN B 672 -46.51 -4.99 48.24
N THR B 673 -47.57 -4.30 48.69
CA THR B 673 -48.92 -4.83 48.55
C THR B 673 -49.89 -3.71 48.23
N ASN B 674 -50.92 -4.05 47.45
CA ASN B 674 -52.01 -3.12 47.16
C ASN B 674 -53.20 -3.93 46.65
N TRP B 675 -54.32 -3.25 46.43
CA TRP B 675 -55.51 -3.92 45.92
C TRP B 675 -56.35 -2.93 45.11
N ILE B 676 -57.03 -3.46 44.09
CA ILE B 676 -58.05 -2.74 43.33
C ILE B 676 -59.33 -3.56 43.34
N ALA B 677 -60.46 -2.90 43.60
CA ALA B 677 -61.77 -3.52 43.55
C ALA B 677 -62.55 -2.89 42.39
N PHE B 678 -63.08 -3.71 41.50
CA PHE B 678 -63.70 -3.20 40.28
C PHE B 678 -65.04 -3.88 40.02
N ASP B 679 -65.84 -3.20 39.19
CA ASP B 679 -67.23 -3.54 38.93
C ASP B 679 -67.42 -3.79 37.45
N LEU B 680 -67.58 -5.06 37.07
CA LEU B 680 -67.82 -5.41 35.68
C LEU B 680 -69.18 -4.95 35.17
N GLY B 681 -69.98 -4.25 35.98
CA GLY B 681 -71.25 -3.72 35.51
C GLY B 681 -72.34 -4.76 35.37
N GLU B 682 -72.21 -5.63 34.37
CA GLU B 682 -73.13 -6.72 34.13
C GLU B 682 -72.66 -7.97 34.86
N ILE B 683 -73.29 -9.10 34.54
CA ILE B 683 -72.98 -10.41 35.12
C ILE B 683 -72.82 -11.40 33.98
N ASN B 684 -71.58 -11.74 33.66
CA ASN B 684 -71.37 -12.74 32.62
C ASN B 684 -70.42 -13.78 33.18
N LEU B 685 -69.96 -14.68 32.31
CA LEU B 685 -69.11 -15.80 32.68
C LEU B 685 -67.65 -15.64 32.33
N ALA B 686 -66.81 -15.83 33.34
CA ALA B 686 -65.37 -15.67 33.24
C ALA B 686 -64.74 -17.04 33.28
N LYS B 687 -63.88 -17.33 32.33
CA LYS B 687 -63.14 -18.59 32.35
C LYS B 687 -61.64 -18.42 32.50
N GLU B 688 -61.05 -17.31 32.02
CA GLU B 688 -59.63 -17.08 32.26
C GLU B 688 -59.40 -15.62 32.66
N TRP B 689 -58.19 -15.38 33.14
CA TRP B 689 -57.70 -14.06 33.46
C TRP B 689 -56.25 -13.98 33.02
N ARG B 690 -55.81 -12.76 32.69
CA ARG B 690 -54.44 -12.52 32.26
C ARG B 690 -53.93 -11.25 32.93
N LEU B 691 -52.71 -11.34 33.47
CA LEU B 691 -52.03 -10.19 34.04
C LEU B 691 -50.82 -9.83 33.18
N PHE B 692 -50.71 -8.55 32.85
CA PHE B 692 -49.55 -8.00 32.16
C PHE B 692 -48.66 -7.34 33.21
N ASN B 693 -47.46 -7.89 33.42
CA ASN B 693 -46.63 -7.47 34.54
C ASN B 693 -45.94 -6.13 34.24
N ALA B 694 -45.06 -5.72 35.17
CA ALA B 694 -44.39 -4.43 35.06
C ALA B 694 -43.57 -4.31 33.77
N GLU B 695 -42.86 -5.38 33.39
CA GLU B 695 -41.92 -5.24 32.27
C GLU B 695 -42.61 -5.16 30.91
N THR B 696 -43.92 -5.35 30.82
CA THR B 696 -44.65 -5.16 29.58
C THR B 696 -45.04 -3.69 29.32
N ASN B 697 -44.58 -2.75 30.14
CA ASN B 697 -44.87 -1.34 29.94
C ASN B 697 -44.25 -0.85 28.61
N THR B 698 -45.07 -0.28 27.73
CA THR B 698 -44.60 0.16 26.42
C THR B 698 -44.21 1.64 26.39
N GLU B 699 -44.38 2.36 27.50
CA GLU B 699 -44.03 3.76 27.63
C GLU B 699 -42.76 4.00 28.44
N ILE B 700 -42.29 3.01 29.20
CA ILE B 700 -41.10 3.11 30.03
C ILE B 700 -40.43 1.75 30.00
N LYS B 701 -39.17 1.69 29.60
CA LYS B 701 -38.45 0.42 29.62
C LYS B 701 -38.23 -0.02 31.07
N THR B 702 -38.93 -1.07 31.49
CA THR B 702 -39.01 -1.45 32.89
C THR B 702 -38.44 -2.85 33.11
N ASP B 703 -37.59 -3.00 34.10
CA ASP B 703 -37.07 -4.33 34.31
C ASP B 703 -37.99 -5.17 35.21
N SER B 704 -37.80 -6.50 35.11
CA SER B 704 -38.68 -7.47 35.75
C SER B 704 -38.56 -7.45 37.28
N SER B 705 -37.44 -6.99 37.82
CA SER B 705 -37.33 -6.79 39.26
C SER B 705 -38.36 -5.82 39.80
N LEU B 706 -39.18 -5.23 38.92
CA LEU B 706 -40.34 -4.47 39.34
C LEU B 706 -41.63 -5.23 39.14
N ASN B 707 -41.55 -6.52 38.85
CA ASN B 707 -42.73 -7.32 38.54
C ASN B 707 -43.46 -7.73 39.81
N VAL B 708 -44.79 -7.77 39.73
CA VAL B 708 -45.58 -8.48 40.72
C VAL B 708 -45.09 -9.91 40.79
N ALA B 709 -44.89 -10.43 42.00
CA ALA B 709 -44.47 -11.83 42.11
C ALA B 709 -45.48 -12.75 42.78
N LYS B 710 -46.42 -12.21 43.58
CA LYS B 710 -47.47 -12.96 44.23
C LYS B 710 -48.75 -12.13 44.21
N GLY B 711 -49.89 -12.79 44.03
CA GLY B 711 -51.13 -12.05 44.01
C GLY B 711 -52.30 -13.00 44.06
N ARG B 712 -53.49 -12.43 44.21
CA ARG B 712 -54.72 -13.20 44.33
C ARG B 712 -55.83 -12.42 43.66
N LEU B 713 -56.53 -13.10 42.75
CA LEU B 713 -57.72 -12.53 42.11
C LEU B 713 -58.94 -13.10 42.83
N GLN B 714 -59.88 -12.23 43.17
CA GLN B 714 -60.97 -12.61 44.06
C GLN B 714 -62.28 -11.98 43.60
N ILE B 715 -63.38 -12.56 44.12
CA ILE B 715 -64.75 -12.15 43.86
C ILE B 715 -65.42 -11.77 45.18
N LEU B 716 -66.36 -10.83 45.10
CA LEU B 716 -67.15 -10.44 46.26
C LEU B 716 -68.05 -11.60 46.70
N LYS B 717 -67.98 -11.97 47.98
CA LYS B 717 -68.74 -13.14 48.42
C LYS B 717 -70.21 -12.80 48.63
N ASP B 718 -70.54 -11.59 49.07
CA ASP B 718 -71.92 -11.25 49.34
C ASP B 718 -72.51 -10.68 48.05
N THR B 719 -73.49 -11.39 47.49
CA THR B 719 -74.06 -11.02 46.20
C THR B 719 -75.14 -9.97 46.34
N THR B 720 -75.85 -9.98 47.47
CA THR B 720 -76.95 -9.05 47.73
C THR B 720 -76.51 -7.95 48.70
N ILE B 721 -75.44 -7.24 48.36
CA ILE B 721 -74.94 -6.16 49.22
C ILE B 721 -75.11 -4.87 48.43
N ASP B 722 -75.74 -3.88 49.04
CA ASP B 722 -76.05 -2.62 48.37
C ASP B 722 -74.85 -1.72 48.65
N LEU B 723 -73.93 -1.65 47.67
CA LEU B 723 -72.65 -1.01 47.86
C LEU B 723 -72.72 0.50 47.85
N GLU B 724 -73.71 1.07 47.18
CA GLU B 724 -73.83 2.51 47.20
C GLU B 724 -74.58 3.00 48.42
N LYS B 725 -75.06 2.12 49.31
CA LYS B 725 -75.68 2.69 50.50
C LYS B 725 -74.66 3.14 51.53
N MET B 726 -73.43 2.63 51.45
CA MET B 726 -72.43 2.94 52.47
C MET B 726 -71.85 4.33 52.22
N ASP B 727 -71.11 4.82 53.20
CA ASP B 727 -70.37 6.06 53.02
C ASP B 727 -69.05 5.77 52.32
N ILE B 728 -68.37 6.82 51.89
CA ILE B 728 -67.08 6.63 51.23
C ILE B 728 -66.11 5.93 52.18
N LYS B 729 -66.03 6.44 53.41
CA LYS B 729 -65.08 5.90 54.37
C LYS B 729 -65.42 4.45 54.71
N ASN B 730 -66.69 4.17 55.02
CA ASN B 730 -67.09 2.82 55.40
C ASN B 730 -66.92 1.85 54.23
N ARG B 731 -67.39 2.23 53.04
CA ARG B 731 -67.28 1.37 51.86
C ARG B 731 -65.83 1.03 51.54
N LYS B 732 -64.92 1.99 51.68
CA LYS B 732 -63.51 1.69 51.43
C LYS B 732 -63.00 0.59 52.34
N GLU B 733 -63.33 0.64 53.64
CA GLU B 733 -62.80 -0.39 54.52
C GLU B 733 -63.56 -1.70 54.36
N TYR B 734 -64.80 -1.66 53.88
CA TYR B 734 -65.44 -2.90 53.47
C TYR B 734 -64.64 -3.57 52.35
N LEU B 735 -64.33 -2.82 51.29
CA LEU B 735 -63.62 -3.40 50.14
C LEU B 735 -62.20 -3.82 50.49
N SER B 736 -61.58 -3.19 51.48
CA SER B 736 -60.24 -3.61 51.87
C SER B 736 -60.24 -4.83 52.79
N ASN B 737 -61.38 -5.19 53.39
CA ASN B 737 -61.40 -6.28 54.39
C ASN B 737 -61.43 -7.62 53.68
N ASP B 738 -60.40 -8.42 53.97
CA ASP B 738 -60.17 -9.66 53.23
C ASP B 738 -61.29 -10.67 53.48
N GLU B 739 -61.96 -10.59 54.64
CA GLU B 739 -63.06 -11.50 54.96
C GLU B 739 -64.26 -11.37 54.02
N ASN B 740 -64.37 -10.27 53.27
CA ASN B 740 -65.44 -10.13 52.30
C ASN B 740 -65.08 -10.72 50.94
N TRP B 741 -63.98 -11.47 50.84
CA TRP B 741 -63.44 -11.90 49.55
C TRP B 741 -63.14 -13.40 49.52
N THR B 742 -63.53 -14.03 48.40
CA THR B 742 -63.19 -15.43 48.08
C THR B 742 -62.22 -15.47 46.92
N ASP B 743 -61.15 -16.26 47.07
CA ASP B 743 -60.17 -16.45 45.99
C ASP B 743 -60.75 -17.27 44.85
N VAL B 744 -60.48 -16.83 43.62
CA VAL B 744 -60.85 -17.57 42.42
C VAL B 744 -59.64 -17.92 41.57
N ALA B 745 -58.49 -17.31 41.83
CA ALA B 745 -57.27 -17.63 41.12
C ALA B 745 -56.06 -17.17 41.92
N GLN B 746 -55.02 -17.99 41.91
CA GLN B 746 -53.75 -17.66 42.53
C GLN B 746 -52.74 -17.26 41.47
N MET B 747 -51.71 -16.55 41.93
CA MET B 747 -50.55 -16.19 41.11
C MET B 747 -49.32 -16.31 42.00
N ASP B 748 -48.44 -17.24 41.68
CA ASP B 748 -47.23 -17.47 42.47
C ASP B 748 -46.02 -17.57 41.55
N ASP B 749 -46.00 -16.76 40.51
CA ASP B 749 -44.83 -16.71 39.63
C ASP B 749 -44.84 -15.34 38.96
N ALA B 750 -43.66 -14.74 38.90
CA ALA B 750 -43.51 -13.39 38.35
C ALA B 750 -43.28 -13.43 36.83
N LYS B 751 -44.18 -14.12 36.13
CA LYS B 751 -44.15 -14.10 34.68
C LYS B 751 -44.34 -12.68 34.16
N ALA B 752 -43.83 -12.44 32.95
CA ALA B 752 -44.11 -11.17 32.29
C ALA B 752 -45.58 -11.04 31.95
N ILE B 753 -46.21 -12.13 31.52
CA ILE B 753 -47.65 -12.20 31.34
C ILE B 753 -48.12 -13.46 32.05
N PHE B 754 -49.13 -13.32 32.92
CA PHE B 754 -49.61 -14.43 33.74
C PHE B 754 -51.06 -14.69 33.40
N ASN B 755 -51.37 -15.94 33.14
CA ASN B 755 -52.67 -16.36 32.67
C ASN B 755 -53.00 -17.70 33.31
N SER B 756 -54.27 -17.87 33.67
CA SER B 756 -54.78 -19.14 34.15
C SER B 756 -56.29 -19.09 34.01
N LYS B 757 -56.92 -20.24 34.26
CA LYS B 757 -58.35 -20.40 34.02
C LYS B 757 -59.11 -20.27 35.35
N LEU B 758 -60.35 -19.80 35.25
CA LEU B 758 -61.26 -19.67 36.37
C LEU B 758 -62.38 -20.71 36.24
N SER B 759 -62.79 -21.27 37.38
CA SER B 759 -63.80 -22.32 37.40
C SER B 759 -65.19 -21.72 37.22
N ASN B 760 -65.42 -21.22 36.00
CA ASN B 760 -66.69 -20.68 35.54
C ASN B 760 -67.35 -19.78 36.58
N VAL B 761 -66.67 -18.68 36.88
CA VAL B 761 -67.14 -17.73 37.87
C VAL B 761 -68.13 -16.78 37.24
N LEU B 762 -69.29 -16.62 37.86
CA LEU B 762 -70.25 -15.62 37.41
C LEU B 762 -70.25 -14.55 38.50
N SER B 763 -69.55 -13.45 38.25
CA SER B 763 -69.40 -12.43 39.29
C SER B 763 -69.38 -11.03 38.69
N ARG B 764 -70.05 -10.13 39.38
CA ARG B 764 -70.08 -8.70 39.08
C ARG B 764 -68.96 -7.91 39.74
N TYR B 765 -68.54 -8.30 40.93
CA TYR B 765 -67.59 -7.55 41.72
C TYR B 765 -66.33 -8.38 41.90
N TRP B 766 -65.18 -7.76 41.72
CA TRP B 766 -63.92 -8.46 41.74
C TRP B 766 -62.90 -7.64 42.48
N ARG B 767 -61.83 -8.30 42.90
CA ARG B 767 -60.72 -7.56 43.47
C ARG B 767 -59.44 -8.31 43.19
N PHE B 768 -58.42 -7.57 42.76
CA PHE B 768 -57.08 -8.14 42.59
C PHE B 768 -56.16 -7.54 43.65
N CYS B 769 -55.38 -8.40 44.30
CA CYS B 769 -54.48 -8.02 45.38
C CYS B 769 -53.06 -8.39 45.01
N VAL B 770 -52.17 -7.41 44.95
CA VAL B 770 -50.74 -7.69 44.82
C VAL B 770 -50.20 -7.99 46.22
N ASP B 771 -49.56 -9.15 46.38
CA ASP B 771 -49.09 -9.60 47.70
C ASP B 771 -47.58 -9.49 47.86
N GLY B 772 -46.84 -9.26 46.80
CA GLY B 772 -45.40 -9.16 46.91
C GLY B 772 -44.80 -8.94 45.54
N GLY B 773 -43.54 -8.51 45.55
CA GLY B 773 -42.83 -8.19 44.33
C GLY B 773 -41.64 -9.10 44.12
N ALA B 774 -41.05 -8.99 42.92
CA ALA B 774 -39.85 -9.75 42.56
C ALA B 774 -38.60 -9.25 43.26
N SER B 775 -38.60 -8.02 43.78
CA SER B 775 -37.44 -7.49 44.50
C SER B 775 -37.94 -6.64 45.66
N SER B 776 -37.02 -5.88 46.26
CA SER B 776 -37.45 -4.93 47.26
C SER B 776 -38.18 -3.72 46.66
N TYR B 777 -38.02 -3.46 45.35
CA TYR B 777 -38.70 -2.33 44.73
C TYR B 777 -40.20 -2.52 44.74
N TYR B 778 -40.93 -1.43 44.63
CA TYR B 778 -42.38 -1.45 44.67
C TYR B 778 -42.93 -2.13 43.44
N PRO B 779 -43.69 -3.22 43.58
CA PRO B 779 -44.19 -3.94 42.39
C PRO B 779 -45.28 -3.15 41.65
N GLN B 780 -45.22 -3.21 40.33
CA GLN B 780 -46.15 -2.54 39.44
C GLN B 780 -46.61 -3.52 38.35
N TYR B 781 -47.74 -3.20 37.73
CA TYR B 781 -48.23 -3.97 36.60
C TYR B 781 -49.07 -3.07 35.70
N THR B 782 -49.28 -3.51 34.46
CA THR B 782 -49.83 -2.63 33.44
C THR B 782 -51.27 -2.92 33.05
N GLU B 783 -51.74 -4.16 33.13
CA GLU B 783 -53.07 -4.45 32.62
C GLU B 783 -53.57 -5.78 33.16
N LEU B 784 -54.90 -5.88 33.29
CA LEU B 784 -55.58 -7.04 33.84
C LEU B 784 -56.80 -7.33 32.97
N GLN B 785 -57.00 -8.59 32.59
CA GLN B 785 -58.17 -8.93 31.79
C GLN B 785 -58.90 -10.15 32.36
N ILE B 786 -60.23 -10.08 32.31
CA ILE B 786 -61.14 -11.16 32.72
C ILE B 786 -61.84 -11.65 31.46
N LEU B 787 -61.53 -12.90 31.04
CA LEU B 787 -61.82 -13.42 29.69
C LEU B 787 -62.89 -14.50 29.73
N GLY B 788 -64.00 -14.25 29.04
CA GLY B 788 -65.06 -15.23 28.95
C GLY B 788 -66.14 -14.74 28.01
N GLN B 789 -67.38 -15.24 28.23
CA GLN B 789 -68.46 -14.91 27.31
C GLN B 789 -69.68 -14.20 27.81
N ARG B 790 -70.32 -13.64 26.79
CA ARG B 790 -71.49 -12.77 26.84
C ARG B 790 -71.13 -11.48 27.55
#